data_1DP8
# 
_entry.id   1DP8 
# 
_audit_conform.dict_name       mmcif_pdbx.dic 
_audit_conform.dict_version    5.385 
_audit_conform.dict_location   http://mmcif.pdb.org/dictionaries/ascii/mmcif_pdbx.dic 
# 
loop_
_database_2.database_id 
_database_2.database_code 
_database_2.pdbx_database_accession 
_database_2.pdbx_DOI 
PDB   1DP8         pdb_00001dp8 10.2210/pdb1dp8/pdb 
RCSB  RCSB010264   ?            ?                   
WWPDB D_1000010264 ?            ?                   
# 
loop_
_pdbx_audit_revision_history.ordinal 
_pdbx_audit_revision_history.data_content_type 
_pdbx_audit_revision_history.major_revision 
_pdbx_audit_revision_history.minor_revision 
_pdbx_audit_revision_history.revision_date 
1 'Structure model' 1 0 2000-12-24 
2 'Structure model' 1 1 2008-04-27 
3 'Structure model' 1 2 2011-07-13 
4 'Structure model' 1 3 2018-01-31 
5 'Structure model' 1 4 2024-02-07 
# 
_pdbx_audit_revision_details.ordinal             1 
_pdbx_audit_revision_details.revision_ordinal    1 
_pdbx_audit_revision_details.data_content_type   'Structure model' 
_pdbx_audit_revision_details.provider            repository 
_pdbx_audit_revision_details.type                'Initial release' 
_pdbx_audit_revision_details.description         ? 
_pdbx_audit_revision_details.details             ? 
# 
loop_
_pdbx_audit_revision_group.ordinal 
_pdbx_audit_revision_group.revision_ordinal 
_pdbx_audit_revision_group.data_content_type 
_pdbx_audit_revision_group.group 
1 2 'Structure model' 'Version format compliance' 
2 3 'Structure model' 'Version format compliance' 
3 4 'Structure model' 'Database references'       
4 5 'Structure model' 'Data collection'           
5 5 'Structure model' 'Database references'       
6 5 'Structure model' 'Derived calculations'      
# 
loop_
_pdbx_audit_revision_category.ordinal 
_pdbx_audit_revision_category.revision_ordinal 
_pdbx_audit_revision_category.data_content_type 
_pdbx_audit_revision_category.category 
1 4 'Structure model' citation_author        
2 5 'Structure model' chem_comp_atom         
3 5 'Structure model' chem_comp_bond         
4 5 'Structure model' database_2             
5 5 'Structure model' pdbx_struct_conn_angle 
6 5 'Structure model' struct_conn            
7 5 'Structure model' struct_ref_seq_dif     
8 5 'Structure model' struct_site            
# 
loop_
_pdbx_audit_revision_item.ordinal 
_pdbx_audit_revision_item.revision_ordinal 
_pdbx_audit_revision_item.data_content_type 
_pdbx_audit_revision_item.item 
1  4 'Structure model' '_citation_author.name'                       
2  5 'Structure model' '_database_2.pdbx_DOI'                        
3  5 'Structure model' '_database_2.pdbx_database_accession'         
4  5 'Structure model' '_pdbx_struct_conn_angle.ptnr1_auth_comp_id'  
5  5 'Structure model' '_pdbx_struct_conn_angle.ptnr1_auth_seq_id'   
6  5 'Structure model' '_pdbx_struct_conn_angle.ptnr1_label_asym_id' 
7  5 'Structure model' '_pdbx_struct_conn_angle.ptnr1_label_atom_id' 
8  5 'Structure model' '_pdbx_struct_conn_angle.ptnr1_label_comp_id' 
9  5 'Structure model' '_pdbx_struct_conn_angle.ptnr1_label_seq_id'  
10 5 'Structure model' '_pdbx_struct_conn_angle.ptnr3_auth_comp_id'  
11 5 'Structure model' '_pdbx_struct_conn_angle.ptnr3_auth_seq_id'   
12 5 'Structure model' '_pdbx_struct_conn_angle.ptnr3_label_asym_id' 
13 5 'Structure model' '_pdbx_struct_conn_angle.ptnr3_label_atom_id' 
14 5 'Structure model' '_pdbx_struct_conn_angle.ptnr3_label_comp_id' 
15 5 'Structure model' '_pdbx_struct_conn_angle.ptnr3_label_seq_id'  
16 5 'Structure model' '_pdbx_struct_conn_angle.value'               
17 5 'Structure model' '_struct_conn.pdbx_dist_value'                
18 5 'Structure model' '_struct_conn.ptnr1_auth_comp_id'             
19 5 'Structure model' '_struct_conn.ptnr1_auth_seq_id'              
20 5 'Structure model' '_struct_conn.ptnr1_label_asym_id'            
21 5 'Structure model' '_struct_conn.ptnr1_label_atom_id'            
22 5 'Structure model' '_struct_conn.ptnr1_label_comp_id'            
23 5 'Structure model' '_struct_conn.ptnr1_label_seq_id'             
24 5 'Structure model' '_struct_conn.ptnr2_auth_comp_id'             
25 5 'Structure model' '_struct_conn.ptnr2_auth_seq_id'              
26 5 'Structure model' '_struct_conn.ptnr2_label_asym_id'            
27 5 'Structure model' '_struct_conn.ptnr2_label_atom_id'            
28 5 'Structure model' '_struct_conn.ptnr2_label_comp_id'            
29 5 'Structure model' '_struct_ref_seq_dif.details'                 
30 5 'Structure model' '_struct_site.pdbx_auth_asym_id'              
31 5 'Structure model' '_struct_site.pdbx_auth_comp_id'              
32 5 'Structure model' '_struct_site.pdbx_auth_seq_id'               
# 
_pdbx_database_status.status_code                     REL 
_pdbx_database_status.entry_id                        1DP8 
_pdbx_database_status.recvd_initial_deposition_date   1999-12-24 
_pdbx_database_status.deposit_site                    RCSB 
_pdbx_database_status.process_site                    RCSB 
_pdbx_database_status.SG_entry                        . 
_pdbx_database_status.pdb_format_compatible           Y 
_pdbx_database_status.status_code_mr                  ? 
_pdbx_database_status.status_code_sf                  ? 
_pdbx_database_status.status_code_cs                  ? 
_pdbx_database_status.methods_development_category    ? 
_pdbx_database_status.status_code_nmr_data            ? 
# 
loop_
_pdbx_database_related.db_name 
_pdbx_database_related.db_id 
_pdbx_database_related.details 
_pdbx_database_related.content_type 
PDB 1BV6 'Crystal structure of the ligand free BjFixL heme domain'    unspecified 
PDB 1BV5 'Crystal structure of the cyanide bound BjFixL heme domain'  unspecified 
PDB 1DP6 'Crystal structure of the dioxygen bound BjFixL heme domain' unspecified 
# 
loop_
_audit_author.name 
_audit_author.pdbx_ordinal 
'Gong, W.'   1 
'Hao, B.'    2 
'Chan, M.K.' 3 
# 
loop_
_citation.id 
_citation.title 
_citation.journal_abbrev 
_citation.journal_volume 
_citation.page_first 
_citation.page_last 
_citation.year 
_citation.journal_id_ASTM 
_citation.country 
_citation.journal_id_ISSN 
_citation.journal_id_CSD 
_citation.book_publisher 
_citation.pdbx_database_id_PubMed 
_citation.pdbx_database_id_DOI 
primary 'New mechanistic insights from structural studies of the oxygen-sensing domain of Bradyrhizobium japonicum FixL.' 
Biochemistry           39 3955  3962  2000 BICHAW US 0006-2960 0033 ? 10747783 10.1021/bi992346w        
1       'Structure of a Biological Oxygen Sensor: a New Mechanism for Heme-driven Signal Transduction'                    
Proc.Natl.Acad.Sci.USA 95 15177 15182 1998 PNASA6 US 0027-8424 0040 ? ?        10.1073/pnas.95.26.15177 
# 
loop_
_citation_author.citation_id 
_citation_author.name 
_citation_author.ordinal 
_citation_author.identifier_ORCID 
primary 'Gong, W.'              1 ? 
primary 'Hao, B.'               2 ? 
primary 'Chan, M.K.'            3 ? 
1       'Gong, W.'              4 ? 
1       'Hao, B.'               5 ? 
1       'Mansy, S.S.'           6 ? 
1       'Gonzalez, G.'          7 ? 
1       'Gilles-Gonzalez, M.A.' 8 ? 
1       'Chan, M.K.'            9 ? 
# 
loop_
_entity.id 
_entity.type 
_entity.src_method 
_entity.pdbx_description 
_entity.formula_weight 
_entity.pdbx_number_of_molecules 
_entity.pdbx_ec 
_entity.pdbx_mutation 
_entity.pdbx_fragment 
_entity.details 
1 polymer     man 'FIXL PROTEIN'                    14919.858 1  ? ? 'HEME DOMAIN' ? 
2 non-polymer syn 'NITRIC OXIDE'                    30.006    1  ? ? ?             ? 
3 non-polymer syn 'PROTOPORPHYRIN IX CONTAINING FE' 616.487   1  ? ? ?             ? 
4 water       nat water                             18.015    81 ? ? ?             ? 
# 
_entity_poly.entity_id                      1 
_entity_poly.type                           'polypeptide(L)' 
_entity_poly.nstd_linkage                   no 
_entity_poly.nstd_monomer                   no 
_entity_poly.pdbx_seq_one_letter_code       
;MRETHLRSILHTIPDAMIVIDGHGIIQLFSTAAERLFGWSELEAIGQNVNILMPEPDRSRHDSYISRYRTTSDPHIIGIG
RIVTGKRRDGTTFPMHLSIGEMQSGGEPYFTGFVRDLTEHQQTQARLQELQ
;
_entity_poly.pdbx_seq_one_letter_code_can   
;MRETHLRSILHTIPDAMIVIDGHGIIQLFSTAAERLFGWSELEAIGQNVNILMPEPDRSRHDSYISRYRTTSDPHIIGIG
RIVTGKRRDGTTFPMHLSIGEMQSGGEPYFTGFVRDLTEHQQTQARLQELQ
;
_entity_poly.pdbx_strand_id                 A 
_entity_poly.pdbx_target_identifier         ? 
# 
loop_
_pdbx_entity_nonpoly.entity_id 
_pdbx_entity_nonpoly.name 
_pdbx_entity_nonpoly.comp_id 
2 'NITRIC OXIDE'                    NO  
3 'PROTOPORPHYRIN IX CONTAINING FE' HEM 
4 water                             HOH 
# 
loop_
_entity_poly_seq.entity_id 
_entity_poly_seq.num 
_entity_poly_seq.mon_id 
_entity_poly_seq.hetero 
1 1   MET n 
1 2   ARG n 
1 3   GLU n 
1 4   THR n 
1 5   HIS n 
1 6   LEU n 
1 7   ARG n 
1 8   SER n 
1 9   ILE n 
1 10  LEU n 
1 11  HIS n 
1 12  THR n 
1 13  ILE n 
1 14  PRO n 
1 15  ASP n 
1 16  ALA n 
1 17  MET n 
1 18  ILE n 
1 19  VAL n 
1 20  ILE n 
1 21  ASP n 
1 22  GLY n 
1 23  HIS n 
1 24  GLY n 
1 25  ILE n 
1 26  ILE n 
1 27  GLN n 
1 28  LEU n 
1 29  PHE n 
1 30  SER n 
1 31  THR n 
1 32  ALA n 
1 33  ALA n 
1 34  GLU n 
1 35  ARG n 
1 36  LEU n 
1 37  PHE n 
1 38  GLY n 
1 39  TRP n 
1 40  SER n 
1 41  GLU n 
1 42  LEU n 
1 43  GLU n 
1 44  ALA n 
1 45  ILE n 
1 46  GLY n 
1 47  GLN n 
1 48  ASN n 
1 49  VAL n 
1 50  ASN n 
1 51  ILE n 
1 52  LEU n 
1 53  MET n 
1 54  PRO n 
1 55  GLU n 
1 56  PRO n 
1 57  ASP n 
1 58  ARG n 
1 59  SER n 
1 60  ARG n 
1 61  HIS n 
1 62  ASP n 
1 63  SER n 
1 64  TYR n 
1 65  ILE n 
1 66  SER n 
1 67  ARG n 
1 68  TYR n 
1 69  ARG n 
1 70  THR n 
1 71  THR n 
1 72  SER n 
1 73  ASP n 
1 74  PRO n 
1 75  HIS n 
1 76  ILE n 
1 77  ILE n 
1 78  GLY n 
1 79  ILE n 
1 80  GLY n 
1 81  ARG n 
1 82  ILE n 
1 83  VAL n 
1 84  THR n 
1 85  GLY n 
1 86  LYS n 
1 87  ARG n 
1 88  ARG n 
1 89  ASP n 
1 90  GLY n 
1 91  THR n 
1 92  THR n 
1 93  PHE n 
1 94  PRO n 
1 95  MET n 
1 96  HIS n 
1 97  LEU n 
1 98  SER n 
1 99  ILE n 
1 100 GLY n 
1 101 GLU n 
1 102 MET n 
1 103 GLN n 
1 104 SER n 
1 105 GLY n 
1 106 GLY n 
1 107 GLU n 
1 108 PRO n 
1 109 TYR n 
1 110 PHE n 
1 111 THR n 
1 112 GLY n 
1 113 PHE n 
1 114 VAL n 
1 115 ARG n 
1 116 ASP n 
1 117 LEU n 
1 118 THR n 
1 119 GLU n 
1 120 HIS n 
1 121 GLN n 
1 122 GLN n 
1 123 THR n 
1 124 GLN n 
1 125 ALA n 
1 126 ARG n 
1 127 LEU n 
1 128 GLN n 
1 129 GLU n 
1 130 LEU n 
1 131 GLN n 
# 
_entity_src_gen.entity_id                          1 
_entity_src_gen.pdbx_src_id                        1 
_entity_src_gen.pdbx_alt_source_flag               sample 
_entity_src_gen.pdbx_seq_type                      ? 
_entity_src_gen.pdbx_beg_seq_num                   ? 
_entity_src_gen.pdbx_end_seq_num                   ? 
_entity_src_gen.gene_src_common_name               ? 
_entity_src_gen.gene_src_genus                     Bradyrhizobium 
_entity_src_gen.pdbx_gene_src_gene                 ? 
_entity_src_gen.gene_src_species                   ? 
_entity_src_gen.gene_src_strain                    ? 
_entity_src_gen.gene_src_tissue                    ? 
_entity_src_gen.gene_src_tissue_fraction           ? 
_entity_src_gen.gene_src_details                   ? 
_entity_src_gen.pdbx_gene_src_fragment             ? 
_entity_src_gen.pdbx_gene_src_scientific_name      'Bradyrhizobium japonicum' 
_entity_src_gen.pdbx_gene_src_ncbi_taxonomy_id     375 
_entity_src_gen.pdbx_gene_src_variant              ? 
_entity_src_gen.pdbx_gene_src_cell_line            ? 
_entity_src_gen.pdbx_gene_src_atcc                 ? 
_entity_src_gen.pdbx_gene_src_organ                ? 
_entity_src_gen.pdbx_gene_src_organelle            ? 
_entity_src_gen.pdbx_gene_src_cell                 ? 
_entity_src_gen.pdbx_gene_src_cellular_location    ? 
_entity_src_gen.host_org_common_name               ? 
_entity_src_gen.pdbx_host_org_scientific_name      'Escherichia coli' 
_entity_src_gen.pdbx_host_org_ncbi_taxonomy_id     562 
_entity_src_gen.host_org_genus                     Escherichia 
_entity_src_gen.pdbx_host_org_gene                 ? 
_entity_src_gen.pdbx_host_org_organ                ? 
_entity_src_gen.host_org_species                   ? 
_entity_src_gen.pdbx_host_org_tissue               ? 
_entity_src_gen.pdbx_host_org_tissue_fraction      ? 
_entity_src_gen.pdbx_host_org_strain               ? 
_entity_src_gen.pdbx_host_org_variant              ? 
_entity_src_gen.pdbx_host_org_cell_line            ? 
_entity_src_gen.pdbx_host_org_atcc                 ? 
_entity_src_gen.pdbx_host_org_culture_collection   ? 
_entity_src_gen.pdbx_host_org_cell                 ? 
_entity_src_gen.pdbx_host_org_organelle            ? 
_entity_src_gen.pdbx_host_org_cellular_location    ? 
_entity_src_gen.pdbx_host_org_vector_type          PLASMID 
_entity_src_gen.pdbx_host_org_vector               ? 
_entity_src_gen.host_org_details                   ? 
_entity_src_gen.expression_system_id               ? 
_entity_src_gen.plasmid_name                       PRJ7349 
_entity_src_gen.plasmid_details                    ? 
_entity_src_gen.pdbx_description                   ? 
# 
loop_
_chem_comp.id 
_chem_comp.type 
_chem_comp.mon_nstd_flag 
_chem_comp.name 
_chem_comp.pdbx_synonyms 
_chem_comp.formula 
_chem_comp.formula_weight 
ALA 'L-peptide linking' y ALANINE                           ?                   'C3 H7 N O2'       89.093  
ARG 'L-peptide linking' y ARGININE                          ?                   'C6 H15 N4 O2 1'   175.209 
ASN 'L-peptide linking' y ASPARAGINE                        ?                   'C4 H8 N2 O3'      132.118 
ASP 'L-peptide linking' y 'ASPARTIC ACID'                   ?                   'C4 H7 N O4'       133.103 
GLN 'L-peptide linking' y GLUTAMINE                         ?                   'C5 H10 N2 O3'     146.144 
GLU 'L-peptide linking' y 'GLUTAMIC ACID'                   ?                   'C5 H9 N O4'       147.129 
GLY 'peptide linking'   y GLYCINE                           ?                   'C2 H5 N O2'       75.067  
HEM non-polymer         . 'PROTOPORPHYRIN IX CONTAINING FE' HEME                'C34 H32 Fe N4 O4' 616.487 
HIS 'L-peptide linking' y HISTIDINE                         ?                   'C6 H10 N3 O2 1'   156.162 
HOH non-polymer         . WATER                             ?                   'H2 O'             18.015  
ILE 'L-peptide linking' y ISOLEUCINE                        ?                   'C6 H13 N O2'      131.173 
LEU 'L-peptide linking' y LEUCINE                           ?                   'C6 H13 N O2'      131.173 
LYS 'L-peptide linking' y LYSINE                            ?                   'C6 H15 N2 O2 1'   147.195 
MET 'L-peptide linking' y METHIONINE                        ?                   'C5 H11 N O2 S'    149.211 
NO  non-polymer         . 'NITRIC OXIDE'                    'Nitrogen monoxide' 'N O'              30.006  
PHE 'L-peptide linking' y PHENYLALANINE                     ?                   'C9 H11 N O2'      165.189 
PRO 'L-peptide linking' y PROLINE                           ?                   'C5 H9 N O2'       115.130 
SER 'L-peptide linking' y SERINE                            ?                   'C3 H7 N O3'       105.093 
THR 'L-peptide linking' y THREONINE                         ?                   'C4 H9 N O3'       119.119 
TRP 'L-peptide linking' y TRYPTOPHAN                        ?                   'C11 H12 N2 O2'    204.225 
TYR 'L-peptide linking' y TYROSINE                          ?                   'C9 H11 N O3'      181.189 
VAL 'L-peptide linking' y VALINE                            ?                   'C5 H11 N O2'      117.146 
# 
loop_
_pdbx_poly_seq_scheme.asym_id 
_pdbx_poly_seq_scheme.entity_id 
_pdbx_poly_seq_scheme.seq_id 
_pdbx_poly_seq_scheme.mon_id 
_pdbx_poly_seq_scheme.ndb_seq_num 
_pdbx_poly_seq_scheme.pdb_seq_num 
_pdbx_poly_seq_scheme.auth_seq_num 
_pdbx_poly_seq_scheme.pdb_mon_id 
_pdbx_poly_seq_scheme.auth_mon_id 
_pdbx_poly_seq_scheme.pdb_strand_id 
_pdbx_poly_seq_scheme.pdb_ins_code 
_pdbx_poly_seq_scheme.hetero 
A 1 1   MET 1   140 ?   ?   ?   A . n 
A 1 2   ARG 2   141 ?   ?   ?   A . n 
A 1 3   GLU 3   142 ?   ?   ?   A . n 
A 1 4   THR 4   143 ?   ?   ?   A . n 
A 1 5   HIS 5   144 ?   ?   ?   A . n 
A 1 6   LEU 6   145 ?   ?   ?   A . n 
A 1 7   ARG 7   146 ?   ?   ?   A . n 
A 1 8   SER 8   147 ?   ?   ?   A . n 
A 1 9   ILE 9   148 ?   ?   ?   A . n 
A 1 10  LEU 10  149 ?   ?   ?   A . n 
A 1 11  HIS 11  150 ?   ?   ?   A . n 
A 1 12  THR 12  151 ?   ?   ?   A . n 
A 1 13  ILE 13  152 ?   ?   ?   A . n 
A 1 14  PRO 14  153 153 PRO PRO A . n 
A 1 15  ASP 15  154 154 ASP ASP A . n 
A 1 16  ALA 16  155 155 ALA ALA A . n 
A 1 17  MET 17  156 156 MET MET A . n 
A 1 18  ILE 18  157 157 ILE ILE A . n 
A 1 19  VAL 19  158 158 VAL VAL A . n 
A 1 20  ILE 20  159 159 ILE ILE A . n 
A 1 21  ASP 21  160 160 ASP ASP A . n 
A 1 22  GLY 22  161 161 GLY GLY A . n 
A 1 23  HIS 23  162 162 HIS HIS A . n 
A 1 24  GLY 24  163 163 GLY GLY A . n 
A 1 25  ILE 25  164 164 ILE ILE A . n 
A 1 26  ILE 26  165 165 ILE ILE A . n 
A 1 27  GLN 27  166 166 GLN GLN A . n 
A 1 28  LEU 28  167 167 LEU LEU A . n 
A 1 29  PHE 29  168 168 PHE PHE A . n 
A 1 30  SER 30  169 169 SER SER A . n 
A 1 31  THR 31  170 170 THR THR A . n 
A 1 32  ALA 32  171 171 ALA ALA A . n 
A 1 33  ALA 33  172 172 ALA ALA A . n 
A 1 34  GLU 34  173 173 GLU GLU A . n 
A 1 35  ARG 35  174 174 ARG ARG A . n 
A 1 36  LEU 36  175 175 LEU LEU A . n 
A 1 37  PHE 37  176 176 PHE PHE A . n 
A 1 38  GLY 38  177 177 GLY GLY A . n 
A 1 39  TRP 39  178 178 TRP TRP A . n 
A 1 40  SER 40  179 179 SER SER A . n 
A 1 41  GLU 41  180 180 GLU GLU A . n 
A 1 42  LEU 42  181 181 LEU LEU A . n 
A 1 43  GLU 43  182 182 GLU GLU A . n 
A 1 44  ALA 44  183 183 ALA ALA A . n 
A 1 45  ILE 45  184 184 ILE ILE A . n 
A 1 46  GLY 46  185 185 GLY GLY A . n 
A 1 47  GLN 47  186 186 GLN GLN A . n 
A 1 48  ASN 48  187 187 ASN ASN A . n 
A 1 49  VAL 49  188 188 VAL VAL A . n 
A 1 50  ASN 50  189 189 ASN ASN A . n 
A 1 51  ILE 51  190 190 ILE ILE A . n 
A 1 52  LEU 52  191 191 LEU LEU A . n 
A 1 53  MET 53  192 192 MET MET A . n 
A 1 54  PRO 54  193 193 PRO PRO A . n 
A 1 55  GLU 55  194 194 GLU GLU A . n 
A 1 56  PRO 56  195 195 PRO PRO A . n 
A 1 57  ASP 57  196 196 ASP ASP A . n 
A 1 58  ARG 58  197 197 ARG ARG A . n 
A 1 59  SER 59  198 198 SER SER A . n 
A 1 60  ARG 60  199 199 ARG ARG A . n 
A 1 61  HIS 61  200 200 HIS HIS A . n 
A 1 62  ASP 62  201 201 ASP ASP A . n 
A 1 63  SER 63  202 202 SER SER A . n 
A 1 64  TYR 64  203 203 TYR TYR A . n 
A 1 65  ILE 65  204 204 ILE ILE A . n 
A 1 66  SER 66  205 205 SER SER A . n 
A 1 67  ARG 67  206 206 ARG ARG A . n 
A 1 68  TYR 68  207 207 TYR TYR A . n 
A 1 69  ARG 69  208 208 ARG ARG A . n 
A 1 70  THR 70  209 209 THR THR A . n 
A 1 71  THR 71  210 210 THR THR A . n 
A 1 72  SER 72  211 211 SER SER A . n 
A 1 73  ASP 73  212 212 ASP ASP A . n 
A 1 74  PRO 74  213 213 PRO PRO A . n 
A 1 75  HIS 75  214 214 HIS HIS A . n 
A 1 76  ILE 76  215 215 ILE ILE A . n 
A 1 77  ILE 77  216 216 ILE ILE A . n 
A 1 78  GLY 78  217 217 GLY GLY A . n 
A 1 79  ILE 79  218 218 ILE ILE A . n 
A 1 80  GLY 80  219 219 GLY GLY A . n 
A 1 81  ARG 81  220 220 ARG ARG A . n 
A 1 82  ILE 82  221 221 ILE ILE A . n 
A 1 83  VAL 83  222 222 VAL VAL A . n 
A 1 84  THR 84  223 223 THR THR A . n 
A 1 85  GLY 85  224 224 GLY GLY A . n 
A 1 86  LYS 86  225 225 LYS LYS A . n 
A 1 87  ARG 87  226 226 ARG ARG A . n 
A 1 88  ARG 88  227 227 ARG ARG A . n 
A 1 89  ASP 89  228 228 ASP ASP A . n 
A 1 90  GLY 90  229 229 GLY GLY A . n 
A 1 91  THR 91  230 230 THR THR A . n 
A 1 92  THR 92  231 231 THR THR A . n 
A 1 93  PHE 93  232 232 PHE PHE A . n 
A 1 94  PRO 94  233 233 PRO PRO A . n 
A 1 95  MET 95  234 234 MET MET A . n 
A 1 96  HIS 96  235 235 HIS HIS A . n 
A 1 97  LEU 97  236 236 LEU LEU A . n 
A 1 98  SER 98  237 237 SER SER A . n 
A 1 99  ILE 99  238 238 ILE ILE A . n 
A 1 100 GLY 100 239 239 GLY GLY A . n 
A 1 101 GLU 101 240 240 GLU GLU A . n 
A 1 102 MET 102 241 241 MET MET A . n 
A 1 103 GLN 103 242 242 GLN GLN A . n 
A 1 104 SER 104 243 243 SER SER A . n 
A 1 105 GLY 105 244 244 GLY GLY A . n 
A 1 106 GLY 106 245 245 GLY GLY A . n 
A 1 107 GLU 107 246 246 GLU GLU A . n 
A 1 108 PRO 108 247 247 PRO PRO A . n 
A 1 109 TYR 109 248 248 TYR TYR A . n 
A 1 110 PHE 110 249 249 PHE PHE A . n 
A 1 111 THR 111 250 250 THR THR A . n 
A 1 112 GLY 112 251 251 GLY GLY A . n 
A 1 113 PHE 113 252 252 PHE PHE A . n 
A 1 114 VAL 114 253 253 VAL VAL A . n 
A 1 115 ARG 115 254 254 ARG ALA A . n 
A 1 116 ASP 116 255 255 ASP ASP A . n 
A 1 117 LEU 117 256 256 LEU LEU A . n 
A 1 118 THR 118 257 257 THR THR A . n 
A 1 119 GLU 119 258 258 GLU GLU A . n 
A 1 120 HIS 120 259 259 HIS HIS A . n 
A 1 121 GLN 121 260 260 GLN GLN A . n 
A 1 122 GLN 122 261 261 GLN GLN A . n 
A 1 123 THR 123 262 262 THR THR A . n 
A 1 124 GLN 124 263 263 GLN GLN A . n 
A 1 125 ALA 125 264 264 ALA ALA A . n 
A 1 126 ARG 126 265 265 ARG ARG A . n 
A 1 127 LEU 127 266 266 LEU LEU A . n 
A 1 128 GLN 128 267 267 GLN GLN A . n 
A 1 129 GLU 129 268 268 GLU GLU A . n 
A 1 130 LEU 130 269 269 LEU LEU A . n 
A 1 131 GLN 131 270 270 GLN GLN A . n 
# 
loop_
_pdbx_nonpoly_scheme.asym_id 
_pdbx_nonpoly_scheme.entity_id 
_pdbx_nonpoly_scheme.mon_id 
_pdbx_nonpoly_scheme.ndb_seq_num 
_pdbx_nonpoly_scheme.pdb_seq_num 
_pdbx_nonpoly_scheme.auth_seq_num 
_pdbx_nonpoly_scheme.pdb_mon_id 
_pdbx_nonpoly_scheme.auth_mon_id 
_pdbx_nonpoly_scheme.pdb_strand_id 
_pdbx_nonpoly_scheme.pdb_ins_code 
B 2 NO  1  500 500 NO  NO  A . 
C 3 HEM 1  719 719 HEM HEM A . 
D 4 HOH 1  720 2   HOH TIP A . 
D 4 HOH 2  721 3   HOH TIP A . 
D 4 HOH 3  722 5   HOH TIP A . 
D 4 HOH 4  723 6   HOH TIP A . 
D 4 HOH 5  724 7   HOH TIP A . 
D 4 HOH 6  725 8   HOH TIP A . 
D 4 HOH 7  726 9   HOH TIP A . 
D 4 HOH 8  727 10  HOH TIP A . 
D 4 HOH 9  728 11  HOH TIP A . 
D 4 HOH 10 729 13  HOH TIP A . 
D 4 HOH 11 730 14  HOH TIP A . 
D 4 HOH 12 731 15  HOH TIP A . 
D 4 HOH 13 732 18  HOH TIP A . 
D 4 HOH 14 733 20  HOH TIP A . 
D 4 HOH 15 734 21  HOH TIP A . 
D 4 HOH 16 735 23  HOH TIP A . 
D 4 HOH 17 736 24  HOH TIP A . 
D 4 HOH 18 737 25  HOH TIP A . 
D 4 HOH 19 738 26  HOH TIP A . 
D 4 HOH 20 739 27  HOH TIP A . 
D 4 HOH 21 740 28  HOH TIP A . 
D 4 HOH 22 741 30  HOH TIP A . 
D 4 HOH 23 742 32  HOH TIP A . 
D 4 HOH 24 743 33  HOH TIP A . 
D 4 HOH 25 744 34  HOH TIP A . 
D 4 HOH 26 745 35  HOH TIP A . 
D 4 HOH 27 746 39  HOH TIP A . 
D 4 HOH 28 747 40  HOH TIP A . 
D 4 HOH 29 748 41  HOH TIP A . 
D 4 HOH 30 749 42  HOH TIP A . 
D 4 HOH 31 750 43  HOH TIP A . 
D 4 HOH 32 751 44  HOH TIP A . 
D 4 HOH 33 752 53  HOH TIP A . 
D 4 HOH 34 753 55  HOH TIP A . 
D 4 HOH 35 754 56  HOH TIP A . 
D 4 HOH 36 755 59  HOH TIP A . 
D 4 HOH 37 756 64  HOH TIP A . 
D 4 HOH 38 757 69  HOH TIP A . 
D 4 HOH 39 758 70  HOH TIP A . 
D 4 HOH 40 759 71  HOH TIP A . 
D 4 HOH 41 760 73  HOH TIP A . 
D 4 HOH 42 761 74  HOH TIP A . 
D 4 HOH 43 762 75  HOH TIP A . 
D 4 HOH 44 763 76  HOH TIP A . 
D 4 HOH 45 764 78  HOH TIP A . 
D 4 HOH 46 765 79  HOH TIP A . 
D 4 HOH 47 766 85  HOH TIP A . 
D 4 HOH 48 767 86  HOH TIP A . 
D 4 HOH 49 768 87  HOH TIP A . 
D 4 HOH 50 769 90  HOH TIP A . 
D 4 HOH 51 770 91  HOH TIP A . 
D 4 HOH 52 771 92  HOH TIP A . 
D 4 HOH 53 772 94  HOH TIP A . 
D 4 HOH 54 773 99  HOH TIP A . 
D 4 HOH 55 774 100 HOH TIP A . 
D 4 HOH 56 775 130 HOH TIP A . 
D 4 HOH 57 776 132 HOH TIP A . 
D 4 HOH 58 777 138 HOH TIP A . 
D 4 HOH 59 778 140 HOH TIP A . 
D 4 HOH 60 779 141 HOH TIP A . 
D 4 HOH 61 780 144 HOH TIP A . 
D 4 HOH 62 781 145 HOH TIP A . 
D 4 HOH 63 782 146 HOH TIP A . 
D 4 HOH 64 783 147 HOH TIP A . 
D 4 HOH 65 784 152 HOH TIP A . 
D 4 HOH 66 785 160 HOH TIP A . 
D 4 HOH 67 786 163 HOH TIP A . 
D 4 HOH 68 787 165 HOH TIP A . 
D 4 HOH 69 788 171 HOH TIP A . 
D 4 HOH 70 789 175 HOH TIP A . 
D 4 HOH 71 790 176 HOH TIP A . 
D 4 HOH 72 791 181 HOH TIP A . 
D 4 HOH 73 792 182 HOH TIP A . 
D 4 HOH 74 793 185 HOH TIP A . 
D 4 HOH 75 794 187 HOH TIP A . 
D 4 HOH 76 795 191 HOH TIP A . 
D 4 HOH 77 796 192 HOH TIP A . 
D 4 HOH 78 797 194 HOH TIP A . 
D 4 HOH 79 798 195 HOH TIP A . 
D 4 HOH 80 799 196 HOH TIP A . 
D 4 HOH 81 800 199 HOH TIP A . 
# 
loop_
_pdbx_unobs_or_zero_occ_atoms.id 
_pdbx_unobs_or_zero_occ_atoms.PDB_model_num 
_pdbx_unobs_or_zero_occ_atoms.polymer_flag 
_pdbx_unobs_or_zero_occ_atoms.occupancy_flag 
_pdbx_unobs_or_zero_occ_atoms.auth_asym_id 
_pdbx_unobs_or_zero_occ_atoms.auth_comp_id 
_pdbx_unobs_or_zero_occ_atoms.auth_seq_id 
_pdbx_unobs_or_zero_occ_atoms.PDB_ins_code 
_pdbx_unobs_or_zero_occ_atoms.auth_atom_id 
_pdbx_unobs_or_zero_occ_atoms.label_alt_id 
_pdbx_unobs_or_zero_occ_atoms.label_asym_id 
_pdbx_unobs_or_zero_occ_atoms.label_comp_id 
_pdbx_unobs_or_zero_occ_atoms.label_seq_id 
_pdbx_unobs_or_zero_occ_atoms.label_atom_id 
1 1 Y 1 A ARG 254 ? CG  ? A ARG 115 CG  
2 1 Y 1 A ARG 254 ? CD  ? A ARG 115 CD  
3 1 Y 1 A ARG 254 ? NE  ? A ARG 115 NE  
4 1 Y 1 A ARG 254 ? CZ  ? A ARG 115 CZ  
5 1 Y 1 A ARG 254 ? NH1 ? A ARG 115 NH1 
6 1 Y 1 A ARG 254 ? NH2 ? A ARG 115 NH2 
# 
loop_
_software.name 
_software.classification 
_software.version 
_software.citation_id 
_software.pdbx_ordinal 
X-PLOR    'model building' .     ? 1 
X-PLOR    refinement       3.851 ? 2 
DENZO     'data reduction' .     ? 3 
SCALEPACK 'data scaling'   .     ? 4 
X-PLOR    phasing          .     ? 5 
# 
_cell.entry_id           1DP8 
_cell.length_a           127.148 
_cell.length_b           127.148 
_cell.length_c           58.249 
_cell.angle_alpha        90.00 
_cell.angle_beta         90.00 
_cell.angle_gamma        120.00 
_cell.Z_PDB              18 
_cell.pdbx_unique_axis   ? 
# 
_symmetry.entry_id                         1DP8 
_symmetry.space_group_name_H-M             'H 3 2' 
_symmetry.pdbx_full_space_group_name_H-M   ? 
_symmetry.cell_setting                     ? 
_symmetry.Int_Tables_number                155 
# 
_exptl.method            'X-RAY DIFFRACTION' 
_exptl.crystals_number   1 
_exptl.entry_id          1DP8 
# 
_exptl_crystal.id                    1 
_exptl_crystal.density_meas          ? 
_exptl_crystal.density_Matthews      3.04 
_exptl_crystal.density_percent_sol   59.48 
_exptl_crystal.description           ? 
# 
_exptl_crystal_grow.crystal_id      1 
_exptl_crystal_grow.method          'VAPOR DIFFUSION, HANGING DROP' 
_exptl_crystal_grow.temp            277 
_exptl_crystal_grow.temp_details    ? 
_exptl_crystal_grow.pH              7.5 
_exptl_crystal_grow.pdbx_details    'Sodium Chloride, HEPES, MPD, pH 7.5, VAPOR DIFFUSION, HANGING DROP, temperature 277K' 
_exptl_crystal_grow.pdbx_pH_range   . 
# 
_diffrn.id                     1 
_diffrn.ambient_temp           100 
_diffrn.ambient_temp_details   ? 
_diffrn.crystal_id             1 
# 
_diffrn_detector.diffrn_id              1 
_diffrn_detector.detector               CCD 
_diffrn_detector.type                   ? 
_diffrn_detector.pdbx_collection_date   ? 
_diffrn_detector.details                ? 
# 
_diffrn_radiation.diffrn_id                        1 
_diffrn_radiation.wavelength_id                    1 
_diffrn_radiation.pdbx_monochromatic_or_laue_m_l   M 
_diffrn_radiation.monochromator                    ? 
_diffrn_radiation.pdbx_diffrn_protocol             'SINGLE WAVELENGTH' 
_diffrn_radiation.pdbx_scattering_type             x-ray 
# 
_diffrn_radiation_wavelength.id           1 
_diffrn_radiation_wavelength.wavelength   1.2830 
_diffrn_radiation_wavelength.wt           1.0 
# 
_diffrn_source.diffrn_id                   1 
_diffrn_source.source                      SYNCHROTRON 
_diffrn_source.type                        'NSLS BEAMLINE X4A' 
_diffrn_source.pdbx_synchrotron_site       NSLS 
_diffrn_source.pdbx_synchrotron_beamline   X4A 
_diffrn_source.pdbx_wavelength             1.2830 
_diffrn_source.pdbx_wavelength_list        ? 
# 
_reflns.entry_id                     1DP8 
_reflns.observed_criterion_sigma_I   0.00 
_reflns.observed_criterion_sigma_F   0.00 
_reflns.d_resolution_low             20.0 
_reflns.d_resolution_high            2.5 
_reflns.number_obs                   6138 
_reflns.number_all                   45555 
_reflns.percent_possible_obs         97.0 
_reflns.pdbx_Rmerge_I_obs            0.0590000 
_reflns.pdbx_Rsym_value              ? 
_reflns.pdbx_netI_over_sigmaI        ? 
_reflns.B_iso_Wilson_estimate        ? 
_reflns.pdbx_redundancy              ? 
_reflns.R_free_details               ? 
_reflns.limit_h_max                  ? 
_reflns.limit_h_min                  ? 
_reflns.limit_k_max                  ? 
_reflns.limit_k_min                  ? 
_reflns.limit_l_max                  ? 
_reflns.limit_l_min                  ? 
_reflns.observed_criterion_F_max     ? 
_reflns.observed_criterion_F_min     ? 
_reflns.pdbx_diffrn_id               1 
_reflns.pdbx_ordinal                 1 
# 
_reflns_shell.d_res_high             2.5 
_reflns_shell.d_res_low              20.0 
_reflns_shell.percent_possible_all   92.3 
_reflns_shell.Rmerge_I_obs           0.2930000 
_reflns_shell.pdbx_Rsym_value        ? 
_reflns_shell.meanI_over_sigI_obs    ? 
_reflns_shell.pdbx_redundancy        ? 
_reflns_shell.percent_possible_obs   ? 
_reflns_shell.number_unique_all      6138 
_reflns_shell.pdbx_diffrn_id         ? 
_reflns_shell.pdbx_ordinal           1 
# 
_refine.entry_id                                 1DP8 
_refine.ls_number_reflns_obs                     45555 
_refine.ls_number_reflns_all                     45555 
_refine.pdbx_ls_sigma_I                          0.00 
_refine.pdbx_ls_sigma_F                          0.00 
_refine.pdbx_data_cutoff_high_absF               ? 
_refine.pdbx_data_cutoff_low_absF                ? 
_refine.ls_d_res_low                             20.0 
_refine.ls_d_res_high                            2.5 
_refine.ls_percent_reflns_obs                    92.3 
_refine.ls_R_factor_obs                          0.2050000 
_refine.ls_R_factor_all                          0.2050000 
_refine.ls_R_factor_R_work                       0.2050000 
_refine.ls_R_factor_R_free                       0.2520000 
_refine.ls_R_factor_R_free_error                 ? 
_refine.ls_R_factor_R_free_error_details         ? 
_refine.ls_percent_reflns_R_free                 ? 
_refine.ls_number_reflns_R_free                  491 
_refine.ls_number_parameters                     ? 
_refine.ls_number_restraints                     ? 
_refine.occupancy_min                            ? 
_refine.occupancy_max                            ? 
_refine.B_iso_mean                               ? 
_refine.aniso_B[1][1]                            ? 
_refine.aniso_B[2][2]                            ? 
_refine.aniso_B[3][3]                            ? 
_refine.aniso_B[1][2]                            ? 
_refine.aniso_B[1][3]                            ? 
_refine.aniso_B[2][3]                            ? 
_refine.solvent_model_details                    ? 
_refine.solvent_model_param_ksol                 ? 
_refine.solvent_model_param_bsol                 ? 
_refine.pdbx_ls_cross_valid_method               ? 
_refine.details                                  'Used weighted full matrix least squares procedure.' 
_refine.pdbx_starting_model                      ? 
_refine.pdbx_method_to_determine_struct          ? 
_refine.pdbx_isotropic_thermal_model             ? 
_refine.pdbx_stereochemistry_target_values       'Engh & Huber' 
_refine.pdbx_stereochem_target_val_spec_case     ? 
_refine.pdbx_R_Free_selection_details            RANDOM 
_refine.pdbx_overall_ESU_R_Free                  ? 
_refine.overall_SU_B                             ? 
_refine.ls_redundancy_reflns_obs                 ? 
_refine.overall_SU_ML                            ? 
_refine.pdbx_overall_ESU_R                       ? 
_refine.pdbx_data_cutoff_high_rms_absF           ? 
_refine.B_iso_min                                ? 
_refine.B_iso_max                                ? 
_refine.correlation_coeff_Fo_to_Fc               ? 
_refine.correlation_coeff_Fo_to_Fc_free          ? 
_refine.overall_SU_R_Cruickshank_DPI             ? 
_refine.overall_SU_R_free                        ? 
_refine.pdbx_refine_id                           'X-RAY DIFFRACTION' 
_refine.pdbx_diffrn_id                           1 
_refine.pdbx_TLS_residual_ADP_flag               ? 
_refine.pdbx_solvent_vdw_probe_radii             ? 
_refine.pdbx_solvent_ion_probe_radii             ? 
_refine.pdbx_solvent_shrinkage_radii             ? 
_refine.pdbx_overall_phase_error                 ? 
_refine.pdbx_overall_SU_R_free_Cruickshank_DPI   ? 
_refine.pdbx_overall_SU_R_Blow_DPI               ? 
_refine.pdbx_overall_SU_R_free_Blow_DPI          ? 
# 
_refine_hist.pdbx_refine_id                   'X-RAY DIFFRACTION' 
_refine_hist.cycle_id                         LAST 
_refine_hist.pdbx_number_atoms_protein        930 
_refine_hist.pdbx_number_atoms_nucleic_acid   0 
_refine_hist.pdbx_number_atoms_ligand         45 
_refine_hist.number_atoms_solvent             81 
_refine_hist.number_atoms_total               1056 
_refine_hist.d_res_high                       2.5 
_refine_hist.d_res_low                        20.0 
# 
loop_
_refine_ls_restr.type 
_refine_ls_restr.dev_ideal 
_refine_ls_restr.dev_ideal_target 
_refine_ls_restr.weight 
_refine_ls_restr.number 
_refine_ls_restr.pdbx_refine_id 
_refine_ls_restr.pdbx_restraint_function 
x_angle_deg 1.78  ? ? ? 'X-RAY DIFFRACTION' ? 
x_bond_d    0.014 ? ? ? 'X-RAY DIFFRACTION' ? 
# 
_struct.entry_id                  1DP8 
_struct.title                     'CRYSTAL STRUCTURE OF THE NITRIC OXIDE BOUND FIXL HEME DOMAIN' 
_struct.pdbx_model_details        ? 
_struct.pdbx_CASP_flag            ? 
_struct.pdbx_model_type_details   ? 
# 
_struct_keywords.entry_id        1DP8 
_struct_keywords.pdbx_keywords   'OXYGEN STORAGE/TRANSPORT' 
_struct_keywords.text            
;HEME, FIXL HEME DOMAIN LIGANDED STRUCTURES, HISTIDINE KINASE, SIGNAL TRANSDUCTION, TWO COMPONENT SYSTEM, OXYGEN STORAGE-TRANSPORT COMPLEX
;
# 
loop_
_struct_asym.id 
_struct_asym.pdbx_blank_PDB_chainid_flag 
_struct_asym.pdbx_modified 
_struct_asym.entity_id 
_struct_asym.details 
A N N 1 ? 
B N N 2 ? 
C N N 3 ? 
D N N 4 ? 
# 
_struct_ref.id                         1 
_struct_ref.db_name                    UNP 
_struct_ref.db_code                    FIXL_BRAJA 
_struct_ref.pdbx_db_accession          P23222 
_struct_ref.entity_id                  1 
_struct_ref.pdbx_align_begin           1 
_struct_ref.pdbx_seq_one_letter_code   
;LAPTRVTHPPDDGRGEHFRVRIEGFGVGTWDLDLKTWALDWSDTARTLLGIGQDQPASYDLFLSRLEPDDRERVESAIKR
VSERGGGFDVSFRVAGTSNAGQWIRARAGLIRDEAGTARHLSGIFLDIDEEKQVEGALRTRETHLRSILHTIPDAMIVID
GHGIIQLFSTAAERLFGWSELEAIGQNVNILMPEPDRSRHDSYISRYRTTSDPHIIGIGRIVTGKRRDGTTFPMHLSIGE
MQSGGEPYFTGFVRDLTEHQQTQARLQELQSELVHVSRLSAMGEMASALAHELNQPLAAISNYMKGSRRLLAGSSDPNTP
KVESALDRAAEQALRAGQIIRRLRDFVARGESEKRVESLSKLIEEAGALGLAGAREQNVQLRFSLDPGADLVLADRVQIQ
QVLVNLFRNALEAMAQSQRRELVVTNTPAADDMIEVEVSDTGSGFQDDVIPNLFQTFFTTKDTGMGVGLSISRSIIEAHG
GRMWAESNASGGATFRFTLPAADEN
;
_struct_ref.pdbx_db_isoform            ? 
# 
_struct_ref_seq.align_id                      1 
_struct_ref_seq.ref_id                        1 
_struct_ref_seq.pdbx_PDB_id_code              1DP8 
_struct_ref_seq.pdbx_strand_id                A 
_struct_ref_seq.seq_align_beg                 1 
_struct_ref_seq.pdbx_seq_align_beg_ins_code   ? 
_struct_ref_seq.seq_align_end                 131 
_struct_ref_seq.pdbx_seq_align_end_ins_code   ? 
_struct_ref_seq.pdbx_db_accession             P23222 
_struct_ref_seq.db_align_beg                  140 
_struct_ref_seq.pdbx_db_align_beg_ins_code    ? 
_struct_ref_seq.db_align_end                  270 
_struct_ref_seq.pdbx_db_align_end_ins_code    ? 
_struct_ref_seq.pdbx_auth_seq_align_beg       140 
_struct_ref_seq.pdbx_auth_seq_align_end       270 
# 
_struct_ref_seq_dif.align_id                     1 
_struct_ref_seq_dif.pdbx_pdb_id_code             1DP8 
_struct_ref_seq_dif.mon_id                       MET 
_struct_ref_seq_dif.pdbx_pdb_strand_id           A 
_struct_ref_seq_dif.seq_num                      1 
_struct_ref_seq_dif.pdbx_pdb_ins_code            ? 
_struct_ref_seq_dif.pdbx_seq_db_name             UNP 
_struct_ref_seq_dif.pdbx_seq_db_accession_code   P23222 
_struct_ref_seq_dif.db_mon_id                    THR 
_struct_ref_seq_dif.pdbx_seq_db_seq_num          140 
_struct_ref_seq_dif.details                      conflict 
_struct_ref_seq_dif.pdbx_auth_seq_num            140 
_struct_ref_seq_dif.pdbx_ordinal                 1 
# 
_pdbx_struct_assembly.id                   1 
_pdbx_struct_assembly.details              author_defined_assembly 
_pdbx_struct_assembly.method_details       ? 
_pdbx_struct_assembly.oligomeric_details   monomeric 
_pdbx_struct_assembly.oligomeric_count     1 
# 
_pdbx_struct_assembly_gen.assembly_id       1 
_pdbx_struct_assembly_gen.oper_expression   1 
_pdbx_struct_assembly_gen.asym_id_list      A,B,C,D 
# 
_pdbx_struct_oper_list.id                   1 
_pdbx_struct_oper_list.type                 'identity operation' 
_pdbx_struct_oper_list.name                 1_555 
_pdbx_struct_oper_list.symmetry_operation   x,y,z 
_pdbx_struct_oper_list.matrix[1][1]         1.0000000000 
_pdbx_struct_oper_list.matrix[1][2]         0.0000000000 
_pdbx_struct_oper_list.matrix[1][3]         0.0000000000 
_pdbx_struct_oper_list.vector[1]            0.0000000000 
_pdbx_struct_oper_list.matrix[2][1]         0.0000000000 
_pdbx_struct_oper_list.matrix[2][2]         1.0000000000 
_pdbx_struct_oper_list.matrix[2][3]         0.0000000000 
_pdbx_struct_oper_list.vector[2]            0.0000000000 
_pdbx_struct_oper_list.matrix[3][1]         0.0000000000 
_pdbx_struct_oper_list.matrix[3][2]         0.0000000000 
_pdbx_struct_oper_list.matrix[3][3]         1.0000000000 
_pdbx_struct_oper_list.vector[3]            0.0000000000 
# 
_struct_biol.id                    1 
_struct_biol.pdbx_parent_biol_id   ? 
_struct_biol.details               ? 
# 
loop_
_struct_conf.conf_type_id 
_struct_conf.id 
_struct_conf.pdbx_PDB_helix_id 
_struct_conf.beg_label_comp_id 
_struct_conf.beg_label_asym_id 
_struct_conf.beg_label_seq_id 
_struct_conf.pdbx_beg_PDB_ins_code 
_struct_conf.end_label_comp_id 
_struct_conf.end_label_asym_id 
_struct_conf.end_label_seq_id 
_struct_conf.pdbx_end_PDB_ins_code 
_struct_conf.beg_auth_comp_id 
_struct_conf.beg_auth_asym_id 
_struct_conf.beg_auth_seq_id 
_struct_conf.end_auth_comp_id 
_struct_conf.end_auth_asym_id 
_struct_conf.end_auth_seq_id 
_struct_conf.pdbx_PDB_helix_class 
_struct_conf.details 
_struct_conf.pdbx_PDB_helix_length 
HELX_P HELX_P1 1 SER A 30  ? GLY A 38  ? SER A 169 GLY A 177 1 ? 9  
HELX_P HELX_P2 2 SER A 40  ? ILE A 45  ? SER A 179 ILE A 184 1 ? 6  
HELX_P HELX_P3 3 VAL A 49  ? MET A 53  ? VAL A 188 MET A 192 5 ? 5  
HELX_P HELX_P4 4 PRO A 56  ? SER A 72  ? PRO A 195 SER A 211 1 ? 17 
HELX_P HELX_P5 5 LEU A 117 ? LEU A 130 ? LEU A 256 LEU A 269 1 ? 14 
# 
_struct_conf_type.id          HELX_P 
_struct_conf_type.criteria    ? 
_struct_conf_type.reference   ? 
# 
loop_
_struct_conn.id 
_struct_conn.conn_type_id 
_struct_conn.pdbx_leaving_atom_flag 
_struct_conn.pdbx_PDB_id 
_struct_conn.ptnr1_label_asym_id 
_struct_conn.ptnr1_label_comp_id 
_struct_conn.ptnr1_label_seq_id 
_struct_conn.ptnr1_label_atom_id 
_struct_conn.pdbx_ptnr1_label_alt_id 
_struct_conn.pdbx_ptnr1_PDB_ins_code 
_struct_conn.pdbx_ptnr1_standard_comp_id 
_struct_conn.ptnr1_symmetry 
_struct_conn.ptnr2_label_asym_id 
_struct_conn.ptnr2_label_comp_id 
_struct_conn.ptnr2_label_seq_id 
_struct_conn.ptnr2_label_atom_id 
_struct_conn.pdbx_ptnr2_label_alt_id 
_struct_conn.pdbx_ptnr2_PDB_ins_code 
_struct_conn.ptnr1_auth_asym_id 
_struct_conn.ptnr1_auth_comp_id 
_struct_conn.ptnr1_auth_seq_id 
_struct_conn.ptnr2_auth_asym_id 
_struct_conn.ptnr2_auth_comp_id 
_struct_conn.ptnr2_auth_seq_id 
_struct_conn.ptnr2_symmetry 
_struct_conn.pdbx_ptnr3_label_atom_id 
_struct_conn.pdbx_ptnr3_label_seq_id 
_struct_conn.pdbx_ptnr3_label_comp_id 
_struct_conn.pdbx_ptnr3_label_asym_id 
_struct_conn.pdbx_ptnr3_label_alt_id 
_struct_conn.pdbx_ptnr3_PDB_ins_code 
_struct_conn.details 
_struct_conn.pdbx_dist_value 
_struct_conn.pdbx_value_order 
_struct_conn.pdbx_role 
metalc1 metalc ? ? A HIS 61 NE2 ? ? ? 1_555 C HEM . FE ? ? A HIS 200 A HEM 719 1_555 ? ? ? ? ? ? ? 2.097 ? ? 
metalc2 metalc ? ? B NO  .  N   ? ? ? 1_555 C HEM . FE ? ? A NO  500 A HEM 719 1_555 ? ? ? ? ? ? ? 1.764 ? ? 
# 
_struct_conn_type.id          metalc 
_struct_conn_type.criteria    ? 
_struct_conn_type.reference   ? 
# 
loop_
_pdbx_struct_conn_angle.id 
_pdbx_struct_conn_angle.ptnr1_label_atom_id 
_pdbx_struct_conn_angle.ptnr1_label_alt_id 
_pdbx_struct_conn_angle.ptnr1_label_asym_id 
_pdbx_struct_conn_angle.ptnr1_label_comp_id 
_pdbx_struct_conn_angle.ptnr1_label_seq_id 
_pdbx_struct_conn_angle.ptnr1_auth_atom_id 
_pdbx_struct_conn_angle.ptnr1_auth_asym_id 
_pdbx_struct_conn_angle.ptnr1_auth_comp_id 
_pdbx_struct_conn_angle.ptnr1_auth_seq_id 
_pdbx_struct_conn_angle.ptnr1_PDB_ins_code 
_pdbx_struct_conn_angle.ptnr1_symmetry 
_pdbx_struct_conn_angle.ptnr2_label_atom_id 
_pdbx_struct_conn_angle.ptnr2_label_alt_id 
_pdbx_struct_conn_angle.ptnr2_label_asym_id 
_pdbx_struct_conn_angle.ptnr2_label_comp_id 
_pdbx_struct_conn_angle.ptnr2_label_seq_id 
_pdbx_struct_conn_angle.ptnr2_auth_atom_id 
_pdbx_struct_conn_angle.ptnr2_auth_asym_id 
_pdbx_struct_conn_angle.ptnr2_auth_comp_id 
_pdbx_struct_conn_angle.ptnr2_auth_seq_id 
_pdbx_struct_conn_angle.ptnr2_PDB_ins_code 
_pdbx_struct_conn_angle.ptnr2_symmetry 
_pdbx_struct_conn_angle.ptnr3_label_atom_id 
_pdbx_struct_conn_angle.ptnr3_label_alt_id 
_pdbx_struct_conn_angle.ptnr3_label_asym_id 
_pdbx_struct_conn_angle.ptnr3_label_comp_id 
_pdbx_struct_conn_angle.ptnr3_label_seq_id 
_pdbx_struct_conn_angle.ptnr3_auth_atom_id 
_pdbx_struct_conn_angle.ptnr3_auth_asym_id 
_pdbx_struct_conn_angle.ptnr3_auth_comp_id 
_pdbx_struct_conn_angle.ptnr3_auth_seq_id 
_pdbx_struct_conn_angle.ptnr3_PDB_ins_code 
_pdbx_struct_conn_angle.ptnr3_symmetry 
_pdbx_struct_conn_angle.value 
_pdbx_struct_conn_angle.value_esd 
1  NE2 ? A HIS 61 ? A HIS 200 ? 1_555 FE ? C HEM . ? A HEM 719 ? 1_555 NA ? C HEM . ? A HEM 719 ? 1_555 85.9  ? 
2  NE2 ? A HIS 61 ? A HIS 200 ? 1_555 FE ? C HEM . ? A HEM 719 ? 1_555 NB ? C HEM . ? A HEM 719 ? 1_555 100.3 ? 
3  NA  ? C HEM .  ? A HEM 719 ? 1_555 FE ? C HEM . ? A HEM 719 ? 1_555 NB ? C HEM . ? A HEM 719 ? 1_555 90.4  ? 
4  NE2 ? A HIS 61 ? A HIS 200 ? 1_555 FE ? C HEM . ? A HEM 719 ? 1_555 NC ? C HEM . ? A HEM 719 ? 1_555 96.4  ? 
5  NA  ? C HEM .  ? A HEM 719 ? 1_555 FE ? C HEM . ? A HEM 719 ? 1_555 NC ? C HEM . ? A HEM 719 ? 1_555 177.7 ? 
6  NB  ? C HEM .  ? A HEM 719 ? 1_555 FE ? C HEM . ? A HEM 719 ? 1_555 NC ? C HEM . ? A HEM 719 ? 1_555 89.1  ? 
7  NE2 ? A HIS 61 ? A HIS 200 ? 1_555 FE ? C HEM . ? A HEM 719 ? 1_555 ND ? C HEM . ? A HEM 719 ? 1_555 80.0  ? 
8  NA  ? C HEM .  ? A HEM 719 ? 1_555 FE ? C HEM . ? A HEM 719 ? 1_555 ND ? C HEM . ? A HEM 719 ? 1_555 91.2  ? 
9  NB  ? C HEM .  ? A HEM 719 ? 1_555 FE ? C HEM . ? A HEM 719 ? 1_555 ND ? C HEM . ? A HEM 719 ? 1_555 178.4 ? 
10 NC  ? C HEM .  ? A HEM 719 ? 1_555 FE ? C HEM . ? A HEM 719 ? 1_555 ND ? C HEM . ? A HEM 719 ? 1_555 89.3  ? 
11 NE2 ? A HIS 61 ? A HIS 200 ? 1_555 FE ? C HEM . ? A HEM 719 ? 1_555 N  ? B NO  . ? A NO  500 ? 1_555 160.9 ? 
12 NA  ? C HEM .  ? A HEM 719 ? 1_555 FE ? C HEM . ? A HEM 719 ? 1_555 N  ? B NO  . ? A NO  500 ? 1_555 85.3  ? 
13 NB  ? C HEM .  ? A HEM 719 ? 1_555 FE ? C HEM . ? A HEM 719 ? 1_555 N  ? B NO  . ? A NO  500 ? 1_555 96.7  ? 
14 NC  ? C HEM .  ? A HEM 719 ? 1_555 FE ? C HEM . ? A HEM 719 ? 1_555 N  ? B NO  . ? A NO  500 ? 1_555 92.5  ? 
15 ND  ? C HEM .  ? A HEM 719 ? 1_555 FE ? C HEM . ? A HEM 719 ? 1_555 N  ? B NO  . ? A NO  500 ? 1_555 83.2  ? 
# 
_struct_mon_prot_cis.pdbx_id                1 
_struct_mon_prot_cis.label_comp_id          GLU 
_struct_mon_prot_cis.label_seq_id           55 
_struct_mon_prot_cis.label_asym_id          A 
_struct_mon_prot_cis.label_alt_id           . 
_struct_mon_prot_cis.pdbx_PDB_ins_code      ? 
_struct_mon_prot_cis.auth_comp_id           GLU 
_struct_mon_prot_cis.auth_seq_id            194 
_struct_mon_prot_cis.auth_asym_id           A 
_struct_mon_prot_cis.pdbx_label_comp_id_2   PRO 
_struct_mon_prot_cis.pdbx_label_seq_id_2    56 
_struct_mon_prot_cis.pdbx_label_asym_id_2   A 
_struct_mon_prot_cis.pdbx_PDB_ins_code_2    ? 
_struct_mon_prot_cis.pdbx_auth_comp_id_2    PRO 
_struct_mon_prot_cis.pdbx_auth_seq_id_2     195 
_struct_mon_prot_cis.pdbx_auth_asym_id_2    A 
_struct_mon_prot_cis.pdbx_PDB_model_num     1 
_struct_mon_prot_cis.pdbx_omega_angle       -0.16 
# 
_struct_sheet.id               A 
_struct_sheet.type             ? 
_struct_sheet.number_strands   5 
_struct_sheet.details          ? 
# 
loop_
_struct_sheet_order.sheet_id 
_struct_sheet_order.range_id_1 
_struct_sheet_order.range_id_2 
_struct_sheet_order.offset 
_struct_sheet_order.sense 
A 1 2 ? anti-parallel 
A 2 3 ? anti-parallel 
A 3 4 ? anti-parallel 
A 4 5 ? anti-parallel 
# 
loop_
_struct_sheet_range.sheet_id 
_struct_sheet_range.id 
_struct_sheet_range.beg_label_comp_id 
_struct_sheet_range.beg_label_asym_id 
_struct_sheet_range.beg_label_seq_id 
_struct_sheet_range.pdbx_beg_PDB_ins_code 
_struct_sheet_range.end_label_comp_id 
_struct_sheet_range.end_label_asym_id 
_struct_sheet_range.end_label_seq_id 
_struct_sheet_range.pdbx_end_PDB_ins_code 
_struct_sheet_range.beg_auth_comp_id 
_struct_sheet_range.beg_auth_asym_id 
_struct_sheet_range.beg_auth_seq_id 
_struct_sheet_range.end_auth_comp_id 
_struct_sheet_range.end_auth_asym_id 
_struct_sheet_range.end_auth_seq_id 
A 1 ILE A 26  ? PHE A 29  ? ILE A 165 PHE A 168 
A 2 ALA A 16  ? ASP A 21  ? ALA A 155 ASP A 160 
A 3 GLU A 107 ? ASP A 116 ? GLU A 246 ASP A 255 
A 4 THR A 92  ? SER A 104 ? THR A 231 SER A 243 
A 5 ARG A 81  ? LYS A 86  ? ARG A 220 LYS A 225 
# 
loop_
_pdbx_struct_sheet_hbond.sheet_id 
_pdbx_struct_sheet_hbond.range_id_1 
_pdbx_struct_sheet_hbond.range_id_2 
_pdbx_struct_sheet_hbond.range_1_label_atom_id 
_pdbx_struct_sheet_hbond.range_1_label_comp_id 
_pdbx_struct_sheet_hbond.range_1_label_asym_id 
_pdbx_struct_sheet_hbond.range_1_label_seq_id 
_pdbx_struct_sheet_hbond.range_1_PDB_ins_code 
_pdbx_struct_sheet_hbond.range_1_auth_atom_id 
_pdbx_struct_sheet_hbond.range_1_auth_comp_id 
_pdbx_struct_sheet_hbond.range_1_auth_asym_id 
_pdbx_struct_sheet_hbond.range_1_auth_seq_id 
_pdbx_struct_sheet_hbond.range_2_label_atom_id 
_pdbx_struct_sheet_hbond.range_2_label_comp_id 
_pdbx_struct_sheet_hbond.range_2_label_asym_id 
_pdbx_struct_sheet_hbond.range_2_label_seq_id 
_pdbx_struct_sheet_hbond.range_2_PDB_ins_code 
_pdbx_struct_sheet_hbond.range_2_auth_atom_id 
_pdbx_struct_sheet_hbond.range_2_auth_comp_id 
_pdbx_struct_sheet_hbond.range_2_auth_asym_id 
_pdbx_struct_sheet_hbond.range_2_auth_seq_id 
A 1 2 N GLN A 27  ? N GLN A 166 O VAL A 19  ? O VAL A 158 
A 2 3 N ILE A 20  ? N ILE A 159 O PHE A 110 ? O PHE A 249 
A 3 4 O ARG A 115 ? O ARG A 254 N HIS A 96  ? N HIS A 235 
A 4 5 N LEU A 97  ? N LEU A 236 O ARG A 81  ? O ARG A 220 
# 
loop_
_struct_site.id 
_struct_site.pdbx_evidence_code 
_struct_site.pdbx_auth_asym_id 
_struct_site.pdbx_auth_comp_id 
_struct_site.pdbx_auth_seq_id 
_struct_site.pdbx_auth_ins_code 
_struct_site.pdbx_num_residues 
_struct_site.details 
AC1 Software A NO  500 ? 4  'BINDING SITE FOR RESIDUE NO A 500'  
AC2 Software A HEM 719 ? 21 'BINDING SITE FOR RESIDUE HEM A 719' 
# 
loop_
_struct_site_gen.id 
_struct_site_gen.site_id 
_struct_site_gen.pdbx_num_res 
_struct_site_gen.label_comp_id 
_struct_site_gen.label_asym_id 
_struct_site_gen.label_seq_id 
_struct_site_gen.pdbx_auth_ins_code 
_struct_site_gen.auth_comp_id 
_struct_site_gen.auth_asym_id 
_struct_site_gen.auth_seq_id 
_struct_site_gen.label_atom_id 
_struct_site_gen.label_alt_id 
_struct_site_gen.symmetry 
_struct_site_gen.details 
1  AC1 4  ILE A 76  ? ILE A 215 . ? 1_555 ? 
2  AC1 4  LEU A 97  ? LEU A 236 . ? 1_555 ? 
3  AC1 4  ILE A 99  ? ILE A 238 . ? 1_555 ? 
4  AC1 4  HEM C .   ? HEM A 719 . ? 1_555 ? 
5  AC2 21 ILE A 18  ? ILE A 157 . ? 1_555 ? 
6  AC2 21 ILE A 20  ? ILE A 159 . ? 1_555 ? 
7  AC2 21 VAL A 49  ? VAL A 188 . ? 1_555 ? 
8  AC2 21 LEU A 52  ? LEU A 191 . ? 1_555 ? 
9  AC2 21 MET A 53  ? MET A 192 . ? 1_555 ? 
10 AC2 21 ASP A 57  ? ASP A 196 . ? 1_555 ? 
11 AC2 21 HIS A 61  ? HIS A 200 . ? 1_555 ? 
12 AC2 21 TYR A 64  ? TYR A 203 . ? 1_555 ? 
13 AC2 21 ARG A 67  ? ARG A 206 . ? 1_555 ? 
14 AC2 21 PRO A 74  ? PRO A 213 . ? 1_555 ? 
15 AC2 21 HIS A 75  ? HIS A 214 . ? 1_555 ? 
16 AC2 21 ILE A 76  ? ILE A 215 . ? 1_555 ? 
17 AC2 21 ILE A 77  ? ILE A 216 . ? 1_555 ? 
18 AC2 21 ARG A 81  ? ARG A 220 . ? 1_555 ? 
19 AC2 21 THR A 84  ? THR A 223 . ? 1_555 ? 
20 AC2 21 LEU A 97  ? LEU A 236 . ? 1_555 ? 
21 AC2 21 ILE A 99  ? ILE A 238 . ? 1_555 ? 
22 AC2 21 PHE A 110 ? PHE A 249 . ? 1_555 ? 
23 AC2 21 GLY A 112 ? GLY A 251 . ? 1_555 ? 
24 AC2 21 NO  B .   ? NO  A 500 . ? 1_555 ? 
25 AC2 21 HOH D .   ? HOH A 730 . ? 1_555 ? 
# 
loop_
_pdbx_validate_torsion.id 
_pdbx_validate_torsion.PDB_model_num 
_pdbx_validate_torsion.auth_comp_id 
_pdbx_validate_torsion.auth_asym_id 
_pdbx_validate_torsion.auth_seq_id 
_pdbx_validate_torsion.PDB_ins_code 
_pdbx_validate_torsion.label_alt_id 
_pdbx_validate_torsion.phi 
_pdbx_validate_torsion.psi 
1 1 ASP A 154 ? ? 86.47   -176.07 
2 1 ILE A 215 ? ? -136.87 -31.69  
3 1 ILE A 218 ? ? -136.45 -45.75  
4 1 ARG A 220 ? ? -177.16 147.99  
# 
loop_
_pdbx_unobs_or_zero_occ_residues.id 
_pdbx_unobs_or_zero_occ_residues.PDB_model_num 
_pdbx_unobs_or_zero_occ_residues.polymer_flag 
_pdbx_unobs_or_zero_occ_residues.occupancy_flag 
_pdbx_unobs_or_zero_occ_residues.auth_asym_id 
_pdbx_unobs_or_zero_occ_residues.auth_comp_id 
_pdbx_unobs_or_zero_occ_residues.auth_seq_id 
_pdbx_unobs_or_zero_occ_residues.PDB_ins_code 
_pdbx_unobs_or_zero_occ_residues.label_asym_id 
_pdbx_unobs_or_zero_occ_residues.label_comp_id 
_pdbx_unobs_or_zero_occ_residues.label_seq_id 
1  1 Y 1 A MET 140 ? A MET 1  
2  1 Y 1 A ARG 141 ? A ARG 2  
3  1 Y 1 A GLU 142 ? A GLU 3  
4  1 Y 1 A THR 143 ? A THR 4  
5  1 Y 1 A HIS 144 ? A HIS 5  
6  1 Y 1 A LEU 145 ? A LEU 6  
7  1 Y 1 A ARG 146 ? A ARG 7  
8  1 Y 1 A SER 147 ? A SER 8  
9  1 Y 1 A ILE 148 ? A ILE 9  
10 1 Y 1 A LEU 149 ? A LEU 10 
11 1 Y 1 A HIS 150 ? A HIS 11 
12 1 Y 1 A THR 151 ? A THR 12 
13 1 Y 1 A ILE 152 ? A ILE 13 
# 
loop_
_chem_comp_atom.comp_id 
_chem_comp_atom.atom_id 
_chem_comp_atom.type_symbol 
_chem_comp_atom.pdbx_aromatic_flag 
_chem_comp_atom.pdbx_stereo_config 
_chem_comp_atom.pdbx_ordinal 
ALA N    N  N N 1   
ALA CA   C  N S 2   
ALA C    C  N N 3   
ALA O    O  N N 4   
ALA CB   C  N N 5   
ALA OXT  O  N N 6   
ALA H    H  N N 7   
ALA H2   H  N N 8   
ALA HA   H  N N 9   
ALA HB1  H  N N 10  
ALA HB2  H  N N 11  
ALA HB3  H  N N 12  
ALA HXT  H  N N 13  
ARG N    N  N N 14  
ARG CA   C  N S 15  
ARG C    C  N N 16  
ARG O    O  N N 17  
ARG CB   C  N N 18  
ARG CG   C  N N 19  
ARG CD   C  N N 20  
ARG NE   N  N N 21  
ARG CZ   C  N N 22  
ARG NH1  N  N N 23  
ARG NH2  N  N N 24  
ARG OXT  O  N N 25  
ARG H    H  N N 26  
ARG H2   H  N N 27  
ARG HA   H  N N 28  
ARG HB2  H  N N 29  
ARG HB3  H  N N 30  
ARG HG2  H  N N 31  
ARG HG3  H  N N 32  
ARG HD2  H  N N 33  
ARG HD3  H  N N 34  
ARG HE   H  N N 35  
ARG HH11 H  N N 36  
ARG HH12 H  N N 37  
ARG HH21 H  N N 38  
ARG HH22 H  N N 39  
ARG HXT  H  N N 40  
ASN N    N  N N 41  
ASN CA   C  N S 42  
ASN C    C  N N 43  
ASN O    O  N N 44  
ASN CB   C  N N 45  
ASN CG   C  N N 46  
ASN OD1  O  N N 47  
ASN ND2  N  N N 48  
ASN OXT  O  N N 49  
ASN H    H  N N 50  
ASN H2   H  N N 51  
ASN HA   H  N N 52  
ASN HB2  H  N N 53  
ASN HB3  H  N N 54  
ASN HD21 H  N N 55  
ASN HD22 H  N N 56  
ASN HXT  H  N N 57  
ASP N    N  N N 58  
ASP CA   C  N S 59  
ASP C    C  N N 60  
ASP O    O  N N 61  
ASP CB   C  N N 62  
ASP CG   C  N N 63  
ASP OD1  O  N N 64  
ASP OD2  O  N N 65  
ASP OXT  O  N N 66  
ASP H    H  N N 67  
ASP H2   H  N N 68  
ASP HA   H  N N 69  
ASP HB2  H  N N 70  
ASP HB3  H  N N 71  
ASP HD2  H  N N 72  
ASP HXT  H  N N 73  
GLN N    N  N N 74  
GLN CA   C  N S 75  
GLN C    C  N N 76  
GLN O    O  N N 77  
GLN CB   C  N N 78  
GLN CG   C  N N 79  
GLN CD   C  N N 80  
GLN OE1  O  N N 81  
GLN NE2  N  N N 82  
GLN OXT  O  N N 83  
GLN H    H  N N 84  
GLN H2   H  N N 85  
GLN HA   H  N N 86  
GLN HB2  H  N N 87  
GLN HB3  H  N N 88  
GLN HG2  H  N N 89  
GLN HG3  H  N N 90  
GLN HE21 H  N N 91  
GLN HE22 H  N N 92  
GLN HXT  H  N N 93  
GLU N    N  N N 94  
GLU CA   C  N S 95  
GLU C    C  N N 96  
GLU O    O  N N 97  
GLU CB   C  N N 98  
GLU CG   C  N N 99  
GLU CD   C  N N 100 
GLU OE1  O  N N 101 
GLU OE2  O  N N 102 
GLU OXT  O  N N 103 
GLU H    H  N N 104 
GLU H2   H  N N 105 
GLU HA   H  N N 106 
GLU HB2  H  N N 107 
GLU HB3  H  N N 108 
GLU HG2  H  N N 109 
GLU HG3  H  N N 110 
GLU HE2  H  N N 111 
GLU HXT  H  N N 112 
GLY N    N  N N 113 
GLY CA   C  N N 114 
GLY C    C  N N 115 
GLY O    O  N N 116 
GLY OXT  O  N N 117 
GLY H    H  N N 118 
GLY H2   H  N N 119 
GLY HA2  H  N N 120 
GLY HA3  H  N N 121 
GLY HXT  H  N N 122 
HEM CHA  C  N N 123 
HEM CHB  C  N N 124 
HEM CHC  C  N N 125 
HEM CHD  C  N N 126 
HEM C1A  C  Y N 127 
HEM C2A  C  Y N 128 
HEM C3A  C  Y N 129 
HEM C4A  C  Y N 130 
HEM CMA  C  N N 131 
HEM CAA  C  N N 132 
HEM CBA  C  N N 133 
HEM CGA  C  N N 134 
HEM O1A  O  N N 135 
HEM O2A  O  N N 136 
HEM C1B  C  N N 137 
HEM C2B  C  N N 138 
HEM C3B  C  N N 139 
HEM C4B  C  N N 140 
HEM CMB  C  N N 141 
HEM CAB  C  N N 142 
HEM CBB  C  N N 143 
HEM C1C  C  Y N 144 
HEM C2C  C  Y N 145 
HEM C3C  C  Y N 146 
HEM C4C  C  Y N 147 
HEM CMC  C  N N 148 
HEM CAC  C  N N 149 
HEM CBC  C  N N 150 
HEM C1D  C  N N 151 
HEM C2D  C  N N 152 
HEM C3D  C  N N 153 
HEM C4D  C  N N 154 
HEM CMD  C  N N 155 
HEM CAD  C  N N 156 
HEM CBD  C  N N 157 
HEM CGD  C  N N 158 
HEM O1D  O  N N 159 
HEM O2D  O  N N 160 
HEM NA   N  Y N 161 
HEM NB   N  N N 162 
HEM NC   N  Y N 163 
HEM ND   N  N N 164 
HEM FE   FE N N 165 
HEM HHB  H  N N 166 
HEM HHC  H  N N 167 
HEM HHD  H  N N 168 
HEM HMA  H  N N 169 
HEM HMAA H  N N 170 
HEM HMAB H  N N 171 
HEM HAA  H  N N 172 
HEM HAAA H  N N 173 
HEM HBA  H  N N 174 
HEM HBAA H  N N 175 
HEM HMB  H  N N 176 
HEM HMBA H  N N 177 
HEM HMBB H  N N 178 
HEM HAB  H  N N 179 
HEM HBB  H  N N 180 
HEM HBBA H  N N 181 
HEM HMC  H  N N 182 
HEM HMCA H  N N 183 
HEM HMCB H  N N 184 
HEM HAC  H  N N 185 
HEM HBC  H  N N 186 
HEM HBCA H  N N 187 
HEM HMD  H  N N 188 
HEM HMDA H  N N 189 
HEM HMDB H  N N 190 
HEM HAD  H  N N 191 
HEM HADA H  N N 192 
HEM HBD  H  N N 193 
HEM HBDA H  N N 194 
HEM H2A  H  N N 195 
HEM H2D  H  N N 196 
HEM HHA  H  N N 197 
HIS N    N  N N 198 
HIS CA   C  N S 199 
HIS C    C  N N 200 
HIS O    O  N N 201 
HIS CB   C  N N 202 
HIS CG   C  Y N 203 
HIS ND1  N  Y N 204 
HIS CD2  C  Y N 205 
HIS CE1  C  Y N 206 
HIS NE2  N  Y N 207 
HIS OXT  O  N N 208 
HIS H    H  N N 209 
HIS H2   H  N N 210 
HIS HA   H  N N 211 
HIS HB2  H  N N 212 
HIS HB3  H  N N 213 
HIS HD1  H  N N 214 
HIS HD2  H  N N 215 
HIS HE1  H  N N 216 
HIS HE2  H  N N 217 
HIS HXT  H  N N 218 
HOH O    O  N N 219 
HOH H1   H  N N 220 
HOH H2   H  N N 221 
ILE N    N  N N 222 
ILE CA   C  N S 223 
ILE C    C  N N 224 
ILE O    O  N N 225 
ILE CB   C  N S 226 
ILE CG1  C  N N 227 
ILE CG2  C  N N 228 
ILE CD1  C  N N 229 
ILE OXT  O  N N 230 
ILE H    H  N N 231 
ILE H2   H  N N 232 
ILE HA   H  N N 233 
ILE HB   H  N N 234 
ILE HG12 H  N N 235 
ILE HG13 H  N N 236 
ILE HG21 H  N N 237 
ILE HG22 H  N N 238 
ILE HG23 H  N N 239 
ILE HD11 H  N N 240 
ILE HD12 H  N N 241 
ILE HD13 H  N N 242 
ILE HXT  H  N N 243 
LEU N    N  N N 244 
LEU CA   C  N S 245 
LEU C    C  N N 246 
LEU O    O  N N 247 
LEU CB   C  N N 248 
LEU CG   C  N N 249 
LEU CD1  C  N N 250 
LEU CD2  C  N N 251 
LEU OXT  O  N N 252 
LEU H    H  N N 253 
LEU H2   H  N N 254 
LEU HA   H  N N 255 
LEU HB2  H  N N 256 
LEU HB3  H  N N 257 
LEU HG   H  N N 258 
LEU HD11 H  N N 259 
LEU HD12 H  N N 260 
LEU HD13 H  N N 261 
LEU HD21 H  N N 262 
LEU HD22 H  N N 263 
LEU HD23 H  N N 264 
LEU HXT  H  N N 265 
LYS N    N  N N 266 
LYS CA   C  N S 267 
LYS C    C  N N 268 
LYS O    O  N N 269 
LYS CB   C  N N 270 
LYS CG   C  N N 271 
LYS CD   C  N N 272 
LYS CE   C  N N 273 
LYS NZ   N  N N 274 
LYS OXT  O  N N 275 
LYS H    H  N N 276 
LYS H2   H  N N 277 
LYS HA   H  N N 278 
LYS HB2  H  N N 279 
LYS HB3  H  N N 280 
LYS HG2  H  N N 281 
LYS HG3  H  N N 282 
LYS HD2  H  N N 283 
LYS HD3  H  N N 284 
LYS HE2  H  N N 285 
LYS HE3  H  N N 286 
LYS HZ1  H  N N 287 
LYS HZ2  H  N N 288 
LYS HZ3  H  N N 289 
LYS HXT  H  N N 290 
MET N    N  N N 291 
MET CA   C  N S 292 
MET C    C  N N 293 
MET O    O  N N 294 
MET CB   C  N N 295 
MET CG   C  N N 296 
MET SD   S  N N 297 
MET CE   C  N N 298 
MET OXT  O  N N 299 
MET H    H  N N 300 
MET H2   H  N N 301 
MET HA   H  N N 302 
MET HB2  H  N N 303 
MET HB3  H  N N 304 
MET HG2  H  N N 305 
MET HG3  H  N N 306 
MET HE1  H  N N 307 
MET HE2  H  N N 308 
MET HE3  H  N N 309 
MET HXT  H  N N 310 
NO  N    N  N N 311 
NO  O    O  N N 312 
PHE N    N  N N 313 
PHE CA   C  N S 314 
PHE C    C  N N 315 
PHE O    O  N N 316 
PHE CB   C  N N 317 
PHE CG   C  Y N 318 
PHE CD1  C  Y N 319 
PHE CD2  C  Y N 320 
PHE CE1  C  Y N 321 
PHE CE2  C  Y N 322 
PHE CZ   C  Y N 323 
PHE OXT  O  N N 324 
PHE H    H  N N 325 
PHE H2   H  N N 326 
PHE HA   H  N N 327 
PHE HB2  H  N N 328 
PHE HB3  H  N N 329 
PHE HD1  H  N N 330 
PHE HD2  H  N N 331 
PHE HE1  H  N N 332 
PHE HE2  H  N N 333 
PHE HZ   H  N N 334 
PHE HXT  H  N N 335 
PRO N    N  N N 336 
PRO CA   C  N S 337 
PRO C    C  N N 338 
PRO O    O  N N 339 
PRO CB   C  N N 340 
PRO CG   C  N N 341 
PRO CD   C  N N 342 
PRO OXT  O  N N 343 
PRO H    H  N N 344 
PRO HA   H  N N 345 
PRO HB2  H  N N 346 
PRO HB3  H  N N 347 
PRO HG2  H  N N 348 
PRO HG3  H  N N 349 
PRO HD2  H  N N 350 
PRO HD3  H  N N 351 
PRO HXT  H  N N 352 
SER N    N  N N 353 
SER CA   C  N S 354 
SER C    C  N N 355 
SER O    O  N N 356 
SER CB   C  N N 357 
SER OG   O  N N 358 
SER OXT  O  N N 359 
SER H    H  N N 360 
SER H2   H  N N 361 
SER HA   H  N N 362 
SER HB2  H  N N 363 
SER HB3  H  N N 364 
SER HG   H  N N 365 
SER HXT  H  N N 366 
THR N    N  N N 367 
THR CA   C  N S 368 
THR C    C  N N 369 
THR O    O  N N 370 
THR CB   C  N R 371 
THR OG1  O  N N 372 
THR CG2  C  N N 373 
THR OXT  O  N N 374 
THR H    H  N N 375 
THR H2   H  N N 376 
THR HA   H  N N 377 
THR HB   H  N N 378 
THR HG1  H  N N 379 
THR HG21 H  N N 380 
THR HG22 H  N N 381 
THR HG23 H  N N 382 
THR HXT  H  N N 383 
TRP N    N  N N 384 
TRP CA   C  N S 385 
TRP C    C  N N 386 
TRP O    O  N N 387 
TRP CB   C  N N 388 
TRP CG   C  Y N 389 
TRP CD1  C  Y N 390 
TRP CD2  C  Y N 391 
TRP NE1  N  Y N 392 
TRP CE2  C  Y N 393 
TRP CE3  C  Y N 394 
TRP CZ2  C  Y N 395 
TRP CZ3  C  Y N 396 
TRP CH2  C  Y N 397 
TRP OXT  O  N N 398 
TRP H    H  N N 399 
TRP H2   H  N N 400 
TRP HA   H  N N 401 
TRP HB2  H  N N 402 
TRP HB3  H  N N 403 
TRP HD1  H  N N 404 
TRP HE1  H  N N 405 
TRP HE3  H  N N 406 
TRP HZ2  H  N N 407 
TRP HZ3  H  N N 408 
TRP HH2  H  N N 409 
TRP HXT  H  N N 410 
TYR N    N  N N 411 
TYR CA   C  N S 412 
TYR C    C  N N 413 
TYR O    O  N N 414 
TYR CB   C  N N 415 
TYR CG   C  Y N 416 
TYR CD1  C  Y N 417 
TYR CD2  C  Y N 418 
TYR CE1  C  Y N 419 
TYR CE2  C  Y N 420 
TYR CZ   C  Y N 421 
TYR OH   O  N N 422 
TYR OXT  O  N N 423 
TYR H    H  N N 424 
TYR H2   H  N N 425 
TYR HA   H  N N 426 
TYR HB2  H  N N 427 
TYR HB3  H  N N 428 
TYR HD1  H  N N 429 
TYR HD2  H  N N 430 
TYR HE1  H  N N 431 
TYR HE2  H  N N 432 
TYR HH   H  N N 433 
TYR HXT  H  N N 434 
VAL N    N  N N 435 
VAL CA   C  N S 436 
VAL C    C  N N 437 
VAL O    O  N N 438 
VAL CB   C  N N 439 
VAL CG1  C  N N 440 
VAL CG2  C  N N 441 
VAL OXT  O  N N 442 
VAL H    H  N N 443 
VAL H2   H  N N 444 
VAL HA   H  N N 445 
VAL HB   H  N N 446 
VAL HG11 H  N N 447 
VAL HG12 H  N N 448 
VAL HG13 H  N N 449 
VAL HG21 H  N N 450 
VAL HG22 H  N N 451 
VAL HG23 H  N N 452 
VAL HXT  H  N N 453 
# 
loop_
_chem_comp_bond.comp_id 
_chem_comp_bond.atom_id_1 
_chem_comp_bond.atom_id_2 
_chem_comp_bond.value_order 
_chem_comp_bond.pdbx_aromatic_flag 
_chem_comp_bond.pdbx_stereo_config 
_chem_comp_bond.pdbx_ordinal 
ALA N   CA   sing N N 1   
ALA N   H    sing N N 2   
ALA N   H2   sing N N 3   
ALA CA  C    sing N N 4   
ALA CA  CB   sing N N 5   
ALA CA  HA   sing N N 6   
ALA C   O    doub N N 7   
ALA C   OXT  sing N N 8   
ALA CB  HB1  sing N N 9   
ALA CB  HB2  sing N N 10  
ALA CB  HB3  sing N N 11  
ALA OXT HXT  sing N N 12  
ARG N   CA   sing N N 13  
ARG N   H    sing N N 14  
ARG N   H2   sing N N 15  
ARG CA  C    sing N N 16  
ARG CA  CB   sing N N 17  
ARG CA  HA   sing N N 18  
ARG C   O    doub N N 19  
ARG C   OXT  sing N N 20  
ARG CB  CG   sing N N 21  
ARG CB  HB2  sing N N 22  
ARG CB  HB3  sing N N 23  
ARG CG  CD   sing N N 24  
ARG CG  HG2  sing N N 25  
ARG CG  HG3  sing N N 26  
ARG CD  NE   sing N N 27  
ARG CD  HD2  sing N N 28  
ARG CD  HD3  sing N N 29  
ARG NE  CZ   sing N N 30  
ARG NE  HE   sing N N 31  
ARG CZ  NH1  sing N N 32  
ARG CZ  NH2  doub N N 33  
ARG NH1 HH11 sing N N 34  
ARG NH1 HH12 sing N N 35  
ARG NH2 HH21 sing N N 36  
ARG NH2 HH22 sing N N 37  
ARG OXT HXT  sing N N 38  
ASN N   CA   sing N N 39  
ASN N   H    sing N N 40  
ASN N   H2   sing N N 41  
ASN CA  C    sing N N 42  
ASN CA  CB   sing N N 43  
ASN CA  HA   sing N N 44  
ASN C   O    doub N N 45  
ASN C   OXT  sing N N 46  
ASN CB  CG   sing N N 47  
ASN CB  HB2  sing N N 48  
ASN CB  HB3  sing N N 49  
ASN CG  OD1  doub N N 50  
ASN CG  ND2  sing N N 51  
ASN ND2 HD21 sing N N 52  
ASN ND2 HD22 sing N N 53  
ASN OXT HXT  sing N N 54  
ASP N   CA   sing N N 55  
ASP N   H    sing N N 56  
ASP N   H2   sing N N 57  
ASP CA  C    sing N N 58  
ASP CA  CB   sing N N 59  
ASP CA  HA   sing N N 60  
ASP C   O    doub N N 61  
ASP C   OXT  sing N N 62  
ASP CB  CG   sing N N 63  
ASP CB  HB2  sing N N 64  
ASP CB  HB3  sing N N 65  
ASP CG  OD1  doub N N 66  
ASP CG  OD2  sing N N 67  
ASP OD2 HD2  sing N N 68  
ASP OXT HXT  sing N N 69  
GLN N   CA   sing N N 70  
GLN N   H    sing N N 71  
GLN N   H2   sing N N 72  
GLN CA  C    sing N N 73  
GLN CA  CB   sing N N 74  
GLN CA  HA   sing N N 75  
GLN C   O    doub N N 76  
GLN C   OXT  sing N N 77  
GLN CB  CG   sing N N 78  
GLN CB  HB2  sing N N 79  
GLN CB  HB3  sing N N 80  
GLN CG  CD   sing N N 81  
GLN CG  HG2  sing N N 82  
GLN CG  HG3  sing N N 83  
GLN CD  OE1  doub N N 84  
GLN CD  NE2  sing N N 85  
GLN NE2 HE21 sing N N 86  
GLN NE2 HE22 sing N N 87  
GLN OXT HXT  sing N N 88  
GLU N   CA   sing N N 89  
GLU N   H    sing N N 90  
GLU N   H2   sing N N 91  
GLU CA  C    sing N N 92  
GLU CA  CB   sing N N 93  
GLU CA  HA   sing N N 94  
GLU C   O    doub N N 95  
GLU C   OXT  sing N N 96  
GLU CB  CG   sing N N 97  
GLU CB  HB2  sing N N 98  
GLU CB  HB3  sing N N 99  
GLU CG  CD   sing N N 100 
GLU CG  HG2  sing N N 101 
GLU CG  HG3  sing N N 102 
GLU CD  OE1  doub N N 103 
GLU CD  OE2  sing N N 104 
GLU OE2 HE2  sing N N 105 
GLU OXT HXT  sing N N 106 
GLY N   CA   sing N N 107 
GLY N   H    sing N N 108 
GLY N   H2   sing N N 109 
GLY CA  C    sing N N 110 
GLY CA  HA2  sing N N 111 
GLY CA  HA3  sing N N 112 
GLY C   O    doub N N 113 
GLY C   OXT  sing N N 114 
GLY OXT HXT  sing N N 115 
HEM CHA C1A  sing N N 116 
HEM CHA C4D  doub N N 117 
HEM CHA HHA  sing N N 118 
HEM CHB C4A  sing N N 119 
HEM CHB C1B  doub N N 120 
HEM CHB HHB  sing N N 121 
HEM CHC C4B  sing N N 122 
HEM CHC C1C  doub N N 123 
HEM CHC HHC  sing N N 124 
HEM CHD C4C  doub N N 125 
HEM CHD C1D  sing N N 126 
HEM CHD HHD  sing N N 127 
HEM C1A C2A  doub Y N 128 
HEM C1A NA   sing Y N 129 
HEM C2A C3A  sing Y N 130 
HEM C2A CAA  sing N N 131 
HEM C3A C4A  doub Y N 132 
HEM C3A CMA  sing N N 133 
HEM C4A NA   sing Y N 134 
HEM CMA HMA  sing N N 135 
HEM CMA HMAA sing N N 136 
HEM CMA HMAB sing N N 137 
HEM CAA CBA  sing N N 138 
HEM CAA HAA  sing N N 139 
HEM CAA HAAA sing N N 140 
HEM CBA CGA  sing N N 141 
HEM CBA HBA  sing N N 142 
HEM CBA HBAA sing N N 143 
HEM CGA O1A  doub N N 144 
HEM CGA O2A  sing N N 145 
HEM C1B C2B  sing N N 146 
HEM C1B NB   sing N N 147 
HEM C2B C3B  doub N N 148 
HEM C2B CMB  sing N N 149 
HEM C3B C4B  sing N N 150 
HEM C3B CAB  sing N N 151 
HEM C4B NB   doub N N 152 
HEM CMB HMB  sing N N 153 
HEM CMB HMBA sing N N 154 
HEM CMB HMBB sing N N 155 
HEM CAB CBB  doub N N 156 
HEM CAB HAB  sing N N 157 
HEM CBB HBB  sing N N 158 
HEM CBB HBBA sing N N 159 
HEM C1C C2C  sing Y N 160 
HEM C1C NC   sing Y N 161 
HEM C2C C3C  doub Y N 162 
HEM C2C CMC  sing N N 163 
HEM C3C C4C  sing Y N 164 
HEM C3C CAC  sing N N 165 
HEM C4C NC   sing Y N 166 
HEM CMC HMC  sing N N 167 
HEM CMC HMCA sing N N 168 
HEM CMC HMCB sing N N 169 
HEM CAC CBC  doub N N 170 
HEM CAC HAC  sing N N 171 
HEM CBC HBC  sing N N 172 
HEM CBC HBCA sing N N 173 
HEM C1D C2D  sing N N 174 
HEM C1D ND   doub N N 175 
HEM C2D C3D  doub N N 176 
HEM C2D CMD  sing N N 177 
HEM C3D C4D  sing N N 178 
HEM C3D CAD  sing N N 179 
HEM C4D ND   sing N N 180 
HEM CMD HMD  sing N N 181 
HEM CMD HMDA sing N N 182 
HEM CMD HMDB sing N N 183 
HEM CAD CBD  sing N N 184 
HEM CAD HAD  sing N N 185 
HEM CAD HADA sing N N 186 
HEM CBD CGD  sing N N 187 
HEM CBD HBD  sing N N 188 
HEM CBD HBDA sing N N 189 
HEM CGD O1D  doub N N 190 
HEM CGD O2D  sing N N 191 
HEM O2A H2A  sing N N 192 
HEM O2D H2D  sing N N 193 
HEM FE  NA   sing N N 194 
HEM FE  NB   sing N N 195 
HEM FE  NC   sing N N 196 
HEM FE  ND   sing N N 197 
HIS N   CA   sing N N 198 
HIS N   H    sing N N 199 
HIS N   H2   sing N N 200 
HIS CA  C    sing N N 201 
HIS CA  CB   sing N N 202 
HIS CA  HA   sing N N 203 
HIS C   O    doub N N 204 
HIS C   OXT  sing N N 205 
HIS CB  CG   sing N N 206 
HIS CB  HB2  sing N N 207 
HIS CB  HB3  sing N N 208 
HIS CG  ND1  sing Y N 209 
HIS CG  CD2  doub Y N 210 
HIS ND1 CE1  doub Y N 211 
HIS ND1 HD1  sing N N 212 
HIS CD2 NE2  sing Y N 213 
HIS CD2 HD2  sing N N 214 
HIS CE1 NE2  sing Y N 215 
HIS CE1 HE1  sing N N 216 
HIS NE2 HE2  sing N N 217 
HIS OXT HXT  sing N N 218 
HOH O   H1   sing N N 219 
HOH O   H2   sing N N 220 
ILE N   CA   sing N N 221 
ILE N   H    sing N N 222 
ILE N   H2   sing N N 223 
ILE CA  C    sing N N 224 
ILE CA  CB   sing N N 225 
ILE CA  HA   sing N N 226 
ILE C   O    doub N N 227 
ILE C   OXT  sing N N 228 
ILE CB  CG1  sing N N 229 
ILE CB  CG2  sing N N 230 
ILE CB  HB   sing N N 231 
ILE CG1 CD1  sing N N 232 
ILE CG1 HG12 sing N N 233 
ILE CG1 HG13 sing N N 234 
ILE CG2 HG21 sing N N 235 
ILE CG2 HG22 sing N N 236 
ILE CG2 HG23 sing N N 237 
ILE CD1 HD11 sing N N 238 
ILE CD1 HD12 sing N N 239 
ILE CD1 HD13 sing N N 240 
ILE OXT HXT  sing N N 241 
LEU N   CA   sing N N 242 
LEU N   H    sing N N 243 
LEU N   H2   sing N N 244 
LEU CA  C    sing N N 245 
LEU CA  CB   sing N N 246 
LEU CA  HA   sing N N 247 
LEU C   O    doub N N 248 
LEU C   OXT  sing N N 249 
LEU CB  CG   sing N N 250 
LEU CB  HB2  sing N N 251 
LEU CB  HB3  sing N N 252 
LEU CG  CD1  sing N N 253 
LEU CG  CD2  sing N N 254 
LEU CG  HG   sing N N 255 
LEU CD1 HD11 sing N N 256 
LEU CD1 HD12 sing N N 257 
LEU CD1 HD13 sing N N 258 
LEU CD2 HD21 sing N N 259 
LEU CD2 HD22 sing N N 260 
LEU CD2 HD23 sing N N 261 
LEU OXT HXT  sing N N 262 
LYS N   CA   sing N N 263 
LYS N   H    sing N N 264 
LYS N   H2   sing N N 265 
LYS CA  C    sing N N 266 
LYS CA  CB   sing N N 267 
LYS CA  HA   sing N N 268 
LYS C   O    doub N N 269 
LYS C   OXT  sing N N 270 
LYS CB  CG   sing N N 271 
LYS CB  HB2  sing N N 272 
LYS CB  HB3  sing N N 273 
LYS CG  CD   sing N N 274 
LYS CG  HG2  sing N N 275 
LYS CG  HG3  sing N N 276 
LYS CD  CE   sing N N 277 
LYS CD  HD2  sing N N 278 
LYS CD  HD3  sing N N 279 
LYS CE  NZ   sing N N 280 
LYS CE  HE2  sing N N 281 
LYS CE  HE3  sing N N 282 
LYS NZ  HZ1  sing N N 283 
LYS NZ  HZ2  sing N N 284 
LYS NZ  HZ3  sing N N 285 
LYS OXT HXT  sing N N 286 
MET N   CA   sing N N 287 
MET N   H    sing N N 288 
MET N   H2   sing N N 289 
MET CA  C    sing N N 290 
MET CA  CB   sing N N 291 
MET CA  HA   sing N N 292 
MET C   O    doub N N 293 
MET C   OXT  sing N N 294 
MET CB  CG   sing N N 295 
MET CB  HB2  sing N N 296 
MET CB  HB3  sing N N 297 
MET CG  SD   sing N N 298 
MET CG  HG2  sing N N 299 
MET CG  HG3  sing N N 300 
MET SD  CE   sing N N 301 
MET CE  HE1  sing N N 302 
MET CE  HE2  sing N N 303 
MET CE  HE3  sing N N 304 
MET OXT HXT  sing N N 305 
NO  N   O    doub N N 306 
PHE N   CA   sing N N 307 
PHE N   H    sing N N 308 
PHE N   H2   sing N N 309 
PHE CA  C    sing N N 310 
PHE CA  CB   sing N N 311 
PHE CA  HA   sing N N 312 
PHE C   O    doub N N 313 
PHE C   OXT  sing N N 314 
PHE CB  CG   sing N N 315 
PHE CB  HB2  sing N N 316 
PHE CB  HB3  sing N N 317 
PHE CG  CD1  doub Y N 318 
PHE CG  CD2  sing Y N 319 
PHE CD1 CE1  sing Y N 320 
PHE CD1 HD1  sing N N 321 
PHE CD2 CE2  doub Y N 322 
PHE CD2 HD2  sing N N 323 
PHE CE1 CZ   doub Y N 324 
PHE CE1 HE1  sing N N 325 
PHE CE2 CZ   sing Y N 326 
PHE CE2 HE2  sing N N 327 
PHE CZ  HZ   sing N N 328 
PHE OXT HXT  sing N N 329 
PRO N   CA   sing N N 330 
PRO N   CD   sing N N 331 
PRO N   H    sing N N 332 
PRO CA  C    sing N N 333 
PRO CA  CB   sing N N 334 
PRO CA  HA   sing N N 335 
PRO C   O    doub N N 336 
PRO C   OXT  sing N N 337 
PRO CB  CG   sing N N 338 
PRO CB  HB2  sing N N 339 
PRO CB  HB3  sing N N 340 
PRO CG  CD   sing N N 341 
PRO CG  HG2  sing N N 342 
PRO CG  HG3  sing N N 343 
PRO CD  HD2  sing N N 344 
PRO CD  HD3  sing N N 345 
PRO OXT HXT  sing N N 346 
SER N   CA   sing N N 347 
SER N   H    sing N N 348 
SER N   H2   sing N N 349 
SER CA  C    sing N N 350 
SER CA  CB   sing N N 351 
SER CA  HA   sing N N 352 
SER C   O    doub N N 353 
SER C   OXT  sing N N 354 
SER CB  OG   sing N N 355 
SER CB  HB2  sing N N 356 
SER CB  HB3  sing N N 357 
SER OG  HG   sing N N 358 
SER OXT HXT  sing N N 359 
THR N   CA   sing N N 360 
THR N   H    sing N N 361 
THR N   H2   sing N N 362 
THR CA  C    sing N N 363 
THR CA  CB   sing N N 364 
THR CA  HA   sing N N 365 
THR C   O    doub N N 366 
THR C   OXT  sing N N 367 
THR CB  OG1  sing N N 368 
THR CB  CG2  sing N N 369 
THR CB  HB   sing N N 370 
THR OG1 HG1  sing N N 371 
THR CG2 HG21 sing N N 372 
THR CG2 HG22 sing N N 373 
THR CG2 HG23 sing N N 374 
THR OXT HXT  sing N N 375 
TRP N   CA   sing N N 376 
TRP N   H    sing N N 377 
TRP N   H2   sing N N 378 
TRP CA  C    sing N N 379 
TRP CA  CB   sing N N 380 
TRP CA  HA   sing N N 381 
TRP C   O    doub N N 382 
TRP C   OXT  sing N N 383 
TRP CB  CG   sing N N 384 
TRP CB  HB2  sing N N 385 
TRP CB  HB3  sing N N 386 
TRP CG  CD1  doub Y N 387 
TRP CG  CD2  sing Y N 388 
TRP CD1 NE1  sing Y N 389 
TRP CD1 HD1  sing N N 390 
TRP CD2 CE2  doub Y N 391 
TRP CD2 CE3  sing Y N 392 
TRP NE1 CE2  sing Y N 393 
TRP NE1 HE1  sing N N 394 
TRP CE2 CZ2  sing Y N 395 
TRP CE3 CZ3  doub Y N 396 
TRP CE3 HE3  sing N N 397 
TRP CZ2 CH2  doub Y N 398 
TRP CZ2 HZ2  sing N N 399 
TRP CZ3 CH2  sing Y N 400 
TRP CZ3 HZ3  sing N N 401 
TRP CH2 HH2  sing N N 402 
TRP OXT HXT  sing N N 403 
TYR N   CA   sing N N 404 
TYR N   H    sing N N 405 
TYR N   H2   sing N N 406 
TYR CA  C    sing N N 407 
TYR CA  CB   sing N N 408 
TYR CA  HA   sing N N 409 
TYR C   O    doub N N 410 
TYR C   OXT  sing N N 411 
TYR CB  CG   sing N N 412 
TYR CB  HB2  sing N N 413 
TYR CB  HB3  sing N N 414 
TYR CG  CD1  doub Y N 415 
TYR CG  CD2  sing Y N 416 
TYR CD1 CE1  sing Y N 417 
TYR CD1 HD1  sing N N 418 
TYR CD2 CE2  doub Y N 419 
TYR CD2 HD2  sing N N 420 
TYR CE1 CZ   doub Y N 421 
TYR CE1 HE1  sing N N 422 
TYR CE2 CZ   sing Y N 423 
TYR CE2 HE2  sing N N 424 
TYR CZ  OH   sing N N 425 
TYR OH  HH   sing N N 426 
TYR OXT HXT  sing N N 427 
VAL N   CA   sing N N 428 
VAL N   H    sing N N 429 
VAL N   H2   sing N N 430 
VAL CA  C    sing N N 431 
VAL CA  CB   sing N N 432 
VAL CA  HA   sing N N 433 
VAL C   O    doub N N 434 
VAL C   OXT  sing N N 435 
VAL CB  CG1  sing N N 436 
VAL CB  CG2  sing N N 437 
VAL CB  HB   sing N N 438 
VAL CG1 HG11 sing N N 439 
VAL CG1 HG12 sing N N 440 
VAL CG1 HG13 sing N N 441 
VAL CG2 HG21 sing N N 442 
VAL CG2 HG22 sing N N 443 
VAL CG2 HG23 sing N N 444 
VAL OXT HXT  sing N N 445 
# 
_atom_sites.entry_id                    1DP8 
_atom_sites.fract_transf_matrix[1][1]   0.00750977 
_atom_sites.fract_transf_matrix[1][2]   -0.00189986 
_atom_sites.fract_transf_matrix[1][3]   -0.00473958 
_atom_sites.fract_transf_matrix[2][1]   0.00219675 
_atom_sites.fract_transf_matrix[2][2]   -0.00863438 
_atom_sites.fract_transf_matrix[2][3]   -0.00175682 
_atom_sites.fract_transf_matrix[3][1]   -0.00903461 
_atom_sites.fract_transf_matrix[3][2]   0.00066863 
_atom_sites.fract_transf_matrix[3][3]   -0.01458318 
_atom_sites.fract_transf_vector[1]      0.673917 
_atom_sites.fract_transf_vector[2]      0.512820 
_atom_sites.fract_transf_vector[3]      0.618613 
# 
loop_
_atom_type.symbol 
C  
FE 
N  
O  
S  
# 
loop_
_atom_site.group_PDB 
_atom_site.id 
_atom_site.type_symbol 
_atom_site.label_atom_id 
_atom_site.label_alt_id 
_atom_site.label_comp_id 
_atom_site.label_asym_id 
_atom_site.label_entity_id 
_atom_site.label_seq_id 
_atom_site.pdbx_PDB_ins_code 
_atom_site.Cartn_x 
_atom_site.Cartn_y 
_atom_site.Cartn_z 
_atom_site.occupancy 
_atom_site.B_iso_or_equiv 
_atom_site.pdbx_formal_charge 
_atom_site.auth_seq_id 
_atom_site.auth_comp_id 
_atom_site.auth_asym_id 
_atom_site.auth_atom_id 
_atom_site.pdbx_PDB_model_num 
ATOM   1    N  N   . PRO A 1 14  ? -3.372  6.498   -13.787 1.00 48.31 ? 153 PRO A N   1 
ATOM   2    C  CA  . PRO A 1 14  ? -3.529  5.286   -12.943 1.00 47.04 ? 153 PRO A CA  1 
ATOM   3    C  C   . PRO A 1 14  ? -2.753  5.332   -11.621 1.00 45.94 ? 153 PRO A C   1 
ATOM   4    O  O   . PRO A 1 14  ? -3.349  5.488   -10.562 1.00 47.39 ? 153 PRO A O   1 
ATOM   5    C  CB  . PRO A 1 14  ? -3.067  4.102   -13.786 1.00 48.49 ? 153 PRO A CB  1 
ATOM   6    C  CG  . PRO A 1 14  ? -3.315  4.625   -15.219 1.00 47.98 ? 153 PRO A CG  1 
ATOM   7    C  CD  . PRO A 1 14  ? -2.912  6.110   -15.135 1.00 49.09 ? 153 PRO A CD  1 
ATOM   8    N  N   . ASP A 1 15  ? -1.427  5.221   -11.709 1.00 42.89 ? 154 ASP A N   1 
ATOM   9    C  CA  . ASP A 1 15  ? -0.518  5.197   -10.553 1.00 39.94 ? 154 ASP A CA  1 
ATOM   10   C  C   . ASP A 1 15  ? -0.445  3.736   -10.100 1.00 37.43 ? 154 ASP A C   1 
ATOM   11   O  O   . ASP A 1 15  ? -1.009  2.845   -10.771 1.00 37.54 ? 154 ASP A O   1 
ATOM   12   C  CB  . ASP A 1 15  ? -0.977  6.122   -9.406  1.00 42.06 ? 154 ASP A CB  1 
ATOM   13   C  CG  . ASP A 1 15  ? -0.861  7.613   -9.755  1.00 46.04 ? 154 ASP A CG  1 
ATOM   14   O  OD1 . ASP A 1 15  ? -0.280  7.937   -10.828 1.00 46.16 ? 154 ASP A OD1 1 
ATOM   15   O  OD2 . ASP A 1 15  ? -1.343  8.461   -8.954  1.00 43.80 ? 154 ASP A OD2 1 
ATOM   16   N  N   . ALA A 1 16  ? 0.260   3.455   -9.006  1.00 31.04 ? 155 ALA A N   1 
ATOM   17   C  CA  . ALA A 1 16  ? 0.355   2.072   -8.578  1.00 26.72 ? 155 ALA A CA  1 
ATOM   18   C  C   . ALA A 1 16  ? -0.977  1.605   -8.051  1.00 24.46 ? 155 ALA A C   1 
ATOM   19   O  O   . ALA A 1 16  ? -1.656  2.339   -7.343  1.00 24.75 ? 155 ALA A O   1 
ATOM   20   C  CB  . ALA A 1 16  ? 1.453   1.880   -7.535  1.00 24.73 ? 155 ALA A CB  1 
ATOM   21   N  N   . MET A 1 17  ? -1.390  0.417   -8.468  1.00 21.94 ? 156 MET A N   1 
ATOM   22   C  CA  . MET A 1 17  ? -2.631  -0.145  -7.989  1.00 21.08 ? 156 MET A CA  1 
ATOM   23   C  C   . MET A 1 17  ? -2.380  -1.611  -7.602  1.00 17.37 ? 156 MET A C   1 
ATOM   24   O  O   . MET A 1 17  ? -1.663  -2.325  -8.278  1.00 17.07 ? 156 MET A O   1 
ATOM   25   C  CB  . MET A 1 17  ? -3.776  0.037   -9.011  1.00 24.41 ? 156 MET A CB  1 
ATOM   26   C  CG  . MET A 1 17  ? -3.989  -1.083  -9.999  1.00 33.31 ? 156 MET A CG  1 
ATOM   27   S  SD  . MET A 1 17  ? -5.696  -1.728  -9.863  1.00 41.15 ? 156 MET A SD  1 
ATOM   28   C  CE  . MET A 1 17  ? -5.614  -2.140  -8.188  1.00 38.67 ? 156 MET A CE  1 
ATOM   29   N  N   . ILE A 1 18  ? -2.911  -2.012  -6.459  1.00 15.17 ? 157 ILE A N   1 
ATOM   30   C  CA  . ILE A 1 18  ? -2.742  -3.351  -5.932  1.00 12.32 ? 157 ILE A CA  1 
ATOM   31   C  C   . ILE A 1 18  ? -4.116  -3.810  -5.478  1.00 11.54 ? 157 ILE A C   1 
ATOM   32   O  O   . ILE A 1 18  ? -4.891  -2.997  -4.969  1.00 10.43 ? 157 ILE A O   1 
ATOM   33   C  CB  . ILE A 1 18  ? -1.815  -3.339  -4.638  1.00 11.45 ? 157 ILE A CB  1 
ATOM   34   C  CG1 . ILE A 1 18  ? -0.414  -2.813  -4.972  1.00 12.03 ? 157 ILE A CG1 1 
ATOM   35   C  CG2 . ILE A 1 18  ? -1.650  -4.738  -4.075  1.00 12.74 ? 157 ILE A CG2 1 
ATOM   36   C  CD1 . ILE A 1 18  ? -0.077  -1.520  -4.313  1.00 12.63 ? 157 ILE A CD1 1 
ATOM   37   N  N   . VAL A 1 19  ? -4.453  -5.066  -5.745  1.00 8.25  ? 158 VAL A N   1 
ATOM   38   C  CA  . VAL A 1 19  ? -5.702  -5.613  -5.242  1.00 6.26  ? 158 VAL A CA  1 
ATOM   39   C  C   . VAL A 1 19  ? -5.344  -6.790  -4.322  1.00 7.13  ? 158 VAL A C   1 
ATOM   40   O  O   . VAL A 1 19  ? -4.504  -7.646  -4.657  1.00 6.41  ? 158 VAL A O   1 
ATOM   41   C  CB  . VAL A 1 19  ? -6.667  -6.118  -6.338  1.00 4.82  ? 158 VAL A CB  1 
ATOM   42   C  CG1 . VAL A 1 19  ? -7.896  -6.714  -5.684  1.00 2.00  ? 158 VAL A CG1 1 
ATOM   43   C  CG2 . VAL A 1 19  ? -7.083  -4.976  -7.307  1.00 2.00  ? 158 VAL A CG2 1 
ATOM   44   N  N   . ILE A 1 20  ? -5.975  -6.845  -3.161  1.00 7.44  ? 159 ILE A N   1 
ATOM   45   C  CA  . ILE A 1 20  ? -5.690  -7.922  -2.255  1.00 10.55 ? 159 ILE A CA  1 
ATOM   46   C  C   . ILE A 1 20  ? -7.001  -8.575  -1.928  1.00 13.00 ? 159 ILE A C   1 
ATOM   47   O  O   . ILE A 1 20  ? -8.054  -7.960  -2.099  1.00 16.09 ? 159 ILE A O   1 
ATOM   48   C  CB  . ILE A 1 20  ? -5.016  -7.440  -0.946  1.00 6.81  ? 159 ILE A CB  1 
ATOM   49   C  CG1 . ILE A 1 20  ? -5.891  -6.381  -0.249  1.00 10.47 ? 159 ILE A CG1 1 
ATOM   50   C  CG2 . ILE A 1 20  ? -3.636  -6.949  -1.225  1.00 5.22  ? 159 ILE A CG2 1 
ATOM   51   C  CD1 . ILE A 1 20  ? -5.452  -5.960  1.134   1.00 6.42  ? 159 ILE A CD1 1 
ATOM   52   N  N   . ASP A 1 21  ? -6.942  -9.839  -1.523  1.00 15.78 ? 160 ASP A N   1 
ATOM   53   C  CA  . ASP A 1 21  ? -8.151  -10.548 -1.090  1.00 17.33 ? 160 ASP A CA  1 
ATOM   54   C  C   . ASP A 1 21  ? -8.332  -10.225 0.406   1.00 17.57 ? 160 ASP A C   1 
ATOM   55   O  O   . ASP A 1 21  ? -7.530  -9.470  0.983   1.00 19.89 ? 160 ASP A O   1 
ATOM   56   C  CB  . ASP A 1 21  ? -8.039  -12.071 -1.345  1.00 18.27 ? 160 ASP A CB  1 
ATOM   57   C  CG  . ASP A 1 21  ? -6.976  -12.765 -0.499  1.00 22.08 ? 160 ASP A CG  1 
ATOM   58   O  OD1 . ASP A 1 21  ? -6.349  -12.136 0.395   1.00 26.88 ? 160 ASP A OD1 1 
ATOM   59   O  OD2 . ASP A 1 21  ? -6.759  -13.978 -0.731  1.00 25.07 ? 160 ASP A OD2 1 
ATOM   60   N  N   . GLY A 1 22  ? -9.330  -10.834 1.045   1.00 18.15 ? 161 GLY A N   1 
ATOM   61   C  CA  . GLY A 1 22  ? -9.599  -10.589 2.454   1.00 16.86 ? 161 GLY A CA  1 
ATOM   62   C  C   . GLY A 1 22  ? -8.516  -10.965 3.457   1.00 18.59 ? 161 GLY A C   1 
ATOM   63   O  O   . GLY A 1 22  ? -8.666  -10.715 4.648   1.00 16.09 ? 161 GLY A O   1 
ATOM   64   N  N   . HIS A 1 23  ? -7.440  -11.587 2.988   1.00 19.42 ? 162 HIS A N   1 
ATOM   65   C  CA  . HIS A 1 23  ? -6.348  -12.006 3.854   1.00 19.81 ? 162 HIS A CA  1 
ATOM   66   C  C   . HIS A 1 23  ? -5.066  -11.185 3.684   1.00 17.32 ? 162 HIS A C   1 
ATOM   67   O  O   . HIS A 1 23  ? -4.087  -11.441 4.367   1.00 14.68 ? 162 HIS A O   1 
ATOM   68   C  CB  . HIS A 1 23  ? -6.027  -13.497 3.642   1.00 24.43 ? 162 HIS A CB  1 
ATOM   69   C  CG  . HIS A 1 23  ? -7.090  -14.423 4.153   1.00 30.53 ? 162 HIS A CG  1 
ATOM   70   N  ND1 . HIS A 1 23  ? -7.986  -14.064 5.140   1.00 30.74 ? 162 HIS A ND1 1 
ATOM   71   C  CD2 . HIS A 1 23  ? -7.414  -15.694 3.797   1.00 30.61 ? 162 HIS A CD2 1 
ATOM   72   C  CE1 . HIS A 1 23  ? -8.822  -15.064 5.365   1.00 32.03 ? 162 HIS A CE1 1 
ATOM   73   N  NE2 . HIS A 1 23  ? -8.496  -16.064 4.561   1.00 33.48 ? 162 HIS A NE2 1 
ATOM   74   N  N   . GLY A 1 24  ? -5.103  -10.201 2.783   1.00 14.00 ? 163 GLY A N   1 
ATOM   75   C  CA  . GLY A 1 24  ? -3.972  -9.335  2.521   1.00 7.67  ? 163 GLY A CA  1 
ATOM   76   C  C   . GLY A 1 24  ? -3.081  -9.855  1.426   1.00 10.58 ? 163 GLY A C   1 
ATOM   77   O  O   . GLY A 1 24  ? -2.023  -9.266  1.171   1.00 10.09 ? 163 GLY A O   1 
ATOM   78   N  N   . ILE A 1 25  ? -3.512  -10.916 0.737   1.00 8.80  ? 164 ILE A N   1 
ATOM   79   C  CA  . ILE A 1 25  ? -2.710  -11.526 -0.321  1.00 7.64  ? 164 ILE A CA  1 
ATOM   80   C  C   . ILE A 1 25  ? -2.981  -10.820 -1.629  1.00 9.72  ? 164 ILE A C   1 
ATOM   81   O  O   . ILE A 1 25  ? -4.136  -10.693 -2.034  1.00 10.58 ? 164 ILE A O   1 
ATOM   82   C  CB  . ILE A 1 25  ? -3.026  -13.079 -0.475  1.00 7.88  ? 164 ILE A CB  1 
ATOM   83   C  CG1 . ILE A 1 25  ? -2.855  -13.819 0.864   1.00 2.12  ? 164 ILE A CG1 1 
ATOM   84   C  CG2 . ILE A 1 25  ? -2.098  -13.699 -1.487  1.00 2.16  ? 164 ILE A CG2 1 
ATOM   85   C  CD1 . ILE A 1 25  ? -1.406  -13.931 1.334   1.00 2.90  ? 164 ILE A CD1 1 
ATOM   86   N  N   . ILE A 1 26  ? -1.906  -10.460 -2.319  1.00 10.77 ? 165 ILE A N   1 
ATOM   87   C  CA  . ILE A 1 26  ? -1.956  -9.739  -3.585  1.00 9.31  ? 165 ILE A CA  1 
ATOM   88   C  C   . ILE A 1 26  ? -2.450  -10.610 -4.733  1.00 10.57 ? 165 ILE A C   1 
ATOM   89   O  O   . ILE A 1 26  ? -1.842  -11.641 -5.011  1.00 11.31 ? 165 ILE A O   1 
ATOM   90   C  CB  . ILE A 1 26  ? -0.555  -9.227  -3.977  1.00 5.26  ? 165 ILE A CB  1 
ATOM   91   C  CG1 . ILE A 1 26  ? 0.050   -8.388  -2.850  1.00 3.19  ? 165 ILE A CG1 1 
ATOM   92   C  CG2 . ILE A 1 26  ? -0.591  -8.567  -5.367  1.00 2.00  ? 165 ILE A CG2 1 
ATOM   93   C  CD1 . ILE A 1 26  ? 1.516   -7.830  -3.149  1.00 2.00  ? 165 ILE A CD1 1 
ATOM   94   N  N   . GLN A 1 27  ? -3.466  -10.108 -5.445  1.00 10.18 ? 166 GLN A N   1 
ATOM   95   C  CA  . GLN A 1 27  ? -4.111  -10.766 -6.583  1.00 11.78 ? 166 GLN A CA  1 
ATOM   96   C  C   . GLN A 1 27  ? -3.685  -10.138 -7.900  1.00 11.86 ? 166 GLN A C   1 
ATOM   97   O  O   . GLN A 1 27  ? -3.509  -10.819 -8.895  1.00 15.36 ? 166 GLN A O   1 
ATOM   98   C  CB  . GLN A 1 27  ? -5.656  -10.617 -6.496  1.00 12.42 ? 166 GLN A CB  1 
ATOM   99   C  CG  . GLN A 1 27  ? -6.275  -11.077 -5.197  1.00 16.01 ? 166 GLN A CG  1 
ATOM   100  C  CD  . GLN A 1 27  ? -5.953  -12.548 -4.891  1.00 17.86 ? 166 GLN A CD  1 
ATOM   101  O  OE1 . GLN A 1 27  ? -5.930  -13.388 -5.780  1.00 20.00 ? 166 GLN A OE1 1 
ATOM   102  N  NE2 . GLN A 1 27  ? -5.700  -12.844 -3.639  1.00 19.14 ? 166 GLN A NE2 1 
ATOM   103  N  N   . LEU A 1 28  ? -3.584  -8.822  -7.924  1.00 11.93 ? 167 LEU A N   1 
ATOM   104  C  CA  . LEU A 1 28  ? -3.213  -8.103  -9.141  1.00 12.10 ? 167 LEU A CA  1 
ATOM   105  C  C   . LEU A 1 28  ? -2.279  -6.998  -8.686  1.00 10.42 ? 167 LEU A C   1 
ATOM   106  O  O   . LEU A 1 28  ? -2.523  -6.391  -7.640  1.00 8.01  ? 167 LEU A O   1 
ATOM   107  C  CB  . LEU A 1 28  ? -4.476  -7.513  -9.794  1.00 12.17 ? 167 LEU A CB  1 
ATOM   108  C  CG  . LEU A 1 28  ? -5.580  -8.506  -10.157 1.00 13.32 ? 167 LEU A CG  1 
ATOM   109  C  CD1 . LEU A 1 28  ? -6.967  -7.821  -10.144 1.00 14.23 ? 167 LEU A CD1 1 
ATOM   110  C  CD2 . LEU A 1 28  ? -5.301  -9.093  -11.506 1.00 11.43 ? 167 LEU A CD2 1 
ATOM   111  N  N   . PHE A 1 29  ? -1.265  -6.714  -9.505  1.00 13.01 ? 168 PHE A N   1 
ATOM   112  C  CA  . PHE A 1 29  ? -0.205  -5.726  -9.213  1.00 14.06 ? 168 PHE A CA  1 
ATOM   113  C  C   . PHE A 1 29  ? 0.131   -5.019  -10.543 1.00 16.45 ? 168 PHE A C   1 
ATOM   114  O  O   . PHE A 1 29  ? 0.763   -5.618  -11.430 1.00 17.22 ? 168 PHE A O   1 
ATOM   115  C  CB  . PHE A 1 29  ? 1.036   -6.498  -8.709  1.00 10.39 ? 168 PHE A CB  1 
ATOM   116  C  CG  . PHE A 1 29  ? 1.992   -5.690  -7.851  1.00 7.59  ? 168 PHE A CG  1 
ATOM   117  C  CD1 . PHE A 1 29  ? 1.664   -5.365  -6.549  1.00 5.93  ? 168 PHE A CD1 1 
ATOM   118  C  CD2 . PHE A 1 29  ? 3.263   -5.402  -8.295  1.00 6.45  ? 168 PHE A CD2 1 
ATOM   119  C  CE1 . PHE A 1 29  ? 2.592   -4.786  -5.707  1.00 7.52  ? 168 PHE A CE1 1 
ATOM   120  C  CE2 . PHE A 1 29  ? 4.212   -4.812  -7.460  1.00 7.53  ? 168 PHE A CE2 1 
ATOM   121  C  CZ  . PHE A 1 29  ? 3.875   -4.506  -6.166  1.00 11.26 ? 168 PHE A CZ  1 
ATOM   122  N  N   . SER A 1 30  ? -0.287  -3.758  -10.677 1.00 17.24 ? 169 SER A N   1 
ATOM   123  C  CA  . SER A 1 30  ? -0.090  -3.005  -11.923 1.00 18.11 ? 169 SER A CA  1 
ATOM   124  C  C   . SER A 1 30  ? 1.369   -2.828  -12.358 1.00 19.74 ? 169 SER A C   1 
ATOM   125  O  O   . SER A 1 30  ? 2.279   -2.810  -11.512 1.00 19.61 ? 169 SER A O   1 
ATOM   126  C  CB  . SER A 1 30  ? -0.775  -1.621  -11.814 1.00 17.46 ? 169 SER A CB  1 
ATOM   127  O  OG  . SER A 1 30  ? -0.056  -0.728  -10.951 1.00 21.18 ? 169 SER A OG  1 
ATOM   128  N  N   . THR A 1 31  ? 1.591   -2.613  -13.660 1.00 21.17 ? 170 THR A N   1 
ATOM   129  C  CA  . THR A 1 31  ? 2.960   -2.391  -14.155 1.00 23.01 ? 170 THR A CA  1 
ATOM   130  C  C   . THR A 1 31  ? 3.614   -1.222  -13.407 1.00 21.90 ? 170 THR A C   1 
ATOM   131  O  O   . THR A 1 31  ? 4.776   -1.304  -13.005 1.00 24.20 ? 170 THR A O   1 
ATOM   132  C  CB  . THR A 1 31  ? 3.010   -2.120  -15.686 1.00 24.28 ? 170 THR A CB  1 
ATOM   133  O  OG1 . THR A 1 31  ? 2.357   -0.885  -15.991 1.00 30.28 ? 170 THR A OG1 1 
ATOM   134  C  CG2 . THR A 1 31  ? 2.306   -3.212  -16.440 1.00 23.30 ? 170 THR A CG2 1 
ATOM   135  N  N   . ALA A 1 32  ? 2.831   -0.187  -13.120 1.00 20.21 ? 171 ALA A N   1 
ATOM   136  C  CA  . ALA A 1 32  ? 3.327   0.997   -12.399 1.00 19.46 ? 171 ALA A CA  1 
ATOM   137  C  C   . ALA A 1 32  ? 3.753   0.674   -10.948 1.00 19.88 ? 171 ALA A C   1 
ATOM   138  O  O   . ALA A 1 32  ? 4.625   1.350   -10.380 1.00 22.94 ? 171 ALA A O   1 
ATOM   139  C  CB  . ALA A 1 32  ? 2.255   2.119   -12.420 1.00 18.25 ? 171 ALA A CB  1 
ATOM   140  N  N   . ALA A 1 33  ? 3.122   -0.330  -10.337 1.00 18.28 ? 172 ALA A N   1 
ATOM   141  C  CA  . ALA A 1 33  ? 3.477   -0.768  -8.978  1.00 17.93 ? 172 ALA A CA  1 
ATOM   142  C  C   . ALA A 1 33  ? 4.829   -1.503  -9.016  1.00 20.27 ? 172 ALA A C   1 
ATOM   143  O  O   . ALA A 1 33  ? 5.615   -1.440  -8.068  1.00 19.22 ? 172 ALA A O   1 
ATOM   144  C  CB  . ALA A 1 33  ? 2.381   -1.706  -8.413  1.00 15.63 ? 172 ALA A CB  1 
ATOM   145  N  N   . GLU A 1 34  ? 5.072   -2.238  -10.099 1.00 21.18 ? 173 GLU A N   1 
ATOM   146  C  CA  . GLU A 1 34  ? 6.332   -2.959  -10.267 1.00 23.87 ? 173 GLU A CA  1 
ATOM   147  C  C   . GLU A 1 34  ? 7.439   -1.919  -10.317 1.00 23.33 ? 173 GLU A C   1 
ATOM   148  O  O   . GLU A 1 34  ? 8.467   -2.048  -9.634  1.00 21.03 ? 173 GLU A O   1 
ATOM   149  C  CB  . GLU A 1 34  ? 6.354   -3.748  -11.580 1.00 23.24 ? 173 GLU A CB  1 
ATOM   150  C  CG  . GLU A 1 34  ? 5.419   -4.937  -11.662 1.00 25.55 ? 173 GLU A CG  1 
ATOM   151  C  CD  . GLU A 1 34  ? 5.389   -5.495  -13.074 1.00 26.63 ? 173 GLU A CD  1 
ATOM   152  O  OE1 . GLU A 1 34  ? 5.283   -6.715  -13.273 1.00 24.65 ? 173 GLU A OE1 1 
ATOM   153  O  OE2 . GLU A 1 34  ? 5.537   -4.694  -14.007 1.00 32.80 ? 173 GLU A OE2 1 
ATOM   154  N  N   . ARG A 1 35  ? 7.200   -0.881  -11.122 1.00 25.01 ? 174 ARG A N   1 
ATOM   155  C  CA  . ARG A 1 35  ? 8.163   0.225   -11.291 1.00 26.36 ? 174 ARG A CA  1 
ATOM   156  C  C   . ARG A 1 35  ? 8.471   0.860   -9.952  1.00 25.22 ? 174 ARG A C   1 
ATOM   157  O  O   . ARG A 1 35  ? 9.622   1.111   -9.627  1.00 26.67 ? 174 ARG A O   1 
ATOM   158  C  CB  . ARG A 1 35  ? 7.602   1.308   -12.203 1.00 28.96 ? 174 ARG A CB  1 
ATOM   159  C  CG  . ARG A 1 35  ? 7.191   0.845   -13.601 1.00 34.16 ? 174 ARG A CG  1 
ATOM   160  C  CD  . ARG A 1 35  ? 6.809   2.061   -14.483 1.00 38.15 ? 174 ARG A CD  1 
ATOM   161  N  NE  . ARG A 1 35  ? 5.981   1.668   -15.621 1.00 42.77 ? 174 ARG A NE  1 
ATOM   162  C  CZ  . ARG A 1 35  ? 5.838   2.375   -16.739 1.00 44.10 ? 174 ARG A CZ  1 
ATOM   163  N  NH1 . ARG A 1 35  ? 6.469   3.537   -16.890 1.00 45.87 ? 174 ARG A NH1 1 
ATOM   164  N  NH2 . ARG A 1 35  ? 5.067   1.916   -17.713 1.00 42.23 ? 174 ARG A NH2 1 
ATOM   165  N  N   . LEU A 1 36  ? 7.428   1.060   -9.156  1.00 23.45 ? 175 LEU A N   1 
ATOM   166  C  CA  . LEU A 1 36  ? 7.553   1.668   -7.849  1.00 21.69 ? 175 LEU A CA  1 
ATOM   167  C  C   . LEU A 1 36  ? 8.071   0.789   -6.718  1.00 22.38 ? 175 LEU A C   1 
ATOM   168  O  O   . LEU A 1 36  ? 8.818   1.241   -5.838  1.00 23.25 ? 175 LEU A O   1 
ATOM   169  C  CB  . LEU A 1 36  ? 6.200   2.239   -7.426  1.00 19.99 ? 175 LEU A CB  1 
ATOM   170  C  CG  . LEU A 1 36  ? 6.244   2.976   -6.088  1.00 23.56 ? 175 LEU A CG  1 
ATOM   171  C  CD1 . LEU A 1 36  ? 6.899   4.356   -6.300  1.00 25.90 ? 175 LEU A CD1 1 
ATOM   172  C  CD2 . LEU A 1 36  ? 4.860   3.143   -5.498  1.00 22.19 ? 175 LEU A CD2 1 
ATOM   173  N  N   . PHE A 1 37  ? 7.645   -0.461  -6.675  1.00 22.32 ? 176 PHE A N   1 
ATOM   174  C  CA  . PHE A 1 37  ? 8.072   -1.263  -5.545  1.00 21.29 ? 176 PHE A CA  1 
ATOM   175  C  C   . PHE A 1 37  ? 9.278   -2.163  -5.741  1.00 19.57 ? 176 PHE A C   1 
ATOM   176  O  O   . PHE A 1 37  ? 9.876   -2.615  -4.763  1.00 20.92 ? 176 PHE A O   1 
ATOM   177  C  CB  . PHE A 1 37  ? 6.876   -2.016  -4.953  1.00 18.52 ? 176 PHE A CB  1 
ATOM   178  C  CG  . PHE A 1 37  ? 5.851   -1.115  -4.279  1.00 19.34 ? 176 PHE A CG  1 
ATOM   179  C  CD1 . PHE A 1 37  ? 6.034   -0.691  -2.972  1.00 20.53 ? 176 PHE A CD1 1 
ATOM   180  C  CD2 . PHE A 1 37  ? 4.665   -0.776  -4.923  1.00 19.55 ? 176 PHE A CD2 1 
ATOM   181  C  CE1 . PHE A 1 37  ? 5.040   0.042   -2.303  1.00 21.97 ? 176 PHE A CE1 1 
ATOM   182  C  CE2 . PHE A 1 37  ? 3.670   -0.051  -4.273  1.00 21.16 ? 176 PHE A CE2 1 
ATOM   183  C  CZ  . PHE A 1 37  ? 3.853   0.363   -2.954  1.00 20.53 ? 176 PHE A CZ  1 
ATOM   184  N  N   . GLY A 1 38  ? 9.683   -2.364  -6.983  1.00 18.03 ? 177 GLY A N   1 
ATOM   185  C  CA  . GLY A 1 38  ? 10.816  -3.229  -7.238  1.00 20.56 ? 177 GLY A CA  1 
ATOM   186  C  C   . GLY A 1 38  ? 10.463  -4.685  -7.581  1.00 21.31 ? 177 GLY A C   1 
ATOM   187  O  O   . GLY A 1 38  ? 11.262  -5.354  -8.218  1.00 25.86 ? 177 GLY A O   1 
ATOM   188  N  N   . TRP A 1 39  ? 9.284   -5.167  -7.185  1.00 20.60 ? 178 TRP A N   1 
ATOM   189  C  CA  . TRP A 1 39  ? 8.848   -6.541  -7.484  1.00 19.19 ? 178 TRP A CA  1 
ATOM   190  C  C   . TRP A 1 39  ? 8.133   -6.603  -8.820  1.00 19.15 ? 178 TRP A C   1 
ATOM   191  O  O   . TRP A 1 39  ? 7.539   -5.629  -9.264  1.00 23.24 ? 178 TRP A O   1 
ATOM   192  C  CB  . TRP A 1 39  ? 7.889   -7.052  -6.406  1.00 15.98 ? 178 TRP A CB  1 
ATOM   193  C  CG  . TRP A 1 39  ? 8.389   -6.817  -5.025  1.00 17.01 ? 178 TRP A CG  1 
ATOM   194  C  CD1 . TRP A 1 39  ? 8.133   -5.733  -4.251  1.00 18.26 ? 178 TRP A CD1 1 
ATOM   195  C  CD2 . TRP A 1 39  ? 9.226   -7.687  -4.237  1.00 17.04 ? 178 TRP A CD2 1 
ATOM   196  N  NE1 . TRP A 1 39  ? 8.748   -5.863  -3.028  1.00 18.53 ? 178 TRP A NE1 1 
ATOM   197  C  CE2 . TRP A 1 39  ? 9.423   -7.054  -2.986  1.00 19.13 ? 178 TRP A CE2 1 
ATOM   198  C  CE3 . TRP A 1 39  ? 9.824   -8.940  -4.467  1.00 16.95 ? 178 TRP A CE3 1 
ATOM   199  C  CZ2 . TRP A 1 39  ? 10.195  -7.630  -1.949  1.00 20.10 ? 178 TRP A CZ2 1 
ATOM   200  C  CZ3 . TRP A 1 39  ? 10.604  -9.522  -3.431  1.00 20.20 ? 178 TRP A CZ3 1 
ATOM   201  C  CH2 . TRP A 1 39  ? 10.778  -8.860  -2.189  1.00 19.68 ? 178 TRP A CH2 1 
ATOM   202  N  N   . SER A 1 40  ? 8.206   -7.742  -9.483  1.00 21.73 ? 179 SER A N   1 
ATOM   203  C  CA  . SER A 1 40  ? 7.526   -7.890  -10.750 1.00 21.71 ? 179 SER A CA  1 
ATOM   204  C  C   . SER A 1 40  ? 6.149   -8.424  -10.400 1.00 20.13 ? 179 SER A C   1 
ATOM   205  O  O   . SER A 1 40  ? 5.869   -8.786  -9.260  1.00 19.78 ? 179 SER A O   1 
ATOM   206  C  CB  . SER A 1 40  ? 8.251   -8.893  -11.655 1.00 22.77 ? 179 SER A CB  1 
ATOM   207  O  OG  . SER A 1 40  ? 7.793   -10.203 -11.387 1.00 25.85 ? 179 SER A OG  1 
ATOM   208  N  N   . GLU A 1 41  ? 5.324   -8.564  -11.415 1.00 18.55 ? 180 GLU A N   1 
ATOM   209  C  CA  . GLU A 1 41  ? 3.978   -9.042  -11.242 1.00 17.20 ? 180 GLU A CA  1 
ATOM   210  C  C   . GLU A 1 41  ? 3.958   -10.427 -10.621 1.00 17.42 ? 180 GLU A C   1 
ATOM   211  O  O   . GLU A 1 41  ? 3.426   -10.598 -9.537  1.00 15.71 ? 180 GLU A O   1 
ATOM   212  C  CB  . GLU A 1 41  ? 3.324   -9.051  -12.602 1.00 17.46 ? 180 GLU A CB  1 
ATOM   213  C  CG  . GLU A 1 41  ? 1.941   -9.521  -12.631 1.00 23.99 ? 180 GLU A CG  1 
ATOM   214  C  CD  . GLU A 1 41  ? 1.254   -9.114  -13.899 1.00 24.40 ? 180 GLU A CD  1 
ATOM   215  O  OE1 . GLU A 1 41  ? 1.848   -9.276  -14.988 1.00 26.06 ? 180 GLU A OE1 1 
ATOM   216  O  OE2 . GLU A 1 41  ? 0.121   -8.606  -13.792 1.00 26.83 ? 180 GLU A OE2 1 
ATOM   217  N  N   . LEU A 1 42  ? 4.546   -11.409 -11.319 1.00 19.46 ? 181 LEU A N   1 
ATOM   218  C  CA  . LEU A 1 42  ? 4.609   -12.797 -10.862 1.00 18.07 ? 181 LEU A CA  1 
ATOM   219  C  C   . LEU A 1 42  ? 5.086   -12.931 -9.453  1.00 16.31 ? 181 LEU A C   1 
ATOM   220  O  O   . LEU A 1 42  ? 4.575   -13.752 -8.719  1.00 18.22 ? 181 LEU A O   1 
ATOM   221  C  CB  . LEU A 1 42  ? 5.563   -13.632 -11.732 1.00 17.72 ? 181 LEU A CB  1 
ATOM   222  C  CG  . LEU A 1 42  ? 4.892   -14.320 -12.899 1.00 17.74 ? 181 LEU A CG  1 
ATOM   223  C  CD1 . LEU A 1 42  ? 5.907   -14.913 -13.858 1.00 14.96 ? 181 LEU A CD1 1 
ATOM   224  C  CD2 . LEU A 1 42  ? 3.926   -15.342 -12.340 1.00 14.56 ? 181 LEU A CD2 1 
ATOM   225  N  N   . GLU A 1 43  ? 6.157   -12.210 -9.130  1.00 15.84 ? 182 GLU A N   1 
ATOM   226  C  CA  . GLU A 1 43  ? 6.749   -12.245 -7.793  1.00 13.05 ? 182 GLU A CA  1 
ATOM   227  C  C   . GLU A 1 43  ? 5.857   -11.752 -6.675  1.00 13.68 ? 182 GLU A C   1 
ATOM   228  O  O   . GLU A 1 43  ? 5.942   -12.248 -5.522  1.00 12.87 ? 182 GLU A O   1 
ATOM   229  C  CB  . GLU A 1 43  ? 8.004   -11.379 -7.744  1.00 14.96 ? 182 GLU A CB  1 
ATOM   230  C  CG  . GLU A 1 43  ? 9.227   -11.860 -8.548  1.00 14.22 ? 182 GLU A CG  1 
ATOM   231  C  CD  . GLU A 1 43  ? 10.361  -10.826 -8.504  1.00 15.89 ? 182 GLU A CD  1 
ATOM   232  O  OE1 . GLU A 1 43  ? 10.080  -9.625  -8.322  1.00 16.79 ? 182 GLU A OE1 1 
ATOM   233  O  OE2 . GLU A 1 43  ? 11.535  -11.187 -8.673  1.00 16.94 ? 182 GLU A OE2 1 
ATOM   234  N  N   . ALA A 1 44  ? 5.127   -10.673 -6.962  1.00 10.65 ? 183 ALA A N   1 
ATOM   235  C  CA  . ALA A 1 44  ? 4.277   -10.056 -5.948  1.00 11.04 ? 183 ALA A CA  1 
ATOM   236  C  C   . ALA A 1 44  ? 2.999   -10.827 -5.634  1.00 12.93 ? 183 ALA A C   1 
ATOM   237  O  O   . ALA A 1 44  ? 2.591   -10.957 -4.468  1.00 10.86 ? 183 ALA A O   1 
ATOM   238  C  CB  . ALA A 1 44  ? 3.942   -8.633  -6.368  1.00 10.77 ? 183 ALA A CB  1 
ATOM   239  N  N   . ILE A 1 45  ? 2.317   -11.240 -6.694  1.00 14.40 ? 184 ILE A N   1 
ATOM   240  C  CA  . ILE A 1 45  ? 1.089   -11.991 -6.609  1.00 17.33 ? 184 ILE A CA  1 
ATOM   241  C  C   . ILE A 1 45  ? 1.298   -13.242 -5.766  1.00 15.01 ? 184 ILE A C   1 
ATOM   242  O  O   . ILE A 1 45  ? 2.261   -13.984 -5.985  1.00 15.96 ? 184 ILE A O   1 
ATOM   243  C  CB  . ILE A 1 45  ? 0.596   -12.355 -8.050  1.00 18.57 ? 184 ILE A CB  1 
ATOM   244  C  CG1 . ILE A 1 45  ? 0.013   -11.108 -8.700  1.00 18.61 ? 184 ILE A CG1 1 
ATOM   245  C  CG2 . ILE A 1 45  ? -0.451  -13.470 -8.001  1.00 19.25 ? 184 ILE A CG2 1 
ATOM   246  C  CD1 . ILE A 1 45  ? -0.673  -11.387 -10.033 1.00 21.95 ? 184 ILE A CD1 1 
ATOM   247  N  N   . GLY A 1 46  ? 0.396   -13.459 -4.811  1.00 15.83 ? 185 GLY A N   1 
ATOM   248  C  CA  . GLY A 1 46  ? 0.505   -14.584 -3.877  1.00 13.27 ? 185 GLY A CA  1 
ATOM   249  C  C   . GLY A 1 46  ? 1.207   -14.178 -2.585  1.00 13.04 ? 185 GLY A C   1 
ATOM   250  O  O   . GLY A 1 46  ? 1.143   -14.866 -1.547  1.00 16.44 ? 185 GLY A O   1 
ATOM   251  N  N   . GLN A 1 47  ? 1.921   -13.073 -2.612  1.00 10.85 ? 186 GLN A N   1 
ATOM   252  C  CA  . GLN A 1 47  ? 2.593   -12.629 -1.393  1.00 12.77 ? 186 GLN A CA  1 
ATOM   253  C  C   . GLN A 1 47  ? 1.633   -11.766 -0.624  1.00 11.57 ? 186 GLN A C   1 
ATOM   254  O  O   . GLN A 1 47  ? 0.678   -11.247 -1.193  1.00 14.72 ? 186 GLN A O   1 
ATOM   255  C  CB  . GLN A 1 47  ? 3.878   -11.853 -1.721  1.00 11.15 ? 186 GLN A CB  1 
ATOM   256  C  CG  . GLN A 1 47  ? 5.007   -12.736 -2.211  1.00 13.01 ? 186 GLN A CG  1 
ATOM   257  C  CD  . GLN A 1 47  ? 5.270   -13.901 -1.254  1.00 20.06 ? 186 GLN A CD  1 
ATOM   258  O  OE1 . GLN A 1 47  ? 5.497   -13.702 -0.040  1.00 21.90 ? 186 GLN A OE1 1 
ATOM   259  N  NE2 . GLN A 1 47  ? 5.194   -15.125 -1.776  1.00 19.36 ? 186 GLN A NE2 1 
ATOM   260  N  N   . ASN A 1 48  ? 1.827   -11.675 0.679   1.00 11.40 ? 187 ASN A N   1 
ATOM   261  C  CA  . ASN A 1 48  ? 0.997   -10.821 1.517   1.00 10.46 ? 187 ASN A CA  1 
ATOM   262  C  C   . ASN A 1 48  ? 1.400   -9.353  1.158   1.00 9.06  ? 187 ASN A C   1 
ATOM   263  O  O   . ASN A 1 48  ? 2.517   -9.090  0.706   1.00 7.54  ? 187 ASN A O   1 
ATOM   264  C  CB  . ASN A 1 48  ? 1.275   -11.114 3.002   1.00 11.20 ? 187 ASN A CB  1 
ATOM   265  C  CG  . ASN A 1 48  ? 0.244   -10.477 3.935   1.00 13.49 ? 187 ASN A CG  1 
ATOM   266  O  OD1 . ASN A 1 48  ? -0.421  -11.178 4.688   1.00 12.47 ? 187 ASN A OD1 1 
ATOM   267  N  ND2 . ASN A 1 48  ? 0.119   -9.142  3.893   1.00 8.07  ? 187 ASN A ND2 1 
ATOM   268  N  N   . VAL A 1 49  ? 0.491   -8.403  1.333   1.00 9.67  ? 188 VAL A N   1 
ATOM   269  C  CA  . VAL A 1 49  ? 0.787   -7.011  0.985   1.00 7.74  ? 188 VAL A CA  1 
ATOM   270  C  C   . VAL A 1 49  ? 1.789   -6.330  1.948   1.00 6.29  ? 188 VAL A C   1 
ATOM   271  O  O   . VAL A 1 49  ? 2.484   -5.394  1.571   1.00 5.20  ? 188 VAL A O   1 
ATOM   272  C  CB  . VAL A 1 49  ? -0.536  -6.227  0.791   1.00 9.72  ? 188 VAL A CB  1 
ATOM   273  C  CG1 . VAL A 1 49  ? -1.303  -6.100  2.108   1.00 4.11  ? 188 VAL A CG1 1 
ATOM   274  C  CG2 . VAL A 1 49  ? -0.289  -4.873  0.073   1.00 11.17 ? 188 VAL A CG2 1 
ATOM   275  N  N   . ASN A 1 50  ? 1.989   -6.921  3.124   1.00 8.26  ? 189 ASN A N   1 
ATOM   276  C  CA  . ASN A 1 50  ? 2.905   -6.402  4.124   1.00 8.42  ? 189 ASN A CA  1 
ATOM   277  C  C   . ASN A 1 50  ? 4.354   -6.427  3.699   1.00 13.49 ? 189 ASN A C   1 
ATOM   278  O  O   . ASN A 1 50  ? 5.216   -5.908  4.433   1.00 13.49 ? 189 ASN A O   1 
ATOM   279  C  CB  . ASN A 1 50  ? 2.744   -7.091  5.479   1.00 9.13  ? 189 ASN A CB  1 
ATOM   280  C  CG  . ASN A 1 50  ? 3.028   -8.632  5.439   1.00 12.96 ? 189 ASN A CG  1 
ATOM   281  O  OD1 . ASN A 1 50  ? 3.928   -9.125  4.740   1.00 5.36  ? 189 ASN A OD1 1 
ATOM   282  N  ND2 . ASN A 1 50  ? 2.277   -9.368  6.244   1.00 13.32 ? 189 ASN A ND2 1 
ATOM   283  N  N   . ILE A 1 51  ? 4.642   -7.030  2.542   1.00 13.74 ? 190 ILE A N   1 
ATOM   284  C  CA  . ILE A 1 51  ? 6.020   -7.048  2.046   1.00 15.27 ? 190 ILE A CA  1 
ATOM   285  C  C   . ILE A 1 51  ? 6.323   -5.715  1.399   1.00 16.74 ? 190 ILE A C   1 
ATOM   286  O  O   . ILE A 1 51  ? 7.430   -5.483  0.903   1.00 17.68 ? 190 ILE A O   1 
ATOM   287  C  CB  . ILE A 1 51  ? 6.245   -8.138  0.966   1.00 17.39 ? 190 ILE A CB  1 
ATOM   288  C  CG1 . ILE A 1 51  ? 5.324   -7.885  -0.235  1.00 16.60 ? 190 ILE A CG1 1 
ATOM   289  C  CG2 . ILE A 1 51  ? 5.992   -9.525  1.559   1.00 17.18 ? 190 ILE A CG2 1 
ATOM   290  C  CD1 . ILE A 1 51  ? 5.839   -8.466  -1.510  1.00 16.82 ? 190 ILE A CD1 1 
ATOM   291  N  N   . LEU A 1 52  ? 5.313   -4.858  1.340   1.00 18.22 ? 191 LEU A N   1 
ATOM   292  C  CA  . LEU A 1 52  ? 5.457   -3.550  0.732   1.00 18.37 ? 191 LEU A CA  1 
ATOM   293  C  C   . LEU A 1 52  ? 5.640   -2.483  1.800   1.00 18.31 ? 191 LEU A C   1 
ATOM   294  O  O   . LEU A 1 52  ? 5.638   -1.308  1.500   1.00 19.07 ? 191 LEU A O   1 
ATOM   295  C  CB  . LEU A 1 52  ? 4.197   -3.217  -0.065  1.00 18.73 ? 191 LEU A CB  1 
ATOM   296  C  CG  . LEU A 1 52  ? 3.708   -4.101  -1.225  1.00 18.12 ? 191 LEU A CG  1 
ATOM   297  C  CD1 . LEU A 1 52  ? 2.469   -3.441  -1.852  1.00 14.09 ? 191 LEU A CD1 1 
ATOM   298  C  CD2 . LEU A 1 52  ? 4.784   -4.254  -2.263  1.00 17.27 ? 191 LEU A CD2 1 
ATOM   299  N  N   . MET A 1 53  ? 5.854   -2.873  3.043   1.00 18.67 ? 192 MET A N   1 
ATOM   300  C  CA  . MET A 1 53  ? 5.949   -1.867  4.096   1.00 18.62 ? 192 MET A CA  1 
ATOM   301  C  C   . MET A 1 53  ? 6.897   -2.333  5.164   1.00 19.24 ? 192 MET A C   1 
ATOM   302  O  O   . MET A 1 53  ? 7.110   -3.525  5.326   1.00 21.50 ? 192 MET A O   1 
ATOM   303  C  CB  . MET A 1 53  ? 4.568   -1.649  4.727   1.00 13.52 ? 192 MET A CB  1 
ATOM   304  C  CG  . MET A 1 53  ? 4.038   -2.907  5.367   1.00 10.96 ? 192 MET A CG  1 
ATOM   305  S  SD  . MET A 1 53  ? 2.302   -2.797  5.858   1.00 10.29 ? 192 MET A SD  1 
ATOM   306  C  CE  . MET A 1 53  ? 1.577   -2.778  4.154   1.00 8.35  ? 192 MET A CE  1 
ATOM   307  N  N   . PRO A 1 54  ? 7.382   -1.400  5.989   1.00 17.67 ? 193 PRO A N   1 
ATOM   308  C  CA  . PRO A 1 54  ? 8.306   -1.781  7.042   1.00 17.87 ? 193 PRO A CA  1 
ATOM   309  C  C   . PRO A 1 54  ? 7.590   -1.994  8.372   1.00 21.56 ? 193 PRO A C   1 
ATOM   310  O  O   . PRO A 1 54  ? 6.349   -1.821  8.498   1.00 22.24 ? 193 PRO A O   1 
ATOM   311  C  CB  . PRO A 1 54  ? 9.248   -0.581  7.068   1.00 21.48 ? 193 PRO A CB  1 
ATOM   312  C  CG  . PRO A 1 54  ? 8.291   0.609   6.874   1.00 16.93 ? 193 PRO A CG  1 
ATOM   313  C  CD  . PRO A 1 54  ? 7.194   0.061   5.934   1.00 18.15 ? 193 PRO A CD  1 
ATOM   314  N  N   . GLU A 1 55  ? 8.374   -2.374  9.371   1.00 21.68 ? 194 GLU A N   1 
ATOM   315  C  CA  . GLU A 1 55  ? 7.860   -2.615  10.708  1.00 20.35 ? 194 GLU A CA  1 
ATOM   316  C  C   . GLU A 1 55  ? 7.712   -1.278  11.417  1.00 20.91 ? 194 GLU A C   1 
ATOM   317  O  O   . GLU A 1 55  ? 8.453   -0.344  11.150  1.00 23.48 ? 194 GLU A O   1 
ATOM   318  C  CB  . GLU A 1 55  ? 8.810   -3.567  11.471  1.00 21.28 ? 194 GLU A CB  1 
ATOM   319  C  CG  . GLU A 1 55  ? 8.909   -4.963  10.827  1.00 21.24 ? 194 GLU A CG  1 
ATOM   320  C  CD  . GLU A 1 55  ? 7.682   -5.853  11.065  1.00 22.64 ? 194 GLU A CD  1 
ATOM   321  O  OE1 . GLU A 1 55  ? 6.661   -5.380  11.611  1.00 20.39 ? 194 GLU A OE1 1 
ATOM   322  O  OE2 . GLU A 1 55  ? 7.746   -7.053  10.707  1.00 22.43 ? 194 GLU A OE2 1 
ATOM   323  N  N   . PRO A 1 56  ? 6.782   -1.178  12.366  1.00 21.17 ? 195 PRO A N   1 
ATOM   324  C  CA  . PRO A 1 56  ? 5.853   -2.203  12.835  1.00 19.37 ? 195 PRO A CA  1 
ATOM   325  C  C   . PRO A 1 56  ? 4.584   -2.496  12.011  1.00 20.33 ? 195 PRO A C   1 
ATOM   326  O  O   . PRO A 1 56  ? 3.859   -3.437  12.314  1.00 22.47 ? 195 PRO A O   1 
ATOM   327  C  CB  . PRO A 1 56  ? 5.542   -1.724  14.256  1.00 23.77 ? 195 PRO A CB  1 
ATOM   328  C  CG  . PRO A 1 56  ? 5.591   -0.239  14.131  1.00 19.76 ? 195 PRO A CG  1 
ATOM   329  C  CD  . PRO A 1 56  ? 6.753   0.016   13.244  1.00 18.90 ? 195 PRO A CD  1 
ATOM   330  N  N   . ASP A 1 57  ? 4.292   -1.721  10.968  1.00 19.85 ? 196 ASP A N   1 
ATOM   331  C  CA  . ASP A 1 57  ? 3.101   -2.005  10.164  1.00 18.85 ? 196 ASP A CA  1 
ATOM   332  C  C   . ASP A 1 57  ? 3.086   -3.428  9.577   1.00 17.97 ? 196 ASP A C   1 
ATOM   333  O  O   . ASP A 1 57  ? 2.064   -4.097  9.598   1.00 14.61 ? 196 ASP A O   1 
ATOM   334  C  CB  . ASP A 1 57  ? 2.952   -0.986  9.042   1.00 19.90 ? 196 ASP A CB  1 
ATOM   335  C  CG  . ASP A 1 57  ? 2.530   0.383   9.545   1.00 22.48 ? 196 ASP A CG  1 
ATOM   336  O  OD1 . ASP A 1 57  ? 1.881   0.477   10.616  1.00 20.07 ? 196 ASP A OD1 1 
ATOM   337  O  OD2 . ASP A 1 57  ? 2.847   1.367   8.837   1.00 23.01 ? 196 ASP A OD2 1 
ATOM   338  N  N   . ARG A 1 58  ? 4.196   -3.866  9.002   1.00 18.75 ? 197 ARG A N   1 
ATOM   339  C  CA  . ARG A 1 58  ? 4.279   -5.204  8.436   1.00 21.43 ? 197 ARG A CA  1 
ATOM   340  C  C   . ARG A 1 58  ? 3.580   -6.331  9.264   1.00 21.54 ? 197 ARG A C   1 
ATOM   341  O  O   . ARG A 1 58  ? 2.603   -6.909  8.802   1.00 21.91 ? 197 ARG A O   1 
ATOM   342  C  CB  . ARG A 1 58  ? 5.756   -5.531  8.155   1.00 24.33 ? 197 ARG A CB  1 
ATOM   343  C  CG  . ARG A 1 58  ? 6.048   -6.915  7.591   1.00 28.20 ? 197 ARG A CG  1 
ATOM   344  C  CD  . ARG A 1 58  ? 7.463   -6.990  6.984   1.00 32.54 ? 197 ARG A CD  1 
ATOM   345  N  NE  . ARG A 1 58  ? 7.574   -6.193  5.762   1.00 38.11 ? 197 ARG A NE  1 
ATOM   346  C  CZ  . ARG A 1 58  ? 8.488   -6.367  4.802   1.00 41.02 ? 197 ARG A CZ  1 
ATOM   347  N  NH1 . ARG A 1 58  ? 9.412   -7.320  4.902   1.00 41.37 ? 197 ARG A NH1 1 
ATOM   348  N  NH2 . ARG A 1 58  ? 8.447   -5.605  3.708   1.00 40.27 ? 197 ARG A NH2 1 
ATOM   349  N  N   . SER A 1 59  ? 4.011   -6.561  10.502  1.00 19.73 ? 198 SER A N   1 
ATOM   350  C  CA  . SER A 1 59  ? 3.452   -7.625  11.359  1.00 20.10 ? 198 SER A CA  1 
ATOM   351  C  C   . SER A 1 59  ? 2.038   -7.289  11.851  1.00 20.53 ? 198 SER A C   1 
ATOM   352  O  O   . SER A 1 59  ? 1.214   -8.181  12.188  1.00 20.09 ? 198 SER A O   1 
ATOM   353  C  CB  . SER A 1 59  ? 4.364   -7.845  12.585  1.00 19.85 ? 198 SER A CB  1 
ATOM   354  O  OG  . SER A 1 59  ? 5.729   -8.047  12.204  1.00 20.48 ? 198 SER A OG  1 
ATOM   355  N  N   . ARG A 1 60  ? 1.787   -5.993  11.938  1.00 16.95 ? 199 ARG A N   1 
ATOM   356  C  CA  . ARG A 1 60  ? 0.521   -5.496  12.384  1.00 16.11 ? 199 ARG A CA  1 
ATOM   357  C  C   . ARG A 1 60  ? -0.555  -5.412  11.303  1.00 15.01 ? 199 ARG A C   1 
ATOM   358  O  O   . ARG A 1 60  ? -1.739  -5.505  11.630  1.00 13.37 ? 199 ARG A O   1 
ATOM   359  C  CB  . ARG A 1 60  ? 0.715   -4.122  13.045  1.00 17.97 ? 199 ARG A CB  1 
ATOM   360  C  CG  . ARG A 1 60  ? 0.846   -4.178  14.572  1.00 18.64 ? 199 ARG A CG  1 
ATOM   361  C  CD  . ARG A 1 60  ? 1.433   -2.889  15.134  1.00 22.08 ? 199 ARG A CD  1 
ATOM   362  N  NE  . ARG A 1 60  ? 1.793   -3.070  16.544  1.00 22.69 ? 199 ARG A NE  1 
ATOM   363  C  CZ  . ARG A 1 60  ? 2.342   -2.142  17.320  1.00 17.79 ? 199 ARG A CZ  1 
ATOM   364  N  NH1 . ARG A 1 60  ? 2.619   -0.941  16.843  1.00 21.25 ? 199 ARG A NH1 1 
ATOM   365  N  NH2 . ARG A 1 60  ? 2.563   -2.404  18.600  1.00 18.12 ? 199 ARG A NH2 1 
ATOM   366  N  N   . HIS A 1 61  ? -0.163  -5.345  10.028  1.00 10.82 ? 200 HIS A N   1 
ATOM   367  C  CA  . HIS A 1 61  ? -1.149  -5.179  8.956   1.00 13.38 ? 200 HIS A CA  1 
ATOM   368  C  C   . HIS A 1 61  ? -2.237  -6.251  8.867   1.00 15.00 ? 200 HIS A C   1 
ATOM   369  O  O   . HIS A 1 61  ? -3.401  -5.919  8.639   1.00 16.48 ? 200 HIS A O   1 
ATOM   370  C  CB  . HIS A 1 61  ? -0.491  -4.939  7.579   1.00 9.77  ? 200 HIS A CB  1 
ATOM   371  C  CG  . HIS A 1 61  ? -1.373  -4.184  6.619   1.00 13.44 ? 200 HIS A CG  1 
ATOM   372  N  ND1 . HIS A 1 61  ? -1.953  -4.736  5.493   1.00 9.67  ? 200 HIS A ND1 1 
ATOM   373  C  CD2 . HIS A 1 61  ? -1.772  -2.883  6.637   1.00 11.18 ? 200 HIS A CD2 1 
ATOM   374  C  CE1 . HIS A 1 61  ? -2.666  -3.795  4.874   1.00 10.48 ? 200 HIS A CE1 1 
ATOM   375  N  NE2 . HIS A 1 61  ? -2.596  -2.645  5.520   1.00 12.71 ? 200 HIS A NE2 1 
ATOM   376  N  N   . ASP A 1 62  ? -1.896  -7.529  9.011   1.00 15.95 ? 201 ASP A N   1 
ATOM   377  C  CA  . ASP A 1 62  ? -2.964  -8.526  8.974   1.00 17.32 ? 201 ASP A CA  1 
ATOM   378  C  C   . ASP A 1 62  ? -4.025  -8.167  10.076  1.00 14.46 ? 201 ASP A C   1 
ATOM   379  O  O   . ASP A 1 62  ? -5.212  -8.310  9.833   1.00 16.58 ? 201 ASP A O   1 
ATOM   380  C  CB  . ASP A 1 62  ? -2.410  -9.977  9.112   1.00 16.18 ? 201 ASP A CB  1 
ATOM   381  C  CG  . ASP A 1 62  ? -2.080  -10.650 7.749   1.00 19.90 ? 201 ASP A CG  1 
ATOM   382  O  OD1 . ASP A 1 62  ? -2.268  -10.069 6.647   1.00 21.13 ? 201 ASP A OD1 1 
ATOM   383  O  OD2 . ASP A 1 62  ? -1.665  -11.830 7.768   1.00 26.51 ? 201 ASP A OD2 1 
ATOM   384  N  N   . SER A 1 63  ? -3.622  -7.633  11.237  1.00 13.93 ? 202 SER A N   1 
ATOM   385  C  CA  . SER A 1 63  ? -4.609  -7.276  12.273  1.00 16.09 ? 202 SER A CA  1 
ATOM   386  C  C   . SER A 1 63  ? -5.432  -6.045  11.917  1.00 15.91 ? 202 SER A C   1 
ATOM   387  O  O   . SER A 1 63  ? -6.628  -5.999  12.205  1.00 19.18 ? 202 SER A O   1 
ATOM   388  C  CB  . SER A 1 63  ? -4.010  -7.149  13.699  1.00 18.27 ? 202 SER A CB  1 
ATOM   389  O  OG  . SER A 1 63  ? -2.916  -6.259  13.794  1.00 21.57 ? 202 SER A OG  1 
ATOM   390  N  N   . TYR A 1 64  ? -4.824  -5.056  11.280  1.00 15.37 ? 203 TYR A N   1 
ATOM   391  C  CA  . TYR A 1 64  ? -5.605  -3.893  10.863  1.00 17.42 ? 203 TYR A CA  1 
ATOM   392  C  C   . TYR A 1 64  ? -6.661  -4.397  9.903   1.00 14.96 ? 203 TYR A C   1 
ATOM   393  O  O   . TYR A 1 64  ? -7.815  -3.972  9.967   1.00 15.78 ? 203 TYR A O   1 
ATOM   394  C  CB  . TYR A 1 64  ? -4.756  -2.892  10.089  1.00 18.37 ? 203 TYR A CB  1 
ATOM   395  C  CG  . TYR A 1 64  ? -3.482  -2.458  10.746  1.00 19.00 ? 203 TYR A CG  1 
ATOM   396  C  CD1 . TYR A 1 64  ? -3.393  -2.273  12.124  1.00 20.71 ? 203 TYR A CD1 1 
ATOM   397  C  CD2 . TYR A 1 64  ? -2.384  -2.154  9.965   1.00 18.92 ? 203 TYR A CD2 1 
ATOM   398  C  CE1 . TYR A 1 64  ? -2.213  -1.771  12.703  1.00 21.31 ? 203 TYR A CE1 1 
ATOM   399  C  CE2 . TYR A 1 64  ? -1.240  -1.671  10.498  1.00 21.20 ? 203 TYR A CE2 1 
ATOM   400  C  CZ  . TYR A 1 64  ? -1.139  -1.469  11.863  1.00 21.69 ? 203 TYR A CZ  1 
ATOM   401  O  OH  . TYR A 1 64  ? 0.042   -0.910  12.306  1.00 19.66 ? 203 TYR A OH  1 
ATOM   402  N  N   . ILE A 1 65  ? -6.265  -5.292  8.998   1.00 15.68 ? 204 ILE A N   1 
ATOM   403  C  CA  . ILE A 1 65  ? -7.224  -5.842  8.014   1.00 19.24 ? 204 ILE A CA  1 
ATOM   404  C  C   . ILE A 1 65  ? -8.336  -6.638  8.723   1.00 21.91 ? 204 ILE A C   1 
ATOM   405  O  O   . ILE A 1 65  ? -9.527  -6.471  8.423   1.00 23.70 ? 204 ILE A O   1 
ATOM   406  C  CB  . ILE A 1 65  ? -6.527  -6.736  6.936   1.00 15.32 ? 204 ILE A CB  1 
ATOM   407  C  CG1 . ILE A 1 65  ? -5.597  -5.884  6.054   1.00 12.29 ? 204 ILE A CG1 1 
ATOM   408  C  CG2 . ILE A 1 65  ? -7.573  -7.443  6.091   1.00 10.41 ? 204 ILE A CG2 1 
ATOM   409  C  CD1 . ILE A 1 65  ? -5.081  -6.594  4.809   1.00 12.77 ? 204 ILE A CD1 1 
ATOM   410  N  N   . SER A 1 66  ? -7.949  -7.457  9.692   1.00 22.84 ? 205 SER A N   1 
ATOM   411  C  CA  . SER A 1 66  ? -8.911  -8.252  10.462  1.00 26.71 ? 205 SER A CA  1 
ATOM   412  C  C   . SER A 1 66  ? -9.787  -7.371  11.373  1.00 26.47 ? 205 SER A C   1 
ATOM   413  O  O   . SER A 1 66  ? -10.969 -7.626  11.529  1.00 26.67 ? 205 SER A O   1 
ATOM   414  C  CB  . SER A 1 66  ? -8.168  -9.305  11.299  1.00 28.49 ? 205 SER A CB  1 
ATOM   415  O  OG  . SER A 1 66  ? -9.033  -9.932  12.230  1.00 32.93 ? 205 SER A OG  1 
ATOM   416  N  N   . ARG A 1 67  ? -9.229  -6.301  11.928  1.00 28.63 ? 206 ARG A N   1 
ATOM   417  C  CA  . ARG A 1 67  ? -9.994  -5.426  12.817  1.00 28.84 ? 206 ARG A CA  1 
ATOM   418  C  C   . ARG A 1 67  ? -11.085 -4.777  11.985  1.00 30.49 ? 206 ARG A C   1 
ATOM   419  O  O   . ARG A 1 67  ? -12.259 -4.730  12.374  1.00 31.67 ? 206 ARG A O   1 
ATOM   420  C  CB  . ARG A 1 67  ? -9.080  -4.374  13.450  1.00 29.62 ? 206 ARG A CB  1 
ATOM   421  C  CG  . ARG A 1 67  ? -9.765  -3.427  14.453  1.00 31.72 ? 206 ARG A CG  1 
ATOM   422  C  CD  . ARG A 1 67  ? -8.837  -2.264  14.791  1.00 33.66 ? 206 ARG A CD  1 
ATOM   423  N  NE  . ARG A 1 67  ? -8.412  -1.590  13.564  1.00 38.24 ? 206 ARG A NE  1 
ATOM   424  C  CZ  . ARG A 1 67  ? -7.210  -1.054  13.352  1.00 38.80 ? 206 ARG A CZ  1 
ATOM   425  N  NH1 . ARG A 1 67  ? -6.275  -1.081  14.289  1.00 39.51 ? 206 ARG A NH1 1 
ATOM   426  N  NH2 . ARG A 1 67  ? -6.933  -0.529  12.163  1.00 42.41 ? 206 ARG A NH2 1 
ATOM   427  N  N   . TYR A 1 68  ? -10.720 -4.333  10.791  1.00 29.65 ? 207 TYR A N   1 
ATOM   428  C  CA  . TYR A 1 68  ? -11.712 -3.722  9.921   1.00 27.35 ? 207 TYR A CA  1 
ATOM   429  C  C   . TYR A 1 68  ? -12.850 -4.681  9.563   1.00 26.69 ? 207 TYR A C   1 
ATOM   430  O  O   . TYR A 1 68  ? -14.017 -4.287  9.573   1.00 25.37 ? 207 TYR A O   1 
ATOM   431  C  CB  . TYR A 1 68  ? -11.085 -3.227  8.628   1.00 23.37 ? 207 TYR A CB  1 
ATOM   432  C  CG  . TYR A 1 68  ? -12.132 -2.681  7.730   1.00 22.23 ? 207 TYR A CG  1 
ATOM   433  C  CD1 . TYR A 1 68  ? -12.901 -1.599  8.134   1.00 23.41 ? 207 TYR A CD1 1 
ATOM   434  C  CD2 . TYR A 1 68  ? -12.391 -3.258  6.496   1.00 19.74 ? 207 TYR A CD2 1 
ATOM   435  C  CE1 . TYR A 1 68  ? -13.903 -1.104  7.329   1.00 23.35 ? 207 TYR A CE1 1 
ATOM   436  C  CE2 . TYR A 1 68  ? -13.384 -2.770  5.690   1.00 21.38 ? 207 TYR A CE2 1 
ATOM   437  C  CZ  . TYR A 1 68  ? -14.134 -1.689  6.112   1.00 22.09 ? 207 TYR A CZ  1 
ATOM   438  O  OH  . TYR A 1 68  ? -15.109 -1.177  5.310   1.00 20.05 ? 207 TYR A OH  1 
ATOM   439  N  N   . ARG A 1 69  ? -12.503 -5.906  9.180   1.00 27.49 ? 208 ARG A N   1 
ATOM   440  C  CA  . ARG A 1 69  ? -13.514 -6.898  8.801   1.00 30.43 ? 208 ARG A CA  1 
ATOM   441  C  C   . ARG A 1 69  ? -14.485 -7.215  9.935   1.00 31.42 ? 208 ARG A C   1 
ATOM   442  O  O   . ARG A 1 69  ? -15.641 -7.519  9.689   1.00 30.75 ? 208 ARG A O   1 
ATOM   443  C  CB  . ARG A 1 69  ? -12.865 -8.206  8.333   1.00 31.16 ? 208 ARG A CB  1 
ATOM   444  C  CG  . ARG A 1 69  ? -12.148 -8.127  7.004   1.00 32.68 ? 208 ARG A CG  1 
ATOM   445  C  CD  . ARG A 1 69  ? -11.711 -9.506  6.539   1.00 33.60 ? 208 ARG A CD  1 
ATOM   446  N  NE  . ARG A 1 69  ? -12.849 -10.336 6.160   1.00 36.51 ? 208 ARG A NE  1 
ATOM   447  C  CZ  . ARG A 1 69  ? -12.759 -11.584 5.711   1.00 36.05 ? 208 ARG A CZ  1 
ATOM   448  N  NH1 . ARG A 1 69  ? -11.569 -12.169 5.576   1.00 36.65 ? 208 ARG A NH1 1 
ATOM   449  N  NH2 . ARG A 1 69  ? -13.867 -12.256 5.431   1.00 35.38 ? 208 ARG A NH2 1 
ATOM   450  N  N   . THR A 1 70  ? -14.002 -7.178  11.178  1.00 32.51 ? 209 THR A N   1 
ATOM   451  C  CA  . THR A 1 70  ? -14.869 -7.469  12.300  1.00 34.19 ? 209 THR A CA  1 
ATOM   452  C  C   . THR A 1 70  ? -15.638 -6.265  12.848  1.00 35.99 ? 209 THR A C   1 
ATOM   453  O  O   . THR A 1 70  ? -16.750 -6.433  13.345  1.00 35.80 ? 209 THR A O   1 
ATOM   454  C  CB  . THR A 1 70  ? -14.104 -8.202  13.435  1.00 34.63 ? 209 THR A CB  1 
ATOM   455  O  OG1 . THR A 1 70  ? -13.129 -7.330  14.010  1.00 34.26 ? 209 THR A OG1 1 
ATOM   456  C  CG2 . THR A 1 70  ? -13.398 -9.444  12.888  1.00 33.83 ? 209 THR A CG2 1 
ATOM   457  N  N   . THR A 1 71  ? -15.077 -5.056  12.737  1.00 37.64 ? 210 THR A N   1 
ATOM   458  C  CA  . THR A 1 71  ? -15.746 -3.860  13.252  1.00 39.60 ? 210 THR A CA  1 
ATOM   459  C  C   . THR A 1 71  ? -16.466 -2.989  12.214  1.00 40.64 ? 210 THR A C   1 
ATOM   460  O  O   . THR A 1 71  ? -17.313 -2.156  12.573  1.00 41.53 ? 210 THR A O   1 
ATOM   461  C  CB  . THR A 1 71  ? -14.760 -2.946  14.022  1.00 40.83 ? 210 THR A CB  1 
ATOM   462  O  OG1 . THR A 1 71  ? -13.689 -2.538  13.156  1.00 43.20 ? 210 THR A OG1 1 
ATOM   463  C  CG2 . THR A 1 71  ? -14.184 -3.658  15.224  1.00 40.11 ? 210 THR A CG2 1 
ATOM   464  N  N   . SER A 1 72  ? -16.081 -3.123  10.946  1.00 39.50 ? 211 SER A N   1 
ATOM   465  C  CA  . SER A 1 72  ? -16.673 -2.331  9.867   1.00 39.92 ? 211 SER A CA  1 
ATOM   466  C  C   . SER A 1 72  ? -16.435 -0.838  10.085  1.00 38.76 ? 211 SER A C   1 
ATOM   467  O  O   . SER A 1 72  ? -17.117 -0.002  9.509   1.00 38.90 ? 211 SER A O   1 
ATOM   468  C  CB  . SER A 1 72  ? -18.174 -2.619  9.721   1.00 39.67 ? 211 SER A CB  1 
ATOM   469  O  OG  . SER A 1 72  ? -18.410 -3.995  9.437   1.00 41.03 ? 211 SER A OG  1 
ATOM   470  N  N   . ASP A 1 73  ? -15.390 -0.521  10.835  1.00 39.76 ? 212 ASP A N   1 
ATOM   471  C  CA  . ASP A 1 73  ? -15.041 0.860   11.146  1.00 42.02 ? 212 ASP A CA  1 
ATOM   472  C  C   . ASP A 1 73  ? -13.754 1.218   10.410  1.00 41.02 ? 212 ASP A C   1 
ATOM   473  O  O   . ASP A 1 73  ? -12.656 0.866   10.855  1.00 42.10 ? 212 ASP A O   1 
ATOM   474  C  CB  . ASP A 1 73  ? -14.901 1.012   12.677  1.00 45.18 ? 212 ASP A CB  1 
ATOM   475  C  CG  . ASP A 1 73  ? -14.238 2.322   13.104  1.00 49.90 ? 212 ASP A CG  1 
ATOM   476  O  OD1 . ASP A 1 73  ? -14.520 3.400   12.522  1.00 50.55 ? 212 ASP A OD1 1 
ATOM   477  O  OD2 . ASP A 1 73  ? -13.429 2.260   14.058  1.00 51.91 ? 212 ASP A OD2 1 
ATOM   478  N  N   . PRO A 1 74  ? -13.876 1.916   9.267   1.00 40.51 ? 213 PRO A N   1 
ATOM   479  C  CA  . PRO A 1 74  ? -12.727 2.323   8.451   1.00 38.85 ? 213 PRO A CA  1 
ATOM   480  C  C   . PRO A 1 74  ? -11.790 3.285   9.160   1.00 38.05 ? 213 PRO A C   1 
ATOM   481  O  O   . PRO A 1 74  ? -12.198 4.009   10.058  1.00 36.71 ? 213 PRO A O   1 
ATOM   482  C  CB  . PRO A 1 74  ? -13.382 2.964   7.217   1.00 39.03 ? 213 PRO A CB  1 
ATOM   483  C  CG  . PRO A 1 74  ? -14.688 3.492   7.754   1.00 38.83 ? 213 PRO A CG  1 
ATOM   484  C  CD  . PRO A 1 74  ? -15.141 2.367   8.646   1.00 40.67 ? 213 PRO A CD  1 
ATOM   485  N  N   . HIS A 1 75  ? -10.513 3.211   8.799   1.00 36.83 ? 214 HIS A N   1 
ATOM   486  C  CA  . HIS A 1 75  ? -9.492  4.080   9.369   1.00 36.97 ? 214 HIS A CA  1 
ATOM   487  C  C   . HIS A 1 75  ? -8.706  4.745   8.262   1.00 35.21 ? 214 HIS A C   1 
ATOM   488  O  O   . HIS A 1 75  ? -7.995  5.727   8.482   1.00 35.76 ? 214 HIS A O   1 
ATOM   489  C  CB  . HIS A 1 75  ? -8.535  3.286   10.265  1.00 37.91 ? 214 HIS A CB  1 
ATOM   490  C  CG  . HIS A 1 75  ? -9.067  3.042   11.646  1.00 39.34 ? 214 HIS A CG  1 
ATOM   491  N  ND1 . HIS A 1 75  ? -8.251  2.902   12.750  1.00 40.98 ? 214 HIS A ND1 1 
ATOM   492  C  CD2 . HIS A 1 75  ? -10.337 2.959   12.112  1.00 41.23 ? 214 HIS A CD2 1 
ATOM   493  C  CE1 . HIS A 1 75  ? -8.992  2.756   13.832  1.00 41.54 ? 214 HIS A CE1 1 
ATOM   494  N  NE2 . HIS A 1 75  ? -10.261 2.788   13.471  1.00 40.91 ? 214 HIS A NE2 1 
ATOM   495  N  N   . ILE A 1 76  ? -8.798  4.164   7.077   1.00 34.40 ? 215 ILE A N   1 
ATOM   496  C  CA  . ILE A 1 76  ? -8.108  4.706   5.917   1.00 32.90 ? 215 ILE A CA  1 
ATOM   497  C  C   . ILE A 1 76  ? -9.050  4.663   4.732   1.00 33.83 ? 215 ILE A C   1 
ATOM   498  O  O   . ILE A 1 76  ? -9.005  5.544   3.880   1.00 34.88 ? 215 ILE A O   1 
ATOM   499  C  CB  . ILE A 1 76  ? -6.803  3.947   5.622   1.00 30.86 ? 215 ILE A CB  1 
ATOM   500  C  CG1 . ILE A 1 76  ? -5.765  4.304   6.683   1.00 27.54 ? 215 ILE A CG1 1 
ATOM   501  C  CG2 . ILE A 1 76  ? -6.264  4.281   4.203   1.00 29.41 ? 215 ILE A CG2 1 
ATOM   502  C  CD1 . ILE A 1 76  ? -4.446  3.582   6.538   1.00 29.75 ? 215 ILE A CD1 1 
ATOM   503  N  N   . ILE A 1 77  ? -9.934  3.661   4.711   1.00 34.65 ? 216 ILE A N   1 
ATOM   504  C  CA  . ILE A 1 77  ? -10.918 3.502   3.648   1.00 34.26 ? 216 ILE A CA  1 
ATOM   505  C  C   . ILE A 1 77  ? -11.837 4.716   3.657   1.00 33.19 ? 216 ILE A C   1 
ATOM   506  O  O   . ILE A 1 77  ? -12.409 5.055   4.689   1.00 34.92 ? 216 ILE A O   1 
ATOM   507  C  CB  . ILE A 1 77  ? -11.756 2.215   3.859   1.00 33.97 ? 216 ILE A CB  1 
ATOM   508  C  CG1 . ILE A 1 77  ? -10.865 0.981   3.694   1.00 36.00 ? 216 ILE A CG1 1 
ATOM   509  C  CG2 . ILE A 1 77  ? -12.931 2.176   2.877   1.00 35.51 ? 216 ILE A CG2 1 
ATOM   510  C  CD1 . ILE A 1 77  ? -11.581 -0.352  3.856   1.00 34.65 ? 216 ILE A CD1 1 
ATOM   511  N  N   . GLY A 1 78  ? -11.925 5.403   2.526   1.00 33.17 ? 217 GLY A N   1 
ATOM   512  C  CA  . GLY A 1 78  ? -12.774 6.581   2.431   1.00 33.27 ? 217 GLY A CA  1 
ATOM   513  C  C   . GLY A 1 78  ? -12.239 7.805   3.150   1.00 34.37 ? 217 GLY A C   1 
ATOM   514  O  O   . GLY A 1 78  ? -13.004 8.712   3.500   1.00 36.01 ? 217 GLY A O   1 
ATOM   515  N  N   . ILE A 1 79  ? -10.938 7.802   3.431   1.00 33.08 ? 218 ILE A N   1 
ATOM   516  C  CA  . ILE A 1 79  ? -10.273 8.929   4.079   1.00 31.26 ? 218 ILE A CA  1 
ATOM   517  C  C   . ILE A 1 79  ? -8.942  9.193   3.375   1.00 29.14 ? 218 ILE A C   1 
ATOM   518  O  O   . ILE A 1 79  ? -8.640  10.318  3.009   1.00 29.06 ? 218 ILE A O   1 
ATOM   519  C  CB  . ILE A 1 79  ? -9.973  8.652   5.578   1.00 31.96 ? 218 ILE A CB  1 
ATOM   520  C  CG1 . ILE A 1 79  ? -11.266 8.588   6.390   1.00 32.19 ? 218 ILE A CG1 1 
ATOM   521  C  CG2 . ILE A 1 79  ? -9.039  9.735   6.151   1.00 32.15 ? 218 ILE A CG2 1 
ATOM   522  C  CD1 . ILE A 1 79  ? -11.057 8.182   7.849   1.00 29.68 ? 218 ILE A CD1 1 
ATOM   523  N  N   . GLY A 1 80  ? -8.179  8.139   3.110   1.00 28.63 ? 219 GLY A N   1 
ATOM   524  C  CA  . GLY A 1 80  ? -6.876  8.324   2.488   1.00 25.85 ? 219 GLY A CA  1 
ATOM   525  C  C   . GLY A 1 80  ? -5.888  8.503   3.627   1.00 23.93 ? 219 GLY A C   1 
ATOM   526  O  O   . GLY A 1 80  ? -6.307  8.687   4.773   1.00 23.26 ? 219 GLY A O   1 
ATOM   527  N  N   . ARG A 1 81  ? -4.595  8.428   3.334   1.00 21.82 ? 220 ARG A N   1 
ATOM   528  C  CA  . ARG A 1 81  ? -3.569  8.562   4.364   1.00 20.23 ? 220 ARG A CA  1 
ATOM   529  C  C   . ARG A 1 81  ? -2.187  8.504   3.727   1.00 19.79 ? 220 ARG A C   1 
ATOM   530  O  O   . ARG A 1 81  ? -1.983  7.838   2.718   1.00 21.47 ? 220 ARG A O   1 
ATOM   531  C  CB  . ARG A 1 81  ? -3.693  7.410   5.374   1.00 21.71 ? 220 ARG A CB  1 
ATOM   532  C  CG  . ARG A 1 81  ? -2.726  7.479   6.578   1.00 21.47 ? 220 ARG A CG  1 
ATOM   533  C  CD  . ARG A 1 81  ? -3.510  7.527   7.879   1.00 18.58 ? 220 ARG A CD  1 
ATOM   534  N  NE  . ARG A 1 81  ? -2.977  6.587   8.854   1.00 20.69 ? 220 ARG A NE  1 
ATOM   535  C  CZ  . ARG A 1 81  ? -3.705  5.902   9.745   1.00 21.04 ? 220 ARG A CZ  1 
ATOM   536  N  NH1 . ARG A 1 81  ? -5.041  6.015   9.798   1.00 11.93 ? 220 ARG A NH1 1 
ATOM   537  N  NH2 . ARG A 1 81  ? -3.062  5.186   10.670  1.00 20.25 ? 220 ARG A NH2 1 
ATOM   538  N  N   . ILE A 1 82  ? -1.244  9.219   4.317   1.00 18.35 ? 221 ILE A N   1 
ATOM   539  C  CA  . ILE A 1 82  ? 0.123   9.251   3.844   1.00 16.60 ? 221 ILE A CA  1 
ATOM   540  C  C   . ILE A 1 82  ? 0.921   8.333   4.763   1.00 17.01 ? 221 ILE A C   1 
ATOM   541  O  O   . ILE A 1 82  ? 0.812   8.413   6.001   1.00 15.23 ? 221 ILE A O   1 
ATOM   542  C  CB  . ILE A 1 82  ? 0.669   10.685  3.839   1.00 14.16 ? 221 ILE A CB  1 
ATOM   543  C  CG1 . ILE A 1 82  ? -0.012  11.467  2.706   1.00 15.43 ? 221 ILE A CG1 1 
ATOM   544  C  CG2 . ILE A 1 82  ? 2.173   10.672  3.639   1.00 14.14 ? 221 ILE A CG2 1 
ATOM   545  C  CD1 . ILE A 1 82  ? 0.313   12.967  2.698   1.00 14.96 ? 221 ILE A CD1 1 
ATOM   546  N  N   . VAL A 1 83  ? 1.707   7.455   4.147   1.00 16.66 ? 222 VAL A N   1 
ATOM   547  C  CA  . VAL A 1 83  ? 2.474   6.463   4.883   1.00 15.21 ? 222 VAL A CA  1 
ATOM   548  C  C   . VAL A 1 83  ? 3.818   6.156   4.261   1.00 15.24 ? 222 VAL A C   1 
ATOM   549  O  O   . VAL A 1 83  ? 4.122   6.579   3.150   1.00 15.72 ? 222 VAL A O   1 
ATOM   550  C  CB  . VAL A 1 83  ? 1.721   5.088   4.907   1.00 14.93 ? 222 VAL A CB  1 
ATOM   551  C  CG1 . VAL A 1 83  ? 0.374   5.230   5.587   1.00 9.52  ? 222 VAL A CG1 1 
ATOM   552  C  CG2 . VAL A 1 83  ? 1.547   4.550   3.471   1.00 10.26 ? 222 VAL A CG2 1 
ATOM   553  N  N   . THR A 1 84  ? 4.581   5.359   4.995   1.00 16.15 ? 223 THR A N   1 
ATOM   554  C  CA  . THR A 1 84  ? 5.873   4.891   4.570   1.00 18.47 ? 223 THR A CA  1 
ATOM   555  C  C   . THR A 1 84  ? 5.674   3.498   3.934   1.00 19.91 ? 223 THR A C   1 
ATOM   556  O  O   . THR A 1 84  ? 5.061   2.584   4.527   1.00 20.68 ? 223 THR A O   1 
ATOM   557  C  CB  . THR A 1 84  ? 6.828   4.790   5.793   1.00 21.05 ? 223 THR A CB  1 
ATOM   558  O  OG1 . THR A 1 84  ? 6.764   6.014   6.558   1.00 21.88 ? 223 THR A OG1 1 
ATOM   559  C  CG2 . THR A 1 84  ? 8.274   4.535   5.347   1.00 16.70 ? 223 THR A CG2 1 
ATOM   560  N  N   . GLY A 1 85  ? 6.131   3.376   2.698   1.00 20.37 ? 224 GLY A N   1 
ATOM   561  C  CA  . GLY A 1 85  ? 6.056   2.126   1.982   1.00 19.12 ? 224 GLY A CA  1 
ATOM   562  C  C   . GLY A 1 85  ? 7.502   1.685   1.863   1.00 22.62 ? 224 GLY A C   1 
ATOM   563  O  O   . GLY A 1 85  ? 8.433   2.460   2.185   1.00 19.64 ? 224 GLY A O   1 
ATOM   564  N  N   . LYS A 1 86  ? 7.713   0.489   1.320   1.00 22.50 ? 225 LYS A N   1 
ATOM   565  C  CA  . LYS A 1 86  ? 9.052   -0.065  1.208   1.00 23.99 ? 225 LYS A CA  1 
ATOM   566  C  C   . LYS A 1 86  ? 9.259   -0.853  -0.089  1.00 23.63 ? 225 LYS A C   1 
ATOM   567  O  O   . LYS A 1 86  ? 8.428   -1.667  -0.474  1.00 22.90 ? 225 LYS A O   1 
ATOM   568  C  CB  . LYS A 1 86  ? 9.311   -0.909  2.466   1.00 23.97 ? 225 LYS A CB  1 
ATOM   569  C  CG  . LYS A 1 86  ? 10.438  -1.909  2.416   1.00 27.41 ? 225 LYS A CG  1 
ATOM   570  C  CD  . LYS A 1 86  ? 10.541  -2.638  3.754   1.00 30.64 ? 225 LYS A CD  1 
ATOM   571  C  CE  . LYS A 1 86  ? 11.979  -3.028  4.091   1.00 34.85 ? 225 LYS A CE  1 
ATOM   572  N  NZ  . LYS A 1 86  ? 12.172  -3.280  5.573   1.00 37.93 ? 225 LYS A NZ  1 
ATOM   573  N  N   . ARG A 1 87  ? 10.316  -0.519  -0.817  1.00 24.25 ? 226 ARG A N   1 
ATOM   574  C  CA  . ARG A 1 87  ? 10.629  -1.214  -2.066  1.00 24.36 ? 226 ARG A CA  1 
ATOM   575  C  C   . ARG A 1 87  ? 11.419  -2.484  -1.735  1.00 24.02 ? 226 ARG A C   1 
ATOM   576  O  O   . ARG A 1 87  ? 11.852  -2.689  -0.587  1.00 21.05 ? 226 ARG A O   1 
ATOM   577  C  CB  . ARG A 1 87  ? 11.497  -0.358  -2.981  1.00 24.16 ? 226 ARG A CB  1 
ATOM   578  C  CG  . ARG A 1 87  ? 11.252  1.126   -2.905  1.00 31.11 ? 226 ARG A CG  1 
ATOM   579  C  CD  . ARG A 1 87  ? 12.248  1.861   -3.799  1.00 33.41 ? 226 ARG A CD  1 
ATOM   580  N  NE  . ARG A 1 87  ? 12.163  3.296   -3.577  1.00 37.05 ? 226 ARG A NE  1 
ATOM   581  C  CZ  . ARG A 1 87  ? 11.492  4.126   -4.365  1.00 37.69 ? 226 ARG A CZ  1 
ATOM   582  N  NH1 . ARG A 1 87  ? 10.870  3.649   -5.445  1.00 34.65 ? 226 ARG A NH1 1 
ATOM   583  N  NH2 . ARG A 1 87  ? 11.336  5.399   -4.000  1.00 36.63 ? 226 ARG A NH2 1 
ATOM   584  N  N   . ARG A 1 88  ? 11.679  -3.260  -2.787  1.00 24.09 ? 227 ARG A N   1 
ATOM   585  C  CA  . ARG A 1 88  ? 12.413  -4.515  -2.735  1.00 25.83 ? 227 ARG A CA  1 
ATOM   586  C  C   . ARG A 1 88  ? 13.839  -4.353  -2.230  1.00 27.39 ? 227 ARG A C   1 
ATOM   587  O  O   . ARG A 1 88  ? 14.302  -5.150  -1.413  1.00 26.80 ? 227 ARG A O   1 
ATOM   588  C  CB  . ARG A 1 88  ? 12.448  -5.111  -4.131  1.00 28.41 ? 227 ARG A CB  1 
ATOM   589  C  CG  . ARG A 1 88  ? 13.061  -6.496  -4.260  1.00 28.03 ? 227 ARG A CG  1 
ATOM   590  C  CD  . ARG A 1 88  ? 12.738  -6.960  -5.665  1.00 31.05 ? 227 ARG A CD  1 
ATOM   591  N  NE  . ARG A 1 88  ? 13.181  -8.312  -5.999  1.00 29.26 ? 227 ARG A NE  1 
ATOM   592  C  CZ  . ARG A 1 88  ? 12.971  -8.861  -7.188  1.00 30.37 ? 227 ARG A CZ  1 
ATOM   593  N  NH1 . ARG A 1 88  ? 12.315  -8.171  -8.127  1.00 26.20 ? 227 ARG A NH1 1 
ATOM   594  N  NH2 . ARG A 1 88  ? 13.463  -10.069 -7.466  1.00 30.41 ? 227 ARG A NH2 1 
ATOM   595  N  N   . ASP A 1 89  ? 14.537  -3.322  -2.702  1.00 28.01 ? 228 ASP A N   1 
ATOM   596  C  CA  . ASP A 1 89  ? 15.918  -3.122  -2.269  1.00 28.63 ? 228 ASP A CA  1 
ATOM   597  C  C   . ASP A 1 89  ? 16.036  -2.563  -0.878  1.00 27.10 ? 228 ASP A C   1 
ATOM   598  O  O   . ASP A 1 89  ? 17.103  -2.109  -0.496  1.00 30.16 ? 228 ASP A O   1 
ATOM   599  C  CB  . ASP A 1 89  ? 16.733  -2.266  -3.255  1.00 31.80 ? 228 ASP A CB  1 
ATOM   600  C  CG  . ASP A 1 89  ? 16.240  -0.820  -3.366  1.00 35.93 ? 228 ASP A CG  1 
ATOM   601  O  OD1 . ASP A 1 89  ? 15.834  -0.212  -2.357  1.00 38.59 ? 228 ASP A OD1 1 
ATOM   602  O  OD2 . ASP A 1 89  ? 16.292  -0.274  -4.486  1.00 37.58 ? 228 ASP A OD2 1 
ATOM   603  N  N   . GLY A 1 90  ? 14.929  -2.553  -0.145  1.00 23.76 ? 229 GLY A N   1 
ATOM   604  C  CA  . GLY A 1 90  ? 14.931  -2.043  1.215   1.00 20.62 ? 229 GLY A CA  1 
ATOM   605  C  C   . GLY A 1 90  ? 14.676  -0.557  1.450   1.00 20.10 ? 229 GLY A C   1 
ATOM   606  O  O   . GLY A 1 90  ? 14.473  -0.168  2.588   1.00 18.74 ? 229 GLY A O   1 
ATOM   607  N  N   . THR A 1 91  ? 14.733  0.301   0.442   1.00 20.20 ? 230 THR A N   1 
ATOM   608  C  CA  . THR A 1 91  ? 14.464  1.722   0.742   1.00 24.63 ? 230 THR A CA  1 
ATOM   609  C  C   . THR A 1 91  ? 12.979  2.028   1.089   1.00 24.70 ? 230 THR A C   1 
ATOM   610  O  O   . THR A 1 91  ? 12.062  1.424   0.506   1.00 24.74 ? 230 THR A O   1 
ATOM   611  C  CB  . THR A 1 91  ? 14.959  2.658   -0.380  1.00 23.88 ? 230 THR A CB  1 
ATOM   612  O  OG1 . THR A 1 91  ? 14.305  2.332   -1.610  1.00 25.40 ? 230 THR A OG1 1 
ATOM   613  C  CG2 . THR A 1 91  ? 16.478  2.506   -0.555  1.00 25.57 ? 230 THR A CG2 1 
ATOM   614  N  N   . THR A 1 92  ? 12.771  2.844   2.124   1.00 24.72 ? 231 THR A N   1 
ATOM   615  C  CA  . THR A 1 92  ? 11.443  3.255   2.560   1.00 27.52 ? 231 THR A CA  1 
ATOM   616  C  C   . THR A 1 92  ? 11.164  4.581   1.851   1.00 28.14 ? 231 THR A C   1 
ATOM   617  O  O   . THR A 1 92  ? 12.101  5.280   1.478   1.00 29.62 ? 231 THR A O   1 
ATOM   618  C  CB  . THR A 1 92  ? 11.359  3.475   4.083   1.00 30.40 ? 231 THR A CB  1 
ATOM   619  O  OG1 . THR A 1 92  ? 12.472  4.280   4.522   1.00 31.04 ? 231 THR A OG1 1 
ATOM   620  C  CG2 . THR A 1 92  ? 11.354  2.128   4.832   1.00 28.63 ? 231 THR A CG2 1 
ATOM   621  N  N   . PHE A 1 93  ? 9.891   4.934   1.686   1.00 26.58 ? 232 PHE A N   1 
ATOM   622  C  CA  . PHE A 1 93  ? 9.508   6.150   0.987   1.00 23.43 ? 232 PHE A CA  1 
ATOM   623  C  C   . PHE A 1 93  ? 8.051   6.551   1.274   1.00 24.06 ? 232 PHE A C   1 
ATOM   624  O  O   . PHE A 1 93  ? 7.219   5.699   1.569   1.00 21.79 ? 232 PHE A O   1 
ATOM   625  C  CB  . PHE A 1 93  ? 9.672   5.946   -0.518  1.00 19.59 ? 232 PHE A CB  1 
ATOM   626  C  CG  . PHE A 1 93  ? 8.626   5.049   -1.142  1.00 19.77 ? 232 PHE A CG  1 
ATOM   627  C  CD1 . PHE A 1 93  ? 8.825   3.673   -1.231  1.00 21.65 ? 232 PHE A CD1 1 
ATOM   628  C  CD2 . PHE A 1 93  ? 7.476   5.588   -1.710  1.00 20.38 ? 232 PHE A CD2 1 
ATOM   629  C  CE1 . PHE A 1 93  ? 7.907   2.862   -1.881  1.00 15.11 ? 232 PHE A CE1 1 
ATOM   630  C  CE2 . PHE A 1 93  ? 6.563   4.796   -2.354  1.00 17.32 ? 232 PHE A CE2 1 
ATOM   631  C  CZ  . PHE A 1 93  ? 6.781   3.422   -2.443  1.00 18.46 ? 232 PHE A CZ  1 
ATOM   632  N  N   . PRO A 1 94  ? 7.737   7.858   1.214   1.00 23.03 ? 233 PRO A N   1 
ATOM   633  C  CA  . PRO A 1 94  ? 6.398   8.387   1.463   1.00 21.90 ? 233 PRO A CA  1 
ATOM   634  C  C   . PRO A 1 94  ? 5.465   8.210   0.270   1.00 18.59 ? 233 PRO A C   1 
ATOM   635  O  O   . PRO A 1 94  ? 5.828   8.470   -0.868  1.00 14.76 ? 233 PRO A O   1 
ATOM   636  C  CB  . PRO A 1 94  ? 6.658   9.864   1.730   1.00 22.92 ? 233 PRO A CB  1 
ATOM   637  C  CG  . PRO A 1 94  ? 7.837   10.145  0.851   1.00 24.24 ? 233 PRO A CG  1 
ATOM   638  C  CD  . PRO A 1 94  ? 8.715   8.965   1.145   1.00 24.40 ? 233 PRO A CD  1 
ATOM   639  N  N   . MET A 1 95  ? 4.234   7.835   0.556   1.00 18.53 ? 234 MET A N   1 
ATOM   640  C  CA  . MET A 1 95  ? 3.255   7.631   -0.490  1.00 18.41 ? 234 MET A CA  1 
ATOM   641  C  C   . MET A 1 95  ? 1.883   7.930   0.074   1.00 17.41 ? 234 MET A C   1 
ATOM   642  O  O   . MET A 1 95  ? 1.649   7.757   1.282   1.00 15.84 ? 234 MET A O   1 
ATOM   643  C  CB  . MET A 1 95  ? 3.292   6.172   -0.945  1.00 16.45 ? 234 MET A CB  1 
ATOM   644  C  CG  . MET A 1 95  ? 3.320   5.200   0.235   1.00 18.57 ? 234 MET A CG  1 
ATOM   645  S  SD  . MET A 1 95  ? 3.232   3.442   -0.233  1.00 20.11 ? 234 MET A SD  1 
ATOM   646  C  CE  . MET A 1 95  ? 1.501   3.201   -0.265  1.00 16.43 ? 234 MET A CE  1 
ATOM   647  N  N   . HIS A 1 96  ? 0.987   8.397   -0.787  1.00 14.64 ? 235 HIS A N   1 
ATOM   648  C  CA  . HIS A 1 96  ? -0.366  8.643   -0.348  1.00 13.87 ? 235 HIS A CA  1 
ATOM   649  C  C   . HIS A 1 96  ? -1.152  7.366   -0.705  1.00 14.26 ? 235 HIS A C   1 
ATOM   650  O  O   . HIS A 1 96  ? -0.996  6.808   -1.794  1.00 14.85 ? 235 HIS A O   1 
ATOM   651  C  CB  . HIS A 1 96  ? -0.993  9.870   -1.024  1.00 12.29 ? 235 HIS A CB  1 
ATOM   652  C  CG  . HIS A 1 96  ? -2.411  10.096  -0.601  1.00 12.03 ? 235 HIS A CG  1 
ATOM   653  N  ND1 . HIS A 1 96  ? -3.479  9.545   -1.275  1.00 13.48 ? 235 HIS A ND1 1 
ATOM   654  C  CD2 . HIS A 1 96  ? -2.925  10.662  0.513   1.00 13.66 ? 235 HIS A CD2 1 
ATOM   655  C  CE1 . HIS A 1 96  ? -4.588  9.747   -0.589  1.00 17.24 ? 235 HIS A CE1 1 
ATOM   656  N  NE2 . HIS A 1 96  ? -4.278  10.425  0.503   1.00 18.19 ? 235 HIS A NE2 1 
ATOM   657  N  N   . LEU A 1 97  ? -2.082  6.974   0.147   1.00 13.23 ? 236 LEU A N   1 
ATOM   658  C  CA  . LEU A 1 97  ? -2.807  5.739   -0.096  1.00 13.25 ? 236 LEU A CA  1 
ATOM   659  C  C   . LEU A 1 97  ? -4.326  5.882   -0.008  1.00 12.84 ? 236 LEU A C   1 
ATOM   660  O  O   . LEU A 1 97  ? -4.831  6.527   0.903   1.00 11.83 ? 236 LEU A O   1 
ATOM   661  C  CB  . LEU A 1 97  ? -2.322  4.736   0.957   1.00 13.11 ? 236 LEU A CB  1 
ATOM   662  C  CG  . LEU A 1 97  ? -2.633  3.254   0.922   1.00 17.03 ? 236 LEU A CG  1 
ATOM   663  C  CD1 . LEU A 1 97  ? -2.370  2.656   -0.494  1.00 15.55 ? 236 LEU A CD1 1 
ATOM   664  C  CD2 . LEU A 1 97  ? -1.761  2.591   1.981   1.00 12.89 ? 236 LEU A CD2 1 
ATOM   665  N  N   . SER A 1 98  ? -5.036  5.323   -0.985  1.00 13.21 ? 237 SER A N   1 
ATOM   666  C  CA  . SER A 1 98  ? -6.508  5.323   -0.996  1.00 13.85 ? 237 SER A CA  1 
ATOM   667  C  C   . SER A 1 98  ? -6.827  3.833   -1.093  1.00 12.99 ? 237 SER A C   1 
ATOM   668  O  O   . SER A 1 98  ? -6.184  3.105   -1.841  1.00 12.38 ? 237 SER A O   1 
ATOM   669  C  CB  . SER A 1 98  ? -7.059  6.022   -2.238  1.00 15.06 ? 237 SER A CB  1 
ATOM   670  O  OG  . SER A 1 98  ? -6.216  7.093   -2.639  1.00 21.06 ? 237 SER A OG  1 
ATOM   671  N  N   . ILE A 1 99  ? -7.772  3.375   -0.300  1.00 12.78 ? 238 ILE A N   1 
ATOM   672  C  CA  . ILE A 1 99  ? -8.148  1.967   -0.288  1.00 12.11 ? 238 ILE A CA  1 
ATOM   673  C  C   . ILE A 1 99  ? -9.609  1.917   -0.713  1.00 12.81 ? 238 ILE A C   1 
ATOM   674  O  O   . ILE A 1 99  ? -10.401 2.792   -0.349  1.00 11.83 ? 238 ILE A O   1 
ATOM   675  C  CB  . ILE A 1 99  ? -7.968  1.359   1.148   1.00 9.57  ? 238 ILE A CB  1 
ATOM   676  C  CG1 . ILE A 1 99  ? -6.520  1.496   1.608   1.00 8.06  ? 238 ILE A CG1 1 
ATOM   677  C  CG2 . ILE A 1 99  ? -8.356  -0.090  1.170   1.00 10.53 ? 238 ILE A CG2 1 
ATOM   678  C  CD1 . ILE A 1 99  ? -5.524  0.803   0.715   1.00 8.31  ? 238 ILE A CD1 1 
ATOM   679  N  N   . GLY A 1 100 ? -9.938  0.968   -1.578  1.00 14.32 ? 239 GLY A N   1 
ATOM   680  C  CA  . GLY A 1 100 ? -11.305 0.836   -2.031  1.00 15.61 ? 239 GLY A CA  1 
ATOM   681  C  C   . GLY A 1 100 ? -11.800 -0.548  -1.664  1.00 15.13 ? 239 GLY A C   1 
ATOM   682  O  O   . GLY A 1 100 ? -11.028 -1.494  -1.609  1.00 16.31 ? 239 GLY A O   1 
ATOM   683  N  N   . GLU A 1 101 ? -13.078 -0.670  -1.369  1.00 17.29 ? 240 GLU A N   1 
ATOM   684  C  CA  . GLU A 1 101 ? -13.625 -1.964  -1.014  1.00 17.91 ? 240 GLU A CA  1 
ATOM   685  C  C   . GLU A 1 101 ? -14.472 -2.515  -2.143  1.00 17.75 ? 240 GLU A C   1 
ATOM   686  O  O   . GLU A 1 101 ? -15.268 -1.793  -2.757  1.00 16.39 ? 240 GLU A O   1 
ATOM   687  C  CB  . GLU A 1 101 ? -14.478 -1.845  0.235   1.00 18.23 ? 240 GLU A CB  1 
ATOM   688  C  CG  . GLU A 1 101 ? -14.705 -3.163  0.962   1.00 21.72 ? 240 GLU A CG  1 
ATOM   689  C  CD  . GLU A 1 101 ? -15.524 -2.967  2.224   1.00 24.59 ? 240 GLU A CD  1 
ATOM   690  O  OE1 . GLU A 1 101 ? -15.735 -1.780  2.611   1.00 26.27 ? 240 GLU A OE1 1 
ATOM   691  O  OE2 . GLU A 1 101 ? -15.956 -3.983  2.813   1.00 22.30 ? 240 GLU A OE2 1 
ATOM   692  N  N   . MET A 1 102 ? -14.314 -3.794  -2.409  1.00 18.17 ? 241 MET A N   1 
ATOM   693  C  CA  . MET A 1 102 ? -15.079 -4.443  -3.460  1.00 24.91 ? 241 MET A CA  1 
ATOM   694  C  C   . MET A 1 102 ? -15.441 -5.839  -3.008  1.00 26.01 ? 241 MET A C   1 
ATOM   695  O  O   . MET A 1 102 ? -15.036 -6.269  -1.928  1.00 29.08 ? 241 MET A O   1 
ATOM   696  C  CB  . MET A 1 102 ? -14.268 -4.485  -4.767  1.00 24.64 ? 241 MET A CB  1 
ATOM   697  C  CG  . MET A 1 102 ? -14.008 -3.104  -5.327  1.00 25.12 ? 241 MET A CG  1 
ATOM   698  S  SD  . MET A 1 102 ? -12.964 -2.992  -6.766  1.00 25.40 ? 241 MET A SD  1 
ATOM   699  C  CE  . MET A 1 102 ? -11.814 -4.249  -6.483  1.00 28.18 ? 241 MET A CE  1 
ATOM   700  N  N   . GLN A 1 103 ? -16.258 -6.514  -3.793  1.00 29.28 ? 242 GLN A N   1 
ATOM   701  C  CA  . GLN A 1 103 ? -16.667 -7.882  -3.485  1.00 34.41 ? 242 GLN A CA  1 
ATOM   702  C  C   . GLN A 1 103 ? -16.636 -8.637  -4.797  1.00 32.90 ? 242 GLN A C   1 
ATOM   703  O  O   . GLN A 1 103 ? -16.910 -8.058  -5.835  1.00 33.43 ? 242 GLN A O   1 
ATOM   704  C  CB  . GLN A 1 103 ? -18.083 -7.919  -2.888  1.00 37.39 ? 242 GLN A CB  1 
ATOM   705  C  CG  . GLN A 1 103 ? -18.202 -7.384  -1.463  1.00 40.70 ? 242 GLN A CG  1 
ATOM   706  C  CD  . GLN A 1 103 ? -18.250 -8.493  -0.406  1.00 43.94 ? 242 GLN A CD  1 
ATOM   707  O  OE1 . GLN A 1 103 ? -18.965 -9.486  -0.555  1.00 45.44 ? 242 GLN A OE1 1 
ATOM   708  N  NE2 . GLN A 1 103 ? -17.497 -8.314  0.669   1.00 44.20 ? 242 GLN A NE2 1 
ATOM   709  N  N   . SER A 1 104 ? -16.243 -9.902  -4.743  1.00 34.35 ? 243 SER A N   1 
ATOM   710  C  CA  . SER A 1 104 ? -16.161 -10.766 -5.923  1.00 34.80 ? 243 SER A CA  1 
ATOM   711  C  C   . SER A 1 104 ? -16.334 -12.174 -5.401  1.00 34.37 ? 243 SER A C   1 
ATOM   712  O  O   . SER A 1 104 ? -15.905 -12.470 -4.284  1.00 32.99 ? 243 SER A O   1 
ATOM   713  C  CB  . SER A 1 104 ? -14.791 -10.623 -6.595  1.00 38.18 ? 243 SER A CB  1 
ATOM   714  O  OG  . SER A 1 104 ? -14.653 -11.457 -7.738  1.00 40.55 ? 243 SER A OG  1 
ATOM   715  N  N   . GLY A 1 105 ? -17.022 -13.020 -6.171  1.00 35.15 ? 244 GLY A N   1 
ATOM   716  C  CA  . GLY A 1 105 ? -17.267 -14.396 -5.757  1.00 33.26 ? 244 GLY A CA  1 
ATOM   717  C  C   . GLY A 1 105 ? -17.618 -14.535 -4.283  1.00 33.01 ? 244 GLY A C   1 
ATOM   718  O  O   . GLY A 1 105 ? -17.150 -15.473 -3.625  1.00 32.51 ? 244 GLY A O   1 
ATOM   719  N  N   . GLY A 1 106 ? -18.391 -13.586 -3.752  1.00 33.05 ? 245 GLY A N   1 
ATOM   720  C  CA  . GLY A 1 106 ? -18.770 -13.618 -2.340  1.00 33.89 ? 245 GLY A CA  1 
ATOM   721  C  C   . GLY A 1 106 ? -17.747 -13.068 -1.341  1.00 34.76 ? 245 GLY A C   1 
ATOM   722  O  O   . GLY A 1 106 ? -18.116 -12.492 -0.305  1.00 34.93 ? 245 GLY A O   1 
ATOM   723  N  N   . GLU A 1 107 ? -16.466 -13.198 -1.672  1.00 34.14 ? 246 GLU A N   1 
ATOM   724  C  CA  . GLU A 1 107 ? -15.374 -12.747 -0.808  1.00 33.88 ? 246 GLU A CA  1 
ATOM   725  C  C   . GLU A 1 107 ? -14.916 -11.309 -1.073  1.00 29.93 ? 246 GLU A C   1 
ATOM   726  O  O   . GLU A 1 107 ? -14.904 -10.846 -2.217  1.00 32.03 ? 246 GLU A O   1 
ATOM   727  C  CB  . GLU A 1 107 ? -14.197 -13.748 -0.891  1.00 35.95 ? 246 GLU A CB  1 
ATOM   728  C  CG  . GLU A 1 107 ? -13.841 -14.188 -2.317  1.00 40.12 ? 246 GLU A CG  1 
ATOM   729  C  CD  . GLU A 1 107 ? -12.683 -15.197 -2.394  1.00 42.43 ? 246 GLU A CD  1 
ATOM   730  O  OE1 . GLU A 1 107 ? -11.897 -15.312 -1.421  1.00 42.23 ? 246 GLU A OE1 1 
ATOM   731  O  OE2 . GLU A 1 107 ? -12.559 -15.865 -3.450  1.00 42.28 ? 246 GLU A OE2 1 
ATOM   732  N  N   . PRO A 1 108 ? -14.531 -10.579 -0.022  1.00 27.88 ? 247 PRO A N   1 
ATOM   733  C  CA  . PRO A 1 108 ? -14.085 -9.188  -0.178  1.00 25.90 ? 247 PRO A CA  1 
ATOM   734  C  C   . PRO A 1 108 ? -12.672 -9.040  -0.785  1.00 23.49 ? 247 PRO A C   1 
ATOM   735  O  O   . PRO A 1 108 ? -11.823 -9.919  -0.658  1.00 22.79 ? 247 PRO A O   1 
ATOM   736  C  CB  . PRO A 1 108 ? -14.179 -8.628  1.254   1.00 22.38 ? 247 PRO A CB  1 
ATOM   737  C  CG  . PRO A 1 108 ? -13.812 -9.798  2.093   1.00 25.68 ? 247 PRO A CG  1 
ATOM   738  C  CD  . PRO A 1 108 ? -14.450 -11.008 1.398   1.00 27.75 ? 247 PRO A CD  1 
ATOM   739  N  N   . TYR A 1 109 ? -12.477 -7.948  -1.507  1.00 22.30 ? 248 TYR A N   1 
ATOM   740  C  CA  . TYR A 1 109 ? -11.206 -7.613  -2.143  1.00 20.47 ? 248 TYR A CA  1 
ATOM   741  C  C   . TYR A 1 109 ? -11.046 -6.127  -1.892  1.00 18.27 ? 248 TYR A C   1 
ATOM   742  O  O   . TYR A 1 109 ? -12.056 -5.400  -1.846  1.00 19.70 ? 248 TYR A O   1 
ATOM   743  C  CB  . TYR A 1 109 ? -11.268 -7.875  -3.658  1.00 18.79 ? 248 TYR A CB  1 
ATOM   744  C  CG  . TYR A 1 109 ? -11.237 -9.342  -4.004  1.00 18.31 ? 248 TYR A CG  1 
ATOM   745  C  CD1 . TYR A 1 109 ? -12.407 -10.110 -4.011  1.00 18.15 ? 248 TYR A CD1 1 
ATOM   746  C  CD2 . TYR A 1 109 ? -10.019 -9.986  -4.282  1.00 16.66 ? 248 TYR A CD2 1 
ATOM   747  C  CE1 . TYR A 1 109 ? -12.369 -11.486 -4.293  1.00 15.85 ? 248 TYR A CE1 1 
ATOM   748  C  CE2 . TYR A 1 109 ? -9.977  -11.342 -4.564  1.00 15.81 ? 248 TYR A CE2 1 
ATOM   749  C  CZ  . TYR A 1 109 ? -11.158 -12.089 -4.571  1.00 15.20 ? 248 TYR A CZ  1 
ATOM   750  O  OH  . TYR A 1 109 ? -11.117 -13.424 -4.913  1.00 16.66 ? 248 TYR A OH  1 
ATOM   751  N  N   . PHE A 1 110 ? -9.809  -5.685  -1.679  1.00 13.75 ? 249 PHE A N   1 
ATOM   752  C  CA  . PHE A 1 110 ? -9.529  -4.268  -1.429  1.00 9.45  ? 249 PHE A CA  1 
ATOM   753  C  C   . PHE A 1 110 ? -8.594  -3.799  -2.525  1.00 10.30 ? 249 PHE A C   1 
ATOM   754  O  O   . PHE A 1 110 ? -7.730  -4.561  -2.998  1.00 7.44  ? 249 PHE A O   1 
ATOM   755  C  CB  . PHE A 1 110 ? -8.861  -4.059  -0.049  1.00 9.30  ? 249 PHE A CB  1 
ATOM   756  C  CG  . PHE A 1 110 ? -9.662  -4.602  1.095   1.00 8.62  ? 249 PHE A CG  1 
ATOM   757  C  CD1 . PHE A 1 110 ? -10.657 -3.827  1.701   1.00 10.27 ? 249 PHE A CD1 1 
ATOM   758  C  CD2 . PHE A 1 110 ? -9.510  -5.920  1.485   1.00 8.30  ? 249 PHE A CD2 1 
ATOM   759  C  CE1 . PHE A 1 110 ? -11.517 -4.376  2.679   1.00 9.65  ? 249 PHE A CE1 1 
ATOM   760  C  CE2 . PHE A 1 110 ? -10.355 -6.490  2.454   1.00 9.75  ? 249 PHE A CE2 1 
ATOM   761  C  CZ  . PHE A 1 110 ? -11.366 -5.716  3.050   1.00 8.20  ? 249 PHE A CZ  1 
ATOM   762  N  N   . THR A 1 111 ? -8.701  -2.520  -2.871  1.00 9.18  ? 250 THR A N   1 
ATOM   763  C  CA  . THR A 1 111 ? -7.880  -1.966  -3.917  1.00 9.66  ? 250 THR A CA  1 
ATOM   764  C  C   . THR A 1 111 ? -7.102  -0.796  -3.355  1.00 10.42 ? 250 THR A C   1 
ATOM   765  O  O   . THR A 1 111 ? -7.625  0.005   -2.598  1.00 16.69 ? 250 THR A O   1 
ATOM   766  C  CB  . THR A 1 111 ? -8.800  -1.610  -5.133  1.00 12.84 ? 250 THR A CB  1 
ATOM   767  O  OG1 . THR A 1 111 ? -9.572  -2.781  -5.459  1.00 17.12 ? 250 THR A OG1 1 
ATOM   768  C  CG2 . THR A 1 111 ? -7.995  -1.289  -6.373  1.00 11.31 ? 250 THR A CG2 1 
ATOM   769  N  N   . GLY A 1 112 ? -5.822  -0.734  -3.656  1.00 9.04  ? 251 GLY A N   1 
ATOM   770  C  CA  . GLY A 1 112 ? -5.002  0.332   -3.142  1.00 8.38  ? 251 GLY A CA  1 
ATOM   771  C  C   . GLY A 1 112 ? -4.393  1.094   -4.299  1.00 10.83 ? 251 GLY A C   1 
ATOM   772  O  O   . GLY A 1 112 ? -3.924  0.490   -5.303  1.00 9.24  ? 251 GLY A O   1 
ATOM   773  N  N   . PHE A 1 113 ? -4.538  2.415   -4.207  1.00 9.06  ? 252 PHE A N   1 
ATOM   774  C  CA  . PHE A 1 113 ? -4.039  3.341   -5.210  1.00 11.32 ? 252 PHE A CA  1 
ATOM   775  C  C   . PHE A 1 113 ? -2.957  4.151   -4.533  1.00 9.77  ? 252 PHE A C   1 
ATOM   776  O  O   . PHE A 1 113 ? -3.213  4.923   -3.619  1.00 12.88 ? 252 PHE A O   1 
ATOM   777  C  CB  . PHE A 1 113 ? -5.170  4.248   -5.704  1.00 13.39 ? 252 PHE A CB  1 
ATOM   778  C  CG  . PHE A 1 113 ? -6.296  3.494   -6.357  1.00 19.02 ? 252 PHE A CG  1 
ATOM   779  C  CD1 . PHE A 1 113 ? -6.176  3.060   -7.664  1.00 18.48 ? 252 PHE A CD1 1 
ATOM   780  C  CD2 . PHE A 1 113 ? -7.487  3.255   -5.673  1.00 22.36 ? 252 PHE A CD2 1 
ATOM   781  C  CE1 . PHE A 1 113 ? -7.201  2.410   -8.300  1.00 20.92 ? 252 PHE A CE1 1 
ATOM   782  C  CE2 . PHE A 1 113 ? -8.550  2.593   -6.305  1.00 24.23 ? 252 PHE A CE2 1 
ATOM   783  C  CZ  . PHE A 1 113 ? -8.402  2.168   -7.633  1.00 23.34 ? 252 PHE A CZ  1 
ATOM   784  N  N   . VAL A 1 114 ? -1.755  3.990   -5.026  1.00 12.14 ? 253 VAL A N   1 
ATOM   785  C  CA  . VAL A 1 114 ? -0.581  4.624   -4.473  1.00 15.38 ? 253 VAL A CA  1 
ATOM   786  C  C   . VAL A 1 114 ? -0.114  5.798   -5.313  1.00 14.74 ? 253 VAL A C   1 
ATOM   787  O  O   . VAL A 1 114 ? -0.210  5.750   -6.548  1.00 14.37 ? 253 VAL A O   1 
ATOM   788  C  CB  . VAL A 1 114 ? 0.552   3.557   -4.415  1.00 17.20 ? 253 VAL A CB  1 
ATOM   789  C  CG1 . VAL A 1 114 ? 1.835   4.151   -3.931  1.00 15.88 ? 253 VAL A CG1 1 
ATOM   790  C  CG2 . VAL A 1 114 ? 0.105   2.389   -3.543  1.00 15.32 ? 253 VAL A CG2 1 
ATOM   791  N  N   . ARG A 1 115 ? 0.450   6.806   -4.634  1.00 13.65 ? 254 ARG A N   1 
ATOM   792  C  CA  . ARG A 1 115 ? 0.991   8.019   -5.239  1.00 15.57 ? 254 ARG A CA  1 
ATOM   793  C  C   . ARG A 1 115 ? 2.292   8.313   -4.520  1.00 17.62 ? 254 ARG A C   1 
ATOM   794  O  O   . ARG A 1 115 ? 2.318   8.603   -3.318  1.00 17.91 ? 254 ARG A O   1 
ATOM   795  C  CB  . ARG A 1 115 ? 0.028   9.190   -5.057  1.00 16.97 ? 254 ARG A CB  1 
ATOM   796  N  N   . ASP A 1 116 ? 3.380   8.141   -5.248  1.00 18.16 ? 255 ASP A N   1 
ATOM   797  C  CA  . ASP A 1 116 ? 4.704   8.352   -4.726  1.00 19.48 ? 255 ASP A CA  1 
ATOM   798  C  C   . ASP A 1 116 ? 4.856   9.821   -4.342  1.00 22.34 ? 255 ASP A C   1 
ATOM   799  O  O   . ASP A 1 116 ? 4.724   10.712  -5.175  1.00 22.71 ? 255 ASP A O   1 
ATOM   800  C  CB  . ASP A 1 116 ? 5.708   7.985   -5.813  1.00 19.52 ? 255 ASP A CB  1 
ATOM   801  C  CG  . ASP A 1 116 ? 7.122   7.967   -5.316  1.00 18.96 ? 255 ASP A CG  1 
ATOM   802  O  OD1 . ASP A 1 116 ? 7.339   8.058   -4.090  1.00 17.89 ? 255 ASP A OD1 1 
ATOM   803  O  OD2 . ASP A 1 116 ? 8.021   7.819   -6.167  1.00 20.25 ? 255 ASP A OD2 1 
ATOM   804  N  N   . LEU A 1 117 ? 5.206   10.046  -3.087  1.00 22.57 ? 256 LEU A N   1 
ATOM   805  C  CA  . LEU A 1 117 ? 5.351   11.374  -2.572  1.00 22.98 ? 256 LEU A CA  1 
ATOM   806  C  C   . LEU A 1 117 ? 6.796   11.659  -2.186  1.00 24.62 ? 256 LEU A C   1 
ATOM   807  O  O   . LEU A 1 117 ? 7.054   12.577  -1.409  1.00 25.47 ? 256 LEU A O   1 
ATOM   808  C  CB  . LEU A 1 117 ? 4.416   11.549  -1.372  1.00 22.92 ? 256 LEU A CB  1 
ATOM   809  C  CG  . LEU A 1 117 ? 3.087   12.260  -1.595  1.00 21.23 ? 256 LEU A CG  1 
ATOM   810  C  CD1 . LEU A 1 117 ? 2.568   12.096  -3.002  1.00 21.48 ? 256 LEU A CD1 1 
ATOM   811  C  CD2 . LEU A 1 117 ? 2.113   11.776  -0.581  1.00 20.52 ? 256 LEU A CD2 1 
ATOM   812  N  N   . THR A 1 118 ? 7.724   10.894  -2.759  1.00 24.85 ? 257 THR A N   1 
ATOM   813  C  CA  . THR A 1 118 ? 9.154   11.035  -2.497  1.00 28.23 ? 257 THR A CA  1 
ATOM   814  C  C   . THR A 1 118 ? 9.700   12.376  -3.006  1.00 28.65 ? 257 THR A C   1 
ATOM   815  O  O   . THR A 1 118 ? 10.473  13.039  -2.325  1.00 26.61 ? 257 THR A O   1 
ATOM   816  C  CB  . THR A 1 118 ? 9.972   9.907   -3.187  1.00 29.88 ? 257 THR A CB  1 
ATOM   817  O  OG1 . THR A 1 118 ? 9.331   8.646   -2.966  1.00 33.15 ? 257 THR A OG1 1 
ATOM   818  C  CG2 . THR A 1 118 ? 11.373  9.832   -2.607  1.00 30.48 ? 257 THR A CG2 1 
ATOM   819  N  N   . GLU A 1 119 ? 9.327   12.736  -4.231  1.00 29.04 ? 258 GLU A N   1 
ATOM   820  C  CA  . GLU A 1 119 ? 9.760   13.992  -4.836  1.00 30.32 ? 258 GLU A CA  1 
ATOM   821  C  C   . GLU A 1 119 ? 9.297   15.189  -4.008  1.00 29.67 ? 258 GLU A C   1 
ATOM   822  O  O   . GLU A 1 119 ? 10.063  16.140  -3.793  1.00 31.03 ? 258 GLU A O   1 
ATOM   823  C  CB  . GLU A 1 119 ? 9.222   14.075  -6.256  1.00 32.45 ? 258 GLU A CB  1 
ATOM   824  C  CG  . GLU A 1 119 ? 9.832   15.161  -7.105  1.00 38.18 ? 258 GLU A CG  1 
ATOM   825  C  CD  . GLU A 1 119 ? 9.431   15.034  -8.562  1.00 40.50 ? 258 GLU A CD  1 
ATOM   826  O  OE1 . GLU A 1 119 ? 8.371   14.425  -8.837  1.00 43.01 ? 258 GLU A OE1 1 
ATOM   827  O  OE2 . GLU A 1 119 ? 10.183  15.527  -9.431  1.00 41.18 ? 258 GLU A OE2 1 
ATOM   828  N  N   . HIS A 1 120 ? 8.067   15.116  -3.508  1.00 28.08 ? 259 HIS A N   1 
ATOM   829  C  CA  . HIS A 1 120 ? 7.481   16.167  -2.678  1.00 25.77 ? 259 HIS A CA  1 
ATOM   830  C  C   . HIS A 1 120 ? 8.217   16.295  -1.365  1.00 23.56 ? 259 HIS A C   1 
ATOM   831  O  O   . HIS A 1 120 ? 8.499   17.406  -0.926  1.00 21.82 ? 259 HIS A O   1 
ATOM   832  C  CB  . HIS A 1 120 ? 6.011   15.882  -2.380  1.00 26.74 ? 259 HIS A CB  1 
ATOM   833  C  CG  . HIS A 1 120 ? 5.152   15.788  -3.601  1.00 29.15 ? 259 HIS A CG  1 
ATOM   834  N  ND1 . HIS A 1 120 ? 4.276   16.786  -3.968  1.00 31.16 ? 259 HIS A ND1 1 
ATOM   835  C  CD2 . HIS A 1 120 ? 5.035   14.819  -4.540  1.00 30.34 ? 259 HIS A CD2 1 
ATOM   836  C  CE1 . HIS A 1 120 ? 3.653   16.436  -5.081  1.00 32.92 ? 259 HIS A CE1 1 
ATOM   837  N  NE2 . HIS A 1 120 ? 4.095   15.245  -5.447  1.00 32.37 ? 259 HIS A NE2 1 
ATOM   838  N  N   . GLN A 1 121 ? 8.517   15.158  -0.737  1.00 22.64 ? 260 GLN A N   1 
ATOM   839  C  CA  . GLN A 1 121 ? 9.228   15.144  0.538   1.00 22.14 ? 260 GLN A CA  1 
ATOM   840  C  C   . GLN A 1 121 ? 10.658  15.641  0.315   1.00 21.06 ? 260 GLN A C   1 
ATOM   841  O  O   . GLN A 1 121 ? 11.275  16.227  1.215   1.00 22.22 ? 260 GLN A O   1 
ATOM   842  C  CB  . GLN A 1 121 ? 9.261   13.727  1.119   1.00 22.89 ? 260 GLN A CB  1 
ATOM   843  C  CG  . GLN A 1 121 ? 9.843   13.619  2.531   1.00 22.80 ? 260 GLN A CG  1 
ATOM   844  C  CD  . GLN A 1 121 ? 9.979   12.162  2.998   1.00 24.33 ? 260 GLN A CD  1 
ATOM   845  O  OE1 . GLN A 1 121 ? 10.502  11.320  2.277   1.00 21.44 ? 260 GLN A OE1 1 
ATOM   846  N  NE2 . GLN A 1 121 ? 9.502   11.869  4.212   1.00 26.05 ? 260 GLN A NE2 1 
ATOM   847  N  N   . GLN A 1 122 ? 11.173  15.403  -0.889  1.00 20.64 ? 261 GLN A N   1 
ATOM   848  C  CA  . GLN A 1 122 ? 12.509  15.818  -1.258  1.00 21.52 ? 261 GLN A CA  1 
ATOM   849  C  C   . GLN A 1 122 ? 12.566  17.332  -1.500  1.00 21.12 ? 261 GLN A C   1 
ATOM   850  O  O   . GLN A 1 122 ? 13.409  18.021  -0.942  1.00 18.77 ? 261 GLN A O   1 
ATOM   851  C  CB  . GLN A 1 122 ? 13.007  15.010  -2.466  1.00 24.91 ? 261 GLN A CB  1 
ATOM   852  C  CG  . GLN A 1 122 ? 13.545  13.611  -2.112  1.00 27.35 ? 261 GLN A CG  1 
ATOM   853  C  CD  . GLN A 1 122 ? 14.570  13.102  -3.121  1.00 32.90 ? 261 GLN A CD  1 
ATOM   854  O  OE1 . GLN A 1 122 ? 15.783  13.304  -2.955  1.00 35.58 ? 261 GLN A OE1 1 
ATOM   855  N  NE2 . GLN A 1 122 ? 14.091  12.473  -4.191  1.00 33.72 ? 261 GLN A NE2 1 
ATOM   856  N  N   . THR A 1 123 ? 11.605  17.854  -2.249  1.00 22.13 ? 262 THR A N   1 
ATOM   857  C  CA  . THR A 1 123 ? 11.523  19.293  -2.514  1.00 23.10 ? 262 THR A CA  1 
ATOM   858  C  C   . THR A 1 123 ? 11.280  20.074  -1.210  1.00 24.19 ? 262 THR A C   1 
ATOM   859  O  O   . THR A 1 123 ? 11.791  21.197  -1.031  1.00 24.01 ? 262 THR A O   1 
ATOM   860  C  CB  . THR A 1 123 ? 10.367  19.599  -3.493  1.00 22.67 ? 262 THR A CB  1 
ATOM   861  O  OG1 . THR A 1 123 ? 10.629  18.976  -4.754  1.00 25.51 ? 262 THR A OG1 1 
ATOM   862  C  CG2 . THR A 1 123 ? 10.204  21.075  -3.698  1.00 24.54 ? 262 THR A CG2 1 
ATOM   863  N  N   . GLN A 1 124 ? 10.548  19.443  -0.288  1.00 22.05 ? 263 GLN A N   1 
ATOM   864  C  CA  . GLN A 1 124 ? 10.196  20.039  0.995   1.00 21.90 ? 263 GLN A CA  1 
ATOM   865  C  C   . GLN A 1 124 ? 11.378  20.175  1.957   1.00 21.12 ? 263 GLN A C   1 
ATOM   866  O  O   . GLN A 1 124 ? 11.616  21.244  2.509   1.00 20.10 ? 263 GLN A O   1 
ATOM   867  C  CB  . GLN A 1 124 ? 9.029   19.243  1.613   1.00 21.28 ? 263 GLN A CB  1 
ATOM   868  C  CG  . GLN A 1 124 ? 8.391   19.851  2.820   1.00 23.68 ? 263 GLN A CG  1 
ATOM   869  C  CD  . GLN A 1 124 ? 7.142   19.091  3.264   1.00 23.64 ? 263 GLN A CD  1 
ATOM   870  O  OE1 . GLN A 1 124 ? 7.069   18.603  4.389   1.00 20.87 ? 263 GLN A OE1 1 
ATOM   871  N  NE2 . GLN A 1 124 ? 6.157   18.992  2.377   1.00 24.99 ? 263 GLN A NE2 1 
ATOM   872  N  N   . ALA A 1 125 ? 12.123  19.093  2.160   1.00 23.11 ? 264 ALA A N   1 
ATOM   873  C  CA  . ALA A 1 125 ? 13.306  19.108  3.031   1.00 20.72 ? 264 ALA A CA  1 
ATOM   874  C  C   . ALA A 1 125 ? 14.374  20.020  2.445   1.00 20.63 ? 264 ALA A C   1 
ATOM   875  O  O   . ALA A 1 125 ? 15.070  20.712  3.178   1.00 20.40 ? 264 ALA A O   1 
ATOM   876  C  CB  . ALA A 1 125 ? 13.878  17.687  3.187   1.00 18.61 ? 264 ALA A CB  1 
ATOM   877  N  N   . ARG A 1 126 ? 14.512  20.029  1.123   1.00 22.04 ? 265 ARG A N   1 
ATOM   878  C  CA  . ARG A 1 126 ? 15.544  20.868  0.488   1.00 23.88 ? 265 ARG A CA  1 
ATOM   879  C  C   . ARG A 1 126 ? 15.222  22.347  0.731   1.00 23.97 ? 265 ARG A C   1 
ATOM   880  O  O   . ARG A 1 126 ? 16.078  23.110  1.204   1.00 23.62 ? 265 ARG A O   1 
ATOM   881  C  CB  . ARG A 1 126 ? 15.669  20.529  -1.009  1.00 22.74 ? 265 ARG A CB  1 
ATOM   882  C  CG  . ARG A 1 126 ? 16.731  21.306  -1.758  1.00 27.59 ? 265 ARG A CG  1 
ATOM   883  C  CD  . ARG A 1 126 ? 18.162  20.970  -1.319  1.00 28.35 ? 265 ARG A CD  1 
ATOM   884  N  NE  . ARG A 1 126 ? 19.136  21.553  -2.245  1.00 30.62 ? 265 ARG A NE  1 
ATOM   885  C  CZ  . ARG A 1 126 ? 20.458  21.554  -2.073  1.00 31.32 ? 265 ARG A CZ  1 
ATOM   886  N  NH1 . ARG A 1 126 ? 21.018  20.994  -0.998  1.00 28.78 ? 265 ARG A NH1 1 
ATOM   887  N  NH2 . ARG A 1 126 ? 21.224  22.128  -2.984  1.00 30.16 ? 265 ARG A NH2 1 
ATOM   888  N  N   . LEU A 1 127 ? 13.981  22.742  0.449   1.00 22.80 ? 266 LEU A N   1 
ATOM   889  C  CA  . LEU A 1 127 ? 13.551  24.112  0.704   1.00 22.82 ? 266 LEU A CA  1 
ATOM   890  C  C   . LEU A 1 127 ? 13.743  24.451  2.178   1.00 26.43 ? 266 LEU A C   1 
ATOM   891  O  O   . LEU A 1 127 ? 14.082  25.590  2.529   1.00 27.52 ? 266 LEU A O   1 
ATOM   892  C  CB  . LEU A 1 127 ? 12.084  24.311  0.339   1.00 20.59 ? 266 LEU A CB  1 
ATOM   893  C  CG  . LEU A 1 127 ? 11.849  24.397  -1.171  1.00 21.45 ? 266 LEU A CG  1 
ATOM   894  C  CD1 . LEU A 1 127 ? 10.409  24.713  -1.488  1.00 15.96 ? 266 LEU A CD1 1 
ATOM   895  C  CD2 . LEU A 1 127 ? 12.794  25.437  -1.751  1.00 18.55 ? 266 LEU A CD2 1 
ATOM   896  N  N   . GLN A 1 128 ? 13.567  23.462  3.046   1.00 27.82 ? 267 GLN A N   1 
ATOM   897  C  CA  . GLN A 1 128 ? 13.729  23.733  4.463   1.00 32.66 ? 267 GLN A CA  1 
ATOM   898  C  C   . GLN A 1 128 ? 15.167  24.003  4.837   1.00 33.55 ? 267 GLN A C   1 
ATOM   899  O  O   . GLN A 1 128 ? 15.459  25.022  5.464   1.00 33.72 ? 267 GLN A O   1 
ATOM   900  C  CB  . GLN A 1 128 ? 13.185  22.594  5.329   1.00 35.16 ? 267 GLN A CB  1 
ATOM   901  C  CG  . GLN A 1 128 ? 12.614  23.103  6.639   1.00 38.18 ? 267 GLN A CG  1 
ATOM   902  C  CD  . GLN A 1 128 ? 12.363  22.022  7.657   1.00 41.60 ? 267 GLN A CD  1 
ATOM   903  O  OE1 . GLN A 1 128 ? 12.098  20.862  7.318   1.00 41.22 ? 267 GLN A OE1 1 
ATOM   904  N  NE2 . GLN A 1 128 ? 12.445  22.396  8.930   1.00 43.78 ? 267 GLN A NE2 1 
ATOM   905  N  N   . GLU A 1 129 ? 16.070  23.115  4.408   1.00 35.28 ? 268 GLU A N   1 
ATOM   906  C  CA  . GLU A 1 129 ? 17.481  23.235  4.731   1.00 37.96 ? 268 GLU A CA  1 
ATOM   907  C  C   . GLU A 1 129 ? 18.187  24.499  4.208   1.00 39.33 ? 268 GLU A C   1 
ATOM   908  O  O   . GLU A 1 129 ? 19.192  24.938  4.786   1.00 38.58 ? 268 GLU A O   1 
ATOM   909  C  CB  . GLU A 1 129 ? 18.232  21.970  4.334   1.00 39.84 ? 268 GLU A CB  1 
ATOM   910  C  CG  . GLU A 1 129 ? 18.910  22.011  2.982   1.00 43.53 ? 268 GLU A CG  1 
ATOM   911  C  CD  . GLU A 1 129 ? 19.837  20.837  2.789   1.00 44.70 ? 268 GLU A CD  1 
ATOM   912  O  OE1 . GLU A 1 129 ? 20.950  20.871  3.355   1.00 47.97 ? 268 GLU A OE1 1 
ATOM   913  O  OE2 . GLU A 1 129 ? 19.457  19.877  2.081   1.00 46.99 ? 268 GLU A OE2 1 
ATOM   914  N  N   . LEU A 1 130 ? 17.654  25.088  3.136   1.00 39.58 ? 269 LEU A N   1 
ATOM   915  C  CA  . LEU A 1 130 ? 18.204  26.320  2.572   1.00 39.73 ? 269 LEU A CA  1 
ATOM   916  C  C   . LEU A 1 130 ? 17.487  27.495  3.254   1.00 40.73 ? 269 LEU A C   1 
ATOM   917  O  O   . LEU A 1 130 ? 17.307  28.562  2.660   1.00 42.09 ? 269 LEU A O   1 
ATOM   918  C  CB  . LEU A 1 130 ? 17.964  26.383  1.054   1.00 37.51 ? 269 LEU A CB  1 
ATOM   919  C  CG  . LEU A 1 130 ? 18.426  25.269  0.102   1.00 36.45 ? 269 LEU A CG  1 
ATOM   920  C  CD1 . LEU A 1 130 ? 18.039  25.651  -1.308  1.00 37.04 ? 269 LEU A CD1 1 
ATOM   921  C  CD2 . LEU A 1 130 ? 19.912  25.029  0.172   1.00 33.74 ? 269 LEU A CD2 1 
ATOM   922  N  N   . GLN A 1 131 ? 17.069  27.278  4.501   1.00 42.54 ? 270 GLN A N   1 
ATOM   923  C  CA  . GLN A 1 131 ? 16.349  28.266  5.319   1.00 44.69 ? 270 GLN A CA  1 
ATOM   924  C  C   . GLN A 1 131 ? 14.925  28.497  4.805   1.00 45.55 ? 270 GLN A C   1 
ATOM   925  O  O   . GLN A 1 131 ? 13.968  27.881  5.280   1.00 46.38 ? 270 GLN A O   1 
ATOM   926  C  CB  . GLN A 1 131 ? 17.096  29.611  5.389   1.00 45.99 ? 270 GLN A CB  1 
ATOM   927  C  CG  . GLN A 1 131 ? 16.484  30.583  6.409   1.00 48.95 ? 270 GLN A CG  1 
ATOM   928  C  CD  . GLN A 1 131 ? 16.775  32.044  6.115   1.00 48.92 ? 270 GLN A CD  1 
ATOM   929  O  OE1 . GLN A 1 131 ? 17.018  32.427  4.967   1.00 50.55 ? 270 GLN A OE1 1 
ATOM   930  N  NE2 . GLN A 1 131 ? 16.727  32.873  7.149   1.00 47.99 ? 270 GLN A NE2 1 
HETATM 931  N  N   . NO  B 2 .   ? -3.845  0.705   4.211   1.00 17.70 ? 500 NO  A N   1 
HETATM 932  O  O   . NO  B 2 .   ? -4.544  1.576   4.425   1.00 21.40 ? 500 NO  A O   1 
HETATM 933  C  CHA . HEM C 3 .   ? -5.262  -0.507  7.109   1.00 11.79 ? 719 HEM A CHA 1 
HETATM 934  C  CHB . HEM C 3 .   ? -0.692  0.734   6.565   1.00 6.99  ? 719 HEM A CHB 1 
HETATM 935  C  CHC . HEM C 3 .   ? -0.877  -0.653  1.937   1.00 2.66  ? 719 HEM A CHC 1 
HETATM 936  C  CHD . HEM C 3 .   ? -5.260  -2.478  2.677   1.00 8.52  ? 719 HEM A CHD 1 
HETATM 937  C  C1A . HEM C 3 .   ? -4.021  -0.026  7.397   1.00 10.90 ? 719 HEM A C1A 1 
HETATM 938  C  C2A . HEM C 3 .   ? -3.631  0.647   8.607   1.00 14.44 ? 719 HEM A C2A 1 
HETATM 939  C  C3A . HEM C 3 .   ? -2.358  1.076   8.435   1.00 12.69 ? 719 HEM A C3A 1 
HETATM 940  C  C4A . HEM C 3 .   ? -1.916  0.579   7.139   1.00 7.47  ? 719 HEM A C4A 1 
HETATM 941  C  CMA . HEM C 3 .   ? -1.497  1.945   9.383   1.00 12.99 ? 719 HEM A CMA 1 
HETATM 942  C  CAA . HEM C 3 .   ? -4.656  1.004   9.675   1.00 18.58 ? 719 HEM A CAA 1 
HETATM 943  C  CBA . HEM C 3 .   ? -4.067  1.541   10.963  1.00 24.14 ? 719 HEM A CBA 1 
HETATM 944  C  CGA . HEM C 3 .   ? -5.097  2.370   11.674  1.00 26.44 ? 719 HEM A CGA 1 
HETATM 945  O  O1A . HEM C 3 .   ? -5.331  3.490   11.237  1.00 26.63 ? 719 HEM A O1A 1 
HETATM 946  O  O2A . HEM C 3 .   ? -5.798  1.737   12.529  1.00 28.41 ? 719 HEM A O2A 1 
HETATM 947  C  C1B . HEM C 3 .   ? -0.348  0.491   5.278   1.00 3.90  ? 719 HEM A C1B 1 
HETATM 948  C  C2B . HEM C 3 .   ? 0.964   0.705   4.740   1.00 6.35  ? 719 HEM A C2B 1 
HETATM 949  C  C3B . HEM C 3 .   ? 0.953   0.333   3.427   1.00 4.29  ? 719 HEM A C3B 1 
HETATM 950  C  C4B . HEM C 3 .   ? -0.361  -0.232  3.158   1.00 3.76  ? 719 HEM A C4B 1 
HETATM 951  C  CMB . HEM C 3 .   ? 2.118   1.284   5.497   1.00 7.30  ? 719 HEM A CMB 1 
HETATM 952  C  CAB . HEM C 3 .   ? 2.147   0.434   2.478   1.00 6.51  ? 719 HEM A CAB 1 
HETATM 953  C  CBB . HEM C 3 .   ? 2.094   -0.431  1.223   1.00 8.82  ? 719 HEM A CBB 1 
HETATM 954  C  C1C . HEM C 3 .   ? -2.115  -1.268  1.763   1.00 3.00  ? 719 HEM A C1C 1 
HETATM 955  C  C2C . HEM C 3 .   ? -2.588  -1.781  0.478   1.00 4.87  ? 719 HEM A C2C 1 
HETATM 956  C  C3C . HEM C 3 .   ? -3.821  -2.275  0.672   1.00 2.60  ? 719 HEM A C3C 1 
HETATM 957  C  C4C . HEM C 3 .   ? -4.118  -2.066  2.054   1.00 6.35  ? 719 HEM A C4C 1 
HETATM 958  C  CMC . HEM C 3 .   ? -1.758  -1.665  -0.799  1.00 2.00  ? 719 HEM A CMC 1 
HETATM 959  C  CAC . HEM C 3 .   ? -4.900  -2.723  -0.319  1.00 4.86  ? 719 HEM A CAC 1 
HETATM 960  C  CBC . HEM C 3 .   ? -4.403  -3.112  -1.717  1.00 2.71  ? 719 HEM A CBC 1 
HETATM 961  C  C1D . HEM C 3 .   ? -5.613  -2.175  3.984   1.00 11.96 ? 719 HEM A C1D 1 
HETATM 962  C  C2D . HEM C 3 .   ? -6.871  -2.419  4.574   1.00 10.97 ? 719 HEM A C2D 1 
HETATM 963  C  C3D . HEM C 3 .   ? -6.811  -1.908  5.823   1.00 12.12 ? 719 HEM A C3D 1 
HETATM 964  C  C4D . HEM C 3 .   ? -5.582  -1.300  6.001   1.00 11.45 ? 719 HEM A C4D 1 
HETATM 965  C  CMD . HEM C 3 .   ? -8.008  -3.168  3.911   1.00 8.27  ? 719 HEM A CMD 1 
HETATM 966  C  CAD . HEM C 3 .   ? -7.903  -1.697  6.792   1.00 16.40 ? 719 HEM A CAD 1 
HETATM 967  C  CBD . HEM C 3 .   ? -8.901  -0.691  6.246   1.00 16.39 ? 719 HEM A CBD 1 
HETATM 968  C  CGD . HEM C 3 .   ? -9.164  0.450   7.140   1.00 18.03 ? 719 HEM A CGD 1 
HETATM 969  O  O1D . HEM C 3 .   ? -9.719  1.444   6.637   1.00 20.67 ? 719 HEM A O1D 1 
HETATM 970  O  O2D . HEM C 3 .   ? -8.637  0.379   8.317   1.00 17.57 ? 719 HEM A O2D 1 
HETATM 971  N  NA  . HEM C 3 .   ? -2.970  -0.043  6.519   1.00 8.74  ? 719 HEM A NA  1 
HETATM 972  N  NB  . HEM C 3 .   ? -1.147  -0.121  4.309   1.00 2.66  ? 719 HEM A NB  1 
HETATM 973  N  NC  . HEM C 3 .   ? -3.067  -1.464  2.719   1.00 4.83  ? 719 HEM A NC  1 
HETATM 974  N  ND  . HEM C 3 .   ? -4.806  -1.450  4.889   1.00 7.31  ? 719 HEM A ND  1 
HETATM 975  FE FE  . HEM C 3 .   ? -3.012  -0.792  4.632   1.00 11.57 ? 719 HEM A FE  1 
HETATM 976  O  O   . HOH D 4 .   ? 11.142  -3.065  8.756   1.00 23.29 ? 720 HOH A O   1 
HETATM 977  O  O   . HOH D 4 .   ? 3.644   -13.009 2.198   1.00 26.13 ? 721 HOH A O   1 
HETATM 978  O  O   . HOH D 4 .   ? 2.361   7.666   -8.685  1.00 49.13 ? 722 HOH A O   1 
HETATM 979  O  O   . HOH D 4 .   ? -2.073  11.491  6.361   1.00 18.12 ? 723 HOH A O   1 
HETATM 980  O  O   . HOH D 4 .   ? -0.294  -0.116  -15.078 1.00 23.85 ? 724 HOH A O   1 
HETATM 981  O  O   . HOH D 4 .   ? 8.929   7.285   4.355   1.00 57.93 ? 725 HOH A O   1 
HETATM 982  O  O   . HOH D 4 .   ? -1.325  -8.581  -11.722 1.00 21.99 ? 726 HOH A O   1 
HETATM 983  O  O   . HOH D 4 .   ? -2.675  -3.177  16.495  1.00 50.21 ? 727 HOH A O   1 
HETATM 984  O  O   . HOH D 4 .   ? 0.842   -5.850  -14.339 1.00 24.47 ? 728 HOH A O   1 
HETATM 985  O  O   . HOH D 4 .   ? -1.378  -8.828  12.044  1.00 16.72 ? 729 HOH A O   1 
HETATM 986  O  O   . HOH D 4 .   ? 4.597   2.000   7.174   1.00 15.51 ? 730 HOH A O   1 
HETATM 987  O  O   . HOH D 4 .   ? -1.717  -7.711  5.468   1.00 11.46 ? 731 HOH A O   1 
HETATM 988  O  O   . HOH D 4 .   ? -8.697  -1.753  10.721  1.00 31.09 ? 732 HOH A O   1 
HETATM 989  O  O   . HOH D 4 .   ? 7.746   -10.273 5.111   1.00 52.25 ? 733 HOH A O   1 
HETATM 990  O  O   . HOH D 4 .   ? 9.093   -4.559  -0.763  1.00 25.31 ? 734 HOH A O   1 
HETATM 991  O  O   . HOH D 4 .   ? 10.981  18.761  6.075   1.00 43.02 ? 735 HOH A O   1 
HETATM 992  O  O   . HOH D 4 .   ? 1.706   4.116   8.512   1.00 14.54 ? 736 HOH A O   1 
HETATM 993  O  O   . HOH D 4 .   ? -11.789 0.123   14.730  1.00 44.28 ? 737 HOH A O   1 
HETATM 994  O  O   . HOH D 4 .   ? -10.707 -0.587  12.460  1.00 32.72 ? 738 HOH A O   1 
HETATM 995  O  O   . HOH D 4 .   ? -5.787  -16.019 6.073   1.00 49.04 ? 739 HOH A O   1 
HETATM 996  O  O   . HOH D 4 .   ? -2.809  -13.322 5.665   1.00 27.52 ? 740 HOH A O   1 
HETATM 997  O  O   . HOH D 4 .   ? 5.729   0.806   9.892   1.00 59.85 ? 741 HOH A O   1 
HETATM 998  O  O   . HOH D 4 .   ? -5.044  8.185   -6.262  1.00 55.37 ? 742 HOH A O   1 
HETATM 999  O  O   . HOH D 4 .   ? -3.731  7.785   -3.293  1.00 13.75 ? 743 HOH A O   1 
HETATM 1000 O  O   . HOH D 4 .   ? 0.863   -8.683  8.735   1.00 25.76 ? 744 HOH A O   1 
HETATM 1001 O  O   . HOH D 4 .   ? 15.258  -4.295  -7.104  1.00 34.18 ? 745 HOH A O   1 
HETATM 1002 O  O   . HOH D 4 .   ? -5.271  -3.825  16.140  1.00 59.86 ? 746 HOH A O   1 
HETATM 1003 O  O   . HOH D 4 .   ? 13.756  -1.793  -5.249  1.00 45.59 ? 747 HOH A O   1 
HETATM 1004 O  O   . HOH D 4 .   ? -6.083  8.783   8.193   1.00 37.38 ? 748 HOH A O   1 
HETATM 1005 O  O   . HOH D 4 .   ? -0.259  5.472   10.287  1.00 19.36 ? 749 HOH A O   1 
HETATM 1006 O  O   . HOH D 4 .   ? 4.192   5.417   8.157   1.00 39.11 ? 750 HOH A O   1 
HETATM 1007 O  O   . HOH D 4 .   ? -15.032 1.939   -1.105  1.00 42.31 ? 751 HOH A O   1 
HETATM 1008 O  O   . HOH D 4 .   ? -1.237  1.366   -12.651 1.00 49.63 ? 752 HOH A O   1 
HETATM 1009 O  O   . HOH D 4 .   ? -21.257 -11.916 -1.951  1.00 66.07 ? 753 HOH A O   1 
HETATM 1010 O  O   . HOH D 4 .   ? 4.311   -5.546  -16.289 1.00 45.01 ? 754 HOH A O   1 
HETATM 1011 O  O   . HOH D 4 .   ? -8.563  -12.568 -9.205  1.00 28.18 ? 755 HOH A O   1 
HETATM 1012 O  O   . HOH D 4 .   ? 8.187   -0.570  -15.854 1.00 58.74 ? 756 HOH A O   1 
HETATM 1013 O  O   . HOH D 4 .   ? 4.543   -15.386 -4.493  1.00 29.17 ? 757 HOH A O   1 
HETATM 1014 O  O   . HOH D 4 .   ? -1.091  -2.884  -15.329 1.00 47.06 ? 758 HOH A O   1 
HETATM 1015 O  O   . HOH D 4 .   ? -17.852 0.715   12.995  1.00 39.30 ? 759 HOH A O   1 
HETATM 1016 O  O   . HOH D 4 .   ? 7.008   12.236  -5.226  1.00 50.26 ? 760 HOH A O   1 
HETATM 1017 O  O   . HOH D 4 .   ? -8.004  0.972   15.569  1.00 62.43 ? 761 HOH A O   1 
HETATM 1018 O  O   . HOH D 4 .   ? 5.167   4.138   -10.528 1.00 48.94 ? 762 HOH A O   1 
HETATM 1019 O  O   . HOH D 4 .   ? -1.074  -0.522  14.792  1.00 45.05 ? 763 HOH A O   1 
HETATM 1020 O  O   . HOH D 4 .   ? 16.122  2.277   -3.580  1.00 42.34 ? 764 HOH A O   1 
HETATM 1021 O  O   . HOH D 4 .   ? -17.087 -9.685  14.106  1.00 48.38 ? 765 HOH A O   1 
HETATM 1022 O  O   . HOH D 4 .   ? 2.847   3.040   -9.665  1.00 44.86 ? 766 HOH A O   1 
HETATM 1023 O  O   . HOH D 4 .   ? -2.685  -14.057 9.638   1.00 47.25 ? 767 HOH A O   1 
HETATM 1024 O  O   . HOH D 4 .   ? -4.806  -4.818  -9.801  1.00 52.98 ? 768 HOH A O   1 
HETATM 1025 O  O   . HOH D 4 .   ? 4.715   -11.902 4.287   1.00 39.22 ? 769 HOH A O   1 
HETATM 1026 O  O   . HOH D 4 .   ? -15.528 -8.635  5.176   1.00 45.24 ? 770 HOH A O   1 
HETATM 1027 O  O   . HOH D 4 .   ? 10.390  -0.698  9.727   1.00 44.96 ? 771 HOH A O   1 
HETATM 1028 O  O   . HOH D 4 .   ? -12.372 4.859   -0.006  1.00 42.54 ? 772 HOH A O   1 
HETATM 1029 O  O   . HOH D 4 .   ? -18.449 -4.570  4.740   1.00 59.53 ? 773 HOH A O   1 
HETATM 1030 O  O   . HOH D 4 .   ? 3.172   2.447   -15.706 1.00 47.36 ? 774 HOH A O   1 
HETATM 1031 O  O   . HOH D 4 .   ? -13.909 -14.288 -6.166  1.00 42.10 ? 775 HOH A O   1 
HETATM 1032 O  O   . HOH D 4 .   ? 5.749   -10.286 -14.076 1.00 38.13 ? 776 HOH A O   1 
HETATM 1033 O  O   . HOH D 4 .   ? 6.920   20.202  -0.162  1.00 47.07 ? 777 HOH A O   1 
HETATM 1034 O  O   . HOH D 4 .   ? -20.434 -10.386 1.307   1.00 47.62 ? 778 HOH A O   1 
HETATM 1035 O  O   . HOH D 4 .   ? 14.699  4.566   3.317   1.00 46.43 ? 779 HOH A O   1 
HETATM 1036 O  O   . HOH D 4 .   ? 8.287   11.010  -7.974  1.00 55.68 ? 780 HOH A O   1 
HETATM 1037 O  O   . HOH D 4 .   ? 8.326   17.504  -9.981  1.00 53.38 ? 781 HOH A O   1 
HETATM 1038 O  O   . HOH D 4 .   ? 12.655  -13.730 -8.943  1.00 45.96 ? 782 HOH A O   1 
HETATM 1039 O  O   . HOH D 4 .   ? -1.422  -11.794 12.303  1.00 46.84 ? 783 HOH A O   1 
HETATM 1040 O  O   . HOH D 4 .   ? -17.290 3.335   11.906  1.00 52.87 ? 784 HOH A O   1 
HETATM 1041 O  O   . HOH D 4 .   ? -14.711 -0.155  15.350  1.00 58.42 ? 785 HOH A O   1 
HETATM 1042 O  O   . HOH D 4 .   ? -8.621  5.536   1.422   1.00 46.15 ? 786 HOH A O   1 
HETATM 1043 O  O   . HOH D 4 .   ? 14.378  -1.223  5.943   1.00 50.08 ? 787 HOH A O   1 
HETATM 1044 O  O   . HOH D 4 .   ? 4.411   19.359  -1.123  1.00 50.18 ? 788 HOH A O   1 
HETATM 1045 O  O   . HOH D 4 .   ? 7.621   19.477  -5.806  1.00 49.73 ? 789 HOH A O   1 
HETATM 1046 O  O   . HOH D 4 .   ? -16.191 -15.199 0.700   1.00 54.65 ? 790 HOH A O   1 
HETATM 1047 O  O   . HOH D 4 .   ? -0.902  -14.328 4.447   1.00 43.58 ? 791 HOH A O   1 
HETATM 1048 O  O   . HOH D 4 .   ? 3.247   1.285   -19.498 1.00 52.57 ? 792 HOH A O   1 
HETATM 1049 O  O   . HOH D 4 .   ? 9.167   16.991  3.733   1.00 45.77 ? 793 HOH A O   1 
HETATM 1050 O  O   . HOH D 4 .   ? 5.585   -4.652  15.019  1.00 48.78 ? 794 HOH A O   1 
HETATM 1051 O  O   . HOH D 4 .   ? -20.845 -8.542  -3.415  1.00 51.16 ? 795 HOH A O   1 
HETATM 1052 O  O   . HOH D 4 .   ? -14.972 -16.463 -4.840  1.00 41.88 ? 796 HOH A O   1 
HETATM 1053 O  O   . HOH D 4 .   ? 13.846  -6.071  7.104   1.00 42.61 ? 797 HOH A O   1 
HETATM 1054 O  O   . HOH D 4 .   ? 6.326   7.495   -8.479  1.00 52.00 ? 798 HOH A O   1 
HETATM 1055 O  O   . HOH D 4 .   ? 21.905  27.121  5.405   1.00 49.40 ? 799 HOH A O   1 
HETATM 1056 O  O   . HOH D 4 .   ? 1.950   -15.475 1.155   1.00 45.97 ? 800 HOH A O   1 
# 
